data_9CC2
#
_entry.id   9CC2
#
_cell.length_a   1.00
_cell.length_b   1.00
_cell.length_c   1.00
_cell.angle_alpha   90.00
_cell.angle_beta   90.00
_cell.angle_gamma   90.00
#
_symmetry.space_group_name_H-M   'P 1'
#
loop_
_entity.id
_entity.type
_entity.pdbx_description
1 polymer Mucolipin-1
2 branched 2-acetamido-2-deoxy-beta-D-glucopyranose-(1-4)-2-acetamido-2-deoxy-beta-D-glucopyranose
3 non-polymer '[(2R)-2-octanoyloxy-3-[oxidanyl-[(1R,2R,3S,4R,5R,6S)-2,3,6-tris(oxidanyl)-4,5-diphosphonooxy-cyclohexyl]oxy-phosphoryl]oxy-propyl] octanoate'
4 non-polymer sphingomyelin
#
_entity_poly.entity_id   1
_entity_poly.type   'polypeptide(L)'
_entity_poly.pdbx_seq_one_letter_code
;MATPAGRRASETERLLTPNPGYGTQVGTSPAPTTPTEEEDLRRRLKYFFMSPCDKFRAKGRKPCKLMLQVVKILVVTVQL
ILFGLSNQLVVTFREENTIAFRHLFLLGYSDGSDDTFAAYTQEQLYQAIFYAVDQYLILPEISLGRYAYVRGGGGPWANG
SALALCQRYYHRGHVDPANDTFDIDPRVVTDCIQVDPPDRPPDIPSEDLDFLDGSASYKNLTLKFHKLINVTIHFQLKTI
NLQSLINNEIPDCYTFSILITFDNKAHSGRIPIRLETKTHIQECKHPSVSRHGDNSFRLLFDVVVILTCSLSFLLCARSL
LRGFLLQNEFVVFMWRRRGREISLWERLEFVNGWYILLVTSDVLTISGTVMKIGIEAKNLASYDVCSILLGTSTLLVWVG
VIRYLTFFHKYNILIATLRVALPSVMRFCCCVAVIYLGYCFCGWIVLGPYHVKFRSLSMVSECLFSLINGDDMFVTFAAM
QAQQGHSSLVWLFSQLYLYSFISLFIYMVLSLFIALITGAYDTIKHPGGTGTEKSELQAYIEQCQDSPTSGKFRRGSGSA
CSLFCCCGRDSPEDHSLLVN
;
_entity_poly.pdbx_strand_id   A,B,C,D
#
loop_
_chem_comp.id
_chem_comp.type
_chem_comp.name
_chem_comp.formula
FO4 non-polymer sphingomyelin 'C47 H94 N2 O6 P'
NAG D-saccharide, beta linking 2-acetamido-2-deoxy-beta-D-glucopyranose 'C8 H15 N O6'
PIO non-polymer '[(2R)-2-octanoyloxy-3-[oxidanyl-[(1R,2R,3S,4R,5R,6S)-2,3,6-tris(oxidanyl)-4,5-diphosphonooxy-cyclohexyl]oxy-phosphoryl]oxy-propyl] octanoate' 'C25 H49 O19 P3'
#
# COMPACT_ATOMS: atom_id res chain seq x y z
N GLU A 39 34.54 -24.12 51.23
CA GLU A 39 33.55 -23.77 52.23
C GLU A 39 32.15 -24.23 51.82
N ASP A 40 31.27 -24.41 52.81
CA ASP A 40 29.91 -24.83 52.52
C ASP A 40 29.18 -23.77 51.69
N LEU A 41 29.34 -22.50 52.04
CA LEU A 41 28.69 -21.43 51.29
C LEU A 41 29.15 -21.40 49.84
N ARG A 42 30.45 -21.58 49.61
CA ARG A 42 30.97 -21.57 48.25
C ARG A 42 30.39 -22.71 47.44
N ARG A 43 30.32 -23.91 48.02
CA ARG A 43 29.76 -25.05 47.30
C ARG A 43 28.28 -24.86 47.00
N ARG A 44 27.51 -24.36 47.98
CA ARG A 44 26.09 -24.14 47.76
C ARG A 44 25.86 -23.07 46.70
N LEU A 45 26.65 -21.99 46.71
CA LEU A 45 26.55 -20.99 45.66
C LEU A 45 26.95 -21.56 44.31
N LYS A 46 27.92 -22.48 44.29
CA LYS A 46 28.29 -23.12 43.04
C LYS A 46 27.16 -23.99 42.51
N TYR A 47 26.41 -24.64 43.39
CA TYR A 47 25.22 -25.36 42.94
C TYR A 47 24.23 -24.42 42.28
N PHE A 48 24.04 -23.23 42.85
CA PHE A 48 23.31 -22.19 42.16
C PHE A 48 24.08 -21.76 40.91
N PHE A 49 23.34 -21.30 39.90
CA PHE A 49 23.83 -20.80 38.62
C PHE A 49 24.34 -21.90 37.68
N MET A 50 24.38 -23.16 38.09
CA MET A 50 24.78 -24.19 37.15
C MET A 50 23.65 -24.48 36.17
N SER A 51 24.04 -24.90 34.96
CA SER A 51 23.07 -25.28 33.95
C SER A 51 22.36 -26.57 34.36
N PRO A 52 21.16 -26.82 33.83
CA PRO A 52 20.45 -28.06 34.17
C PRO A 52 21.26 -29.32 33.86
N CYS A 53 22.01 -29.32 32.75
CA CYS A 53 22.87 -30.46 32.44
C CYS A 53 23.94 -30.66 33.51
N ASP A 54 24.54 -29.56 33.97
CA ASP A 54 25.54 -29.67 35.03
C ASP A 54 24.92 -30.17 36.33
N LYS A 55 23.71 -29.71 36.65
CA LYS A 55 23.02 -30.21 37.85
C LYS A 55 22.73 -31.70 37.73
N PHE A 56 22.33 -32.15 36.53
CA PHE A 56 22.09 -33.57 36.32
C PHE A 56 23.38 -34.37 36.48
N ARG A 57 24.49 -33.84 35.98
CA ARG A 57 25.78 -34.51 36.16
C ARG A 57 26.16 -34.57 37.63
N ALA A 58 25.92 -33.49 38.36
CA ALA A 58 26.38 -33.41 39.75
C ALA A 58 25.55 -34.31 40.67
N LYS A 59 24.22 -34.26 40.54
CA LYS A 59 23.36 -34.95 41.49
C LYS A 59 22.44 -35.99 40.87
N GLY A 60 22.39 -36.10 39.55
CA GLY A 60 21.54 -37.11 38.93
C GLY A 60 20.07 -36.91 39.19
N ARG A 61 19.61 -35.67 39.26
CA ARG A 61 18.20 -35.35 39.47
C ARG A 61 17.57 -35.00 38.14
N LYS A 62 16.49 -35.70 37.80
CA LYS A 62 15.83 -35.48 36.51
C LYS A 62 15.22 -34.07 36.49
N PRO A 63 15.49 -33.28 35.44
CA PRO A 63 14.95 -31.92 35.40
C PRO A 63 13.44 -31.91 35.15
N CYS A 64 12.67 -32.25 36.18
CA CYS A 64 11.22 -32.33 36.04
C CYS A 64 10.55 -30.96 35.99
N LYS A 65 11.20 -29.92 36.51
CA LYS A 65 10.63 -28.57 36.39
C LYS A 65 10.60 -28.12 34.94
N LEU A 66 11.63 -28.47 34.17
CA LEU A 66 11.65 -28.14 32.74
C LEU A 66 10.53 -28.84 32.00
N MET A 67 10.31 -30.13 32.32
CA MET A 67 9.22 -30.87 31.70
C MET A 67 7.87 -30.28 32.09
N LEU A 68 7.73 -29.87 33.35
CA LEU A 68 6.50 -29.23 33.79
C LEU A 68 6.25 -27.94 33.02
N GLN A 69 7.28 -27.15 32.78
CA GLN A 69 7.11 -25.91 32.03
C GLN A 69 6.75 -26.19 30.57
N VAL A 70 7.33 -27.23 29.98
CA VAL A 70 6.97 -27.61 28.61
C VAL A 70 5.51 -28.03 28.55
N VAL A 71 5.07 -28.82 29.52
CA VAL A 71 3.67 -29.24 29.58
C VAL A 71 2.77 -28.03 29.75
N LYS A 72 3.20 -27.05 30.56
CA LYS A 72 2.43 -25.84 30.75
C LYS A 72 2.28 -25.07 29.44
N ILE A 73 3.38 -24.94 28.70
CA ILE A 73 3.32 -24.27 27.40
C ILE A 73 2.30 -24.96 26.50
N LEU A 74 2.37 -26.29 26.43
CA LEU A 74 1.47 -27.03 25.56
C LEU A 74 0.02 -26.82 25.96
N VAL A 75 -0.28 -26.93 27.26
CA VAL A 75 -1.67 -26.87 27.68
C VAL A 75 -2.24 -25.47 27.51
N VAL A 76 -1.45 -24.43 27.80
CA VAL A 76 -1.96 -23.08 27.65
C VAL A 76 -2.18 -22.76 26.18
N THR A 77 -1.29 -23.25 25.30
CA THR A 77 -1.50 -23.03 23.88
C THR A 77 -2.76 -23.72 23.38
N VAL A 78 -3.00 -24.95 23.83
CA VAL A 78 -4.19 -25.69 23.40
C VAL A 78 -5.46 -24.97 23.90
N GLN A 79 -5.46 -24.55 25.16
CA GLN A 79 -6.61 -23.84 25.71
C GLN A 79 -6.89 -22.55 24.94
N LEU A 80 -5.83 -21.80 24.63
CA LEU A 80 -6.02 -20.56 23.87
C LEU A 80 -6.58 -20.85 22.49
N ILE A 81 -6.12 -21.92 21.83
CA ILE A 81 -6.61 -22.25 20.50
C ILE A 81 -8.09 -22.59 20.53
N LEU A 82 -8.49 -23.42 21.51
CA LEU A 82 -9.91 -23.78 21.60
C LEU A 82 -10.78 -22.57 21.90
N PHE A 83 -10.33 -21.72 22.83
CA PHE A 83 -11.07 -20.50 23.14
C PHE A 83 -11.19 -19.61 21.92
N GLY A 84 -10.12 -19.48 21.14
CA GLY A 84 -10.17 -18.66 19.95
C GLY A 84 -11.13 -19.19 18.90
N LEU A 85 -11.18 -20.51 18.73
CA LEU A 85 -12.11 -21.09 17.76
C LEU A 85 -13.56 -20.82 18.16
N SER A 86 -13.88 -21.04 19.44
CA SER A 86 -15.25 -20.79 19.89
C SER A 86 -15.62 -19.31 19.74
N ASN A 87 -14.70 -18.42 20.12
CA ASN A 87 -14.95 -16.99 19.99
C ASN A 87 -15.12 -16.60 18.53
N GLN A 88 -14.35 -17.23 17.62
CA GLN A 88 -14.51 -16.96 16.20
C GLN A 88 -15.91 -17.30 15.74
N LEU A 89 -16.42 -18.46 16.14
CA LEU A 89 -17.78 -18.84 15.76
C LEU A 89 -18.79 -17.82 16.26
N VAL A 90 -18.69 -17.43 17.54
CA VAL A 90 -19.66 -16.50 18.11
C VAL A 90 -19.60 -15.15 17.40
N VAL A 91 -18.38 -14.65 17.14
CA VAL A 91 -18.22 -13.36 16.50
C VAL A 91 -18.78 -13.39 15.09
N THR A 92 -18.53 -14.46 14.35
CA THR A 92 -19.06 -14.57 13.00
C THR A 92 -20.58 -14.54 13.00
N PHE A 93 -21.21 -15.28 13.92
CA PHE A 93 -22.67 -15.27 13.99
C PHE A 93 -23.20 -13.87 14.28
N ARG A 94 -22.60 -13.20 15.28
CA ARG A 94 -23.06 -11.86 15.62
C ARG A 94 -22.91 -10.89 14.46
N GLU A 95 -21.77 -10.93 13.78
CA GLU A 95 -21.53 -10.00 12.67
C GLU A 95 -22.50 -10.25 11.53
N GLU A 96 -22.75 -11.51 11.18
CA GLU A 96 -23.68 -11.80 10.10
C GLU A 96 -25.09 -11.34 10.45
N ASN A 97 -25.53 -11.56 11.69
CA ASN A 97 -26.85 -11.10 12.09
C ASN A 97 -26.93 -9.57 12.05
N THR A 98 -25.86 -8.89 12.45
CA THR A 98 -25.88 -7.43 12.42
C THR A 98 -25.97 -6.91 10.99
N ILE A 99 -25.25 -7.55 10.06
CA ILE A 99 -25.34 -7.16 8.65
C ILE A 99 -26.76 -7.37 8.13
N ALA A 100 -27.37 -8.49 8.49
CA ALA A 100 -28.76 -8.74 8.08
C ALA A 100 -29.69 -7.67 8.63
N PHE A 101 -29.50 -7.28 9.89
CA PHE A 101 -30.33 -6.24 10.48
C PHE A 101 -30.14 -4.91 9.75
N ARG A 102 -28.89 -4.58 9.40
CA ARG A 102 -28.63 -3.34 8.67
C ARG A 102 -29.34 -3.33 7.33
N HIS A 103 -29.31 -4.46 6.62
CA HIS A 103 -30.02 -4.52 5.34
C HIS A 103 -31.54 -4.49 5.54
N LEU A 104 -32.03 -5.01 6.66
CA LEU A 104 -33.47 -5.08 6.86
C LEU A 104 -34.07 -3.74 7.28
N PHE A 105 -33.37 -2.97 8.11
CA PHE A 105 -33.98 -1.83 8.77
C PHE A 105 -33.49 -0.47 8.29
N LEU A 106 -32.38 -0.40 7.55
CA LEU A 106 -31.84 0.86 7.08
C LEU A 106 -32.28 1.08 5.64
N LEU A 107 -32.98 2.19 5.39
CA LEU A 107 -33.54 2.46 4.07
C LEU A 107 -32.44 2.82 3.09
N GLY A 108 -32.38 2.09 1.99
CA GLY A 108 -31.37 2.35 0.98
C GLY A 108 -29.96 1.98 1.38
N TYR A 109 -29.79 1.09 2.34
CA TYR A 109 -28.47 0.75 2.83
C TYR A 109 -27.71 -0.10 1.80
N SER A 110 -26.42 0.18 1.67
CA SER A 110 -25.54 -0.60 0.82
C SER A 110 -24.28 -0.95 1.60
N ASP A 111 -23.71 -2.10 1.29
CA ASP A 111 -22.52 -2.58 2.00
C ASP A 111 -21.35 -1.64 1.78
N GLY A 112 -20.53 -1.49 2.81
CA GLY A 112 -19.35 -0.65 2.72
C GLY A 112 -19.61 0.85 2.77
N SER A 113 -20.76 1.27 3.29
CA SER A 113 -21.11 2.68 3.35
C SER A 113 -21.58 3.07 4.75
N ASP A 114 -21.10 2.36 5.78
CA ASP A 114 -21.54 2.64 7.14
C ASP A 114 -21.07 4.02 7.61
N ASP A 115 -19.85 4.41 7.24
CA ASP A 115 -19.29 5.67 7.73
C ASP A 115 -19.91 6.88 7.06
N THR A 116 -20.46 6.75 5.85
CA THR A 116 -21.04 7.86 5.13
C THR A 116 -22.56 7.83 5.10
N PHE A 117 -23.19 6.80 5.67
CA PHE A 117 -24.65 6.68 5.65
C PHE A 117 -25.26 7.79 6.50
N ALA A 118 -25.99 8.70 5.86
CA ALA A 118 -26.55 9.85 6.56
C ALA A 118 -27.75 10.37 5.81
N ALA A 119 -28.57 11.14 6.52
CA ALA A 119 -29.71 11.83 5.93
C ALA A 119 -29.42 13.33 5.86
N TYR A 120 -29.92 13.97 4.81
CA TYR A 120 -29.63 15.38 4.56
C TYR A 120 -30.87 16.25 4.43
N THR A 121 -32.07 15.67 4.40
CA THR A 121 -33.31 16.43 4.33
C THR A 121 -34.29 15.90 5.37
N GLN A 122 -35.29 16.72 5.69
CA GLN A 122 -36.32 16.29 6.63
C GLN A 122 -37.09 15.10 6.07
N GLU A 123 -37.39 15.12 4.78
CA GLU A 123 -38.08 14.00 4.15
C GLU A 123 -37.27 12.73 4.25
N GLN A 124 -35.95 12.81 4.02
CA GLN A 124 -35.10 11.63 4.12
C GLN A 124 -35.14 11.03 5.52
N LEU A 125 -35.06 11.89 6.55
CA LEU A 125 -35.11 11.41 7.92
C LEU A 125 -36.45 10.75 8.23
N TYR A 126 -37.55 11.37 7.80
CA TYR A 126 -38.87 10.81 8.04
C TYR A 126 -39.01 9.45 7.36
N GLN A 127 -38.58 9.35 6.11
CA GLN A 127 -38.68 8.07 5.40
C GLN A 127 -37.81 7.01 6.05
N ALA A 128 -36.61 7.38 6.51
CA ALA A 128 -35.74 6.40 7.16
C ALA A 128 -36.39 5.86 8.43
N ILE A 129 -36.91 6.75 9.27
CA ILE A 129 -37.53 6.31 10.53
C ILE A 129 -38.74 5.44 10.25
N PHE A 130 -39.61 5.90 9.34
CA PHE A 130 -40.83 5.15 9.04
C PHE A 130 -40.51 3.81 8.41
N TYR A 131 -39.49 3.74 7.55
CA TYR A 131 -39.08 2.47 6.96
C TYR A 131 -38.58 1.52 8.02
N ALA A 132 -37.78 2.00 8.96
CA ALA A 132 -37.30 1.13 10.04
C ALA A 132 -38.46 0.55 10.82
N VAL A 133 -39.40 1.40 11.23
CA VAL A 133 -40.52 0.91 12.03
C VAL A 133 -41.40 -0.05 11.22
N ASP A 134 -41.67 0.29 9.96
CA ASP A 134 -42.51 -0.56 9.11
C ASP A 134 -41.88 -1.92 8.88
N GLN A 135 -40.57 -1.95 8.62
CA GLN A 135 -39.88 -3.21 8.46
C GLN A 135 -39.90 -4.03 9.75
N TYR A 136 -39.82 -3.35 10.89
CA TYR A 136 -39.98 -4.07 12.16
C TYR A 136 -41.36 -4.71 12.26
N LEU A 137 -42.40 -3.99 11.84
CA LEU A 137 -43.76 -4.47 12.04
C LEU A 137 -44.11 -5.66 11.16
N ILE A 138 -43.38 -5.88 10.06
CA ILE A 138 -43.69 -7.00 9.16
C ILE A 138 -42.49 -7.94 9.09
N LEU A 139 -41.71 -7.99 10.16
CA LEU A 139 -40.48 -8.79 10.16
C LEU A 139 -40.71 -10.28 9.92
N PRO A 140 -41.68 -10.96 10.56
CA PRO A 140 -41.80 -12.41 10.36
C PRO A 140 -42.03 -12.83 8.92
N GLU A 141 -42.73 -12.04 8.12
CA GLU A 141 -43.08 -12.44 6.76
C GLU A 141 -42.05 -11.99 5.73
N ILE A 142 -40.98 -11.33 6.12
CA ILE A 142 -39.96 -10.91 5.17
C ILE A 142 -38.56 -11.40 5.53
N SER A 143 -38.27 -11.69 6.79
CA SER A 143 -36.91 -12.04 7.19
C SER A 143 -36.58 -13.47 6.80
N LEU A 144 -35.33 -13.69 6.39
CA LEU A 144 -34.83 -15.04 6.12
C LEU A 144 -34.43 -15.77 7.39
N GLY A 145 -34.23 -15.06 8.49
CA GLY A 145 -33.92 -15.67 9.76
C GLY A 145 -35.14 -15.73 10.65
N ARG A 146 -35.17 -16.73 11.51
CA ARG A 146 -36.29 -16.92 12.44
C ARG A 146 -36.05 -16.04 13.66
N TYR A 147 -36.60 -14.83 13.62
CA TYR A 147 -36.49 -13.87 14.69
C TYR A 147 -37.84 -13.76 15.40
N ALA A 148 -37.79 -13.71 16.73
CA ALA A 148 -38.98 -13.61 17.56
C ALA A 148 -39.00 -12.26 18.28
N TYR A 149 -40.17 -11.66 18.37
CA TYR A 149 -40.32 -10.42 19.10
C TYR A 149 -40.08 -10.64 20.59
N VAL A 150 -39.63 -9.60 21.27
CA VAL A 150 -39.37 -9.64 22.70
C VAL A 150 -40.29 -8.61 23.34
N ARG A 151 -41.30 -9.08 24.07
CA ARG A 151 -42.21 -8.17 24.75
C ARG A 151 -41.50 -7.45 25.89
N GLY A 152 -41.76 -6.15 26.01
CA GLY A 152 -41.08 -5.36 27.01
C GLY A 152 -39.63 -5.06 26.74
N GLY A 153 -39.16 -5.31 25.53
CA GLY A 153 -37.78 -5.10 25.14
C GLY A 153 -37.47 -3.73 24.61
N GLY A 154 -38.41 -2.79 24.67
CA GLY A 154 -38.18 -1.45 24.14
C GLY A 154 -37.19 -0.63 24.93
N GLY A 155 -36.75 -1.10 26.09
CA GLY A 155 -35.77 -0.40 26.87
C GLY A 155 -36.37 0.33 28.06
N PRO A 156 -35.53 1.09 28.76
CA PRO A 156 -36.04 1.84 29.93
C PRO A 156 -37.12 2.85 29.58
N TRP A 157 -37.09 3.42 28.37
CA TRP A 157 -38.06 4.42 27.98
C TRP A 157 -39.36 3.82 27.48
N ALA A 158 -39.48 2.50 27.43
CA ALA A 158 -40.71 1.84 27.06
C ALA A 158 -41.44 1.33 28.30
N ASN A 159 -42.77 1.35 28.23
CA ASN A 159 -43.63 0.92 29.33
C ASN A 159 -44.14 -0.50 29.13
N GLY A 160 -43.29 -1.37 28.59
CA GLY A 160 -43.67 -2.74 28.26
C GLY A 160 -43.87 -2.98 26.79
N SER A 161 -43.82 -1.94 25.96
CA SER A 161 -43.90 -2.12 24.52
C SER A 161 -42.60 -2.68 23.98
N ALA A 162 -42.69 -3.37 22.85
CA ALA A 162 -41.52 -4.03 22.27
C ALA A 162 -40.58 -3.05 21.59
N LEU A 163 -41.12 -2.00 20.96
CA LEU A 163 -40.31 -1.01 20.27
C LEU A 163 -40.55 0.36 20.89
N ALA A 164 -39.47 1.11 21.08
CA ALA A 164 -39.53 2.48 21.58
C ALA A 164 -38.93 3.41 20.54
N LEU A 165 -39.70 4.41 20.14
CA LEU A 165 -39.26 5.42 19.17
C LEU A 165 -39.19 6.75 19.91
N CYS A 166 -37.98 7.15 20.30
CA CYS A 166 -37.77 8.32 21.15
C CYS A 166 -37.00 9.38 20.39
N GLN A 167 -37.45 10.63 20.53
CA GLN A 167 -36.72 11.79 20.04
C GLN A 167 -36.37 12.68 21.22
N ARG A 168 -35.14 13.21 21.20
CA ARG A 168 -34.64 14.05 22.28
C ARG A 168 -34.31 15.43 21.73
N TYR A 169 -34.77 16.46 22.44
CA TYR A 169 -34.56 17.84 22.01
C TYR A 169 -34.40 18.71 23.24
N TYR A 170 -33.86 19.91 23.01
CA TYR A 170 -33.67 20.86 24.10
C TYR A 170 -35.02 21.37 24.61
N HIS A 171 -35.05 21.72 25.89
CA HIS A 171 -36.31 22.17 26.50
C HIS A 171 -36.82 23.44 25.82
N ARG A 172 -35.93 24.39 25.57
CA ARG A 172 -36.27 25.61 24.85
C ARG A 172 -35.16 25.87 23.85
N GLY A 173 -35.53 26.00 22.57
CA GLY A 173 -34.54 26.05 21.51
C GLY A 173 -34.77 27.12 20.46
N HIS A 174 -35.28 28.28 20.86
CA HIS A 174 -35.52 29.36 19.92
C HIS A 174 -34.18 29.86 19.39
N VAL A 175 -33.88 29.52 18.13
CA VAL A 175 -32.63 29.90 17.48
C VAL A 175 -32.97 30.75 16.26
N ASP A 176 -32.34 31.92 16.15
CA ASP A 176 -32.58 32.86 15.07
C ASP A 176 -31.24 33.31 14.49
N PRO A 177 -30.71 32.57 13.51
CA PRO A 177 -29.44 32.98 12.89
C PRO A 177 -29.50 34.36 12.24
N ALA A 178 -30.66 34.75 11.71
CA ALA A 178 -30.78 36.05 11.06
C ALA A 178 -30.67 37.19 12.08
N ASN A 179 -31.36 37.06 13.21
CA ASN A 179 -31.37 38.09 14.24
C ASN A 179 -30.34 37.84 15.33
N ASP A 180 -29.54 36.77 15.22
CA ASP A 180 -28.51 36.43 16.20
C ASP A 180 -29.11 36.25 17.60
N THR A 181 -30.06 35.32 17.70
CA THR A 181 -30.72 34.99 18.96
C THR A 181 -30.42 33.53 19.31
N PHE A 182 -30.00 33.29 20.54
CA PHE A 182 -29.59 31.96 20.98
C PHE A 182 -30.25 31.59 22.31
N ASP A 183 -31.51 31.99 22.49
CA ASP A 183 -32.18 31.69 23.75
C ASP A 183 -32.35 30.18 23.90
N ILE A 184 -31.55 29.59 24.78
CA ILE A 184 -31.41 28.14 24.87
C ILE A 184 -31.56 27.71 26.33
N ASP A 185 -32.39 26.70 26.57
CA ASP A 185 -32.45 26.03 27.85
C ASP A 185 -31.81 24.66 27.70
N PRO A 186 -30.65 24.41 28.30
CA PRO A 186 -29.90 23.18 28.03
C PRO A 186 -30.58 21.90 28.50
N ARG A 187 -31.76 21.98 29.11
CA ARG A 187 -32.46 20.77 29.53
C ARG A 187 -32.90 19.96 28.32
N VAL A 188 -32.71 18.66 28.39
CA VAL A 188 -33.10 17.74 27.31
C VAL A 188 -34.45 17.13 27.63
N VAL A 189 -35.32 17.08 26.64
CA VAL A 189 -36.67 16.54 26.77
C VAL A 189 -36.77 15.30 25.89
N THR A 190 -37.18 14.19 26.48
CA THR A 190 -37.29 12.91 25.77
C THR A 190 -38.77 12.61 25.57
N ASP A 191 -39.20 12.61 24.31
CA ASP A 191 -40.57 12.26 23.93
C ASP A 191 -40.54 10.92 23.23
N CYS A 192 -41.27 9.95 23.78
CA CYS A 192 -41.23 8.58 23.31
C CYS A 192 -42.57 8.15 22.73
N ILE A 193 -42.51 7.24 21.76
CA ILE A 193 -43.69 6.62 21.17
C ILE A 193 -43.55 5.12 21.32
N GLN A 194 -44.58 4.47 21.86
CA GLN A 194 -44.55 3.03 22.10
C GLN A 194 -45.18 2.31 20.92
N VAL A 195 -44.46 1.32 20.38
CA VAL A 195 -44.92 0.54 19.24
C VAL A 195 -44.93 -0.93 19.66
N ASP A 196 -46.03 -1.62 19.39
CA ASP A 196 -46.16 -3.03 19.72
C ASP A 196 -46.46 -3.82 18.45
N PRO A 197 -45.80 -4.95 18.23
CA PRO A 197 -46.09 -5.77 17.05
C PRO A 197 -47.45 -6.44 17.20
N PRO A 198 -48.09 -6.79 16.09
CA PRO A 198 -49.38 -7.47 16.17
C PRO A 198 -49.24 -8.82 16.85
N ASP A 199 -50.26 -9.19 17.62
CA ASP A 199 -50.27 -10.47 18.33
C ASP A 199 -50.61 -11.58 17.35
N ARG A 200 -49.69 -12.54 17.19
CA ARG A 200 -49.87 -13.67 16.29
C ARG A 200 -50.19 -13.21 14.86
N ALA A 216 -50.65 2.46 14.37
CA ALA A 216 -49.96 3.32 13.41
C ALA A 216 -49.85 4.74 13.93
N SER A 217 -49.90 4.89 15.26
CA SER A 217 -49.77 6.21 15.87
C SER A 217 -48.38 6.80 15.68
N TYR A 218 -47.38 5.97 15.41
CA TYR A 218 -46.04 6.49 15.14
C TYR A 218 -45.97 7.25 13.82
N LYS A 219 -46.96 7.08 12.94
CA LYS A 219 -46.97 7.81 11.69
C LYS A 219 -47.17 9.30 11.91
N ASN A 220 -47.81 9.68 13.02
CA ASN A 220 -48.03 11.07 13.36
C ASN A 220 -46.83 11.69 14.06
N LEU A 221 -45.67 11.05 14.01
CA LEU A 221 -44.47 11.59 14.63
C LEU A 221 -44.10 12.92 13.99
N THR A 222 -43.81 13.92 14.82
CA THR A 222 -43.42 15.24 14.37
C THR A 222 -42.11 15.61 15.04
N LEU A 223 -41.11 15.94 14.25
CA LEU A 223 -39.78 16.23 14.77
C LEU A 223 -39.60 17.72 15.03
N LYS A 224 -38.56 18.04 15.80
CA LYS A 224 -38.27 19.39 16.24
C LYS A 224 -36.90 19.82 15.72
N PHE A 225 -36.70 19.67 14.41
CA PHE A 225 -35.40 19.82 13.74
C PHE A 225 -34.57 20.99 14.26
N HIS A 226 -35.21 22.13 14.54
CA HIS A 226 -34.46 23.30 14.99
C HIS A 226 -33.78 23.06 16.33
N LYS A 227 -34.32 22.16 17.15
CA LYS A 227 -33.75 21.86 18.46
C LYS A 227 -33.50 20.37 18.66
N LEU A 228 -33.54 19.57 17.60
CA LEU A 228 -33.41 18.13 17.73
C LEU A 228 -31.98 17.75 18.12
N ILE A 229 -31.87 16.75 18.99
CA ILE A 229 -30.58 16.22 19.43
C ILE A 229 -30.30 14.87 18.77
N ASN A 230 -31.20 13.90 18.95
CA ASN A 230 -31.09 12.64 18.25
C ASN A 230 -32.44 11.94 18.26
N VAL A 231 -32.57 10.94 17.39
CA VAL A 231 -33.72 10.05 17.36
C VAL A 231 -33.21 8.62 17.46
N THR A 232 -33.81 7.83 18.34
CA THR A 232 -33.35 6.47 18.59
C THR A 232 -34.52 5.50 18.48
N ILE A 233 -34.20 4.27 18.09
CA ILE A 233 -35.17 3.18 18.00
C ILE A 233 -34.60 1.98 18.74
N HIS A 234 -35.31 1.50 19.75
CA HIS A 234 -34.88 0.36 20.55
C HIS A 234 -35.87 -0.78 20.40
N PHE A 235 -35.35 -1.96 20.10
CA PHE A 235 -36.14 -3.18 20.16
C PHE A 235 -35.20 -4.36 20.26
N GLN A 236 -35.75 -5.50 20.66
CA GLN A 236 -34.97 -6.71 20.86
C GLN A 236 -35.53 -7.84 20.01
N LEU A 237 -34.64 -8.64 19.43
CA LEU A 237 -34.99 -9.83 18.69
C LEU A 237 -34.20 -11.00 19.24
N LYS A 238 -34.86 -12.12 19.46
CA LYS A 238 -34.21 -13.33 19.96
C LYS A 238 -34.31 -14.43 18.91
N THR A 239 -33.23 -15.19 18.76
CA THR A 239 -33.18 -16.26 17.77
C THR A 239 -32.37 -17.41 18.36
N ILE A 240 -32.22 -18.46 17.57
CA ILE A 240 -31.49 -19.67 17.98
C ILE A 240 -30.37 -19.90 16.97
N ASN A 241 -29.16 -20.13 17.48
CA ASN A 241 -28.01 -20.45 16.64
C ASN A 241 -28.12 -21.92 16.26
N LEU A 242 -28.55 -22.19 15.02
CA LEU A 242 -28.81 -23.57 14.61
C LEU A 242 -27.51 -24.34 14.37
N GLN A 243 -26.43 -23.63 14.01
CA GLN A 243 -25.14 -24.31 13.87
C GLN A 243 -24.70 -24.92 15.19
N SER A 244 -24.88 -24.20 16.30
CA SER A 244 -24.57 -24.75 17.60
C SER A 244 -25.47 -25.94 17.92
N LEU A 245 -26.73 -25.88 17.51
CA LEU A 245 -27.65 -27.00 17.73
C LEU A 245 -27.18 -28.25 17.01
N ILE A 246 -26.79 -28.11 15.74
CA ILE A 246 -26.45 -29.28 14.94
C ILE A 246 -25.07 -29.81 15.32
N ASN A 247 -24.08 -28.92 15.49
CA ASN A 247 -22.70 -29.37 15.62
C ASN A 247 -22.39 -29.83 17.04
N ASN A 248 -22.48 -28.93 18.01
CA ASN A 248 -22.08 -29.23 19.38
C ASN A 248 -23.25 -29.58 20.29
N GLU A 249 -24.47 -29.62 19.76
CA GLU A 249 -25.68 -30.04 20.47
C GLU A 249 -26.00 -29.19 21.68
N ILE A 250 -25.32 -28.06 21.87
CA ILE A 250 -25.57 -27.16 23.00
C ILE A 250 -26.52 -26.08 22.50
N PRO A 251 -27.75 -25.99 23.04
CA PRO A 251 -28.70 -24.98 22.56
C PRO A 251 -28.35 -23.59 23.08
N ASP A 252 -27.88 -22.73 22.17
CA ASP A 252 -27.58 -21.34 22.48
C ASP A 252 -28.66 -20.46 21.88
N CYS A 253 -29.30 -19.66 22.73
CA CYS A 253 -30.39 -18.79 22.30
C CYS A 253 -29.94 -17.34 22.44
N TYR A 254 -29.72 -16.69 21.29
CA TYR A 254 -29.21 -15.33 21.28
C TYR A 254 -30.33 -14.32 21.48
N THR A 255 -29.99 -13.17 22.04
CA THR A 255 -30.92 -12.06 22.22
C THR A 255 -30.21 -10.78 21.76
N PHE A 256 -30.65 -10.24 20.62
CA PHE A 256 -30.02 -9.06 20.04
C PHE A 256 -30.77 -7.82 20.49
N SER A 257 -30.05 -6.86 21.06
CA SER A 257 -30.59 -5.55 21.40
C SER A 257 -30.18 -4.58 20.31
N ILE A 258 -31.15 -4.20 19.47
CA ILE A 258 -30.88 -3.38 18.29
C ILE A 258 -31.17 -1.92 18.63
N LEU A 259 -30.21 -1.05 18.34
CA LEU A 259 -30.37 0.38 18.54
C LEU A 259 -30.01 1.10 17.26
N ILE A 260 -30.98 1.83 16.70
CA ILE A 260 -30.78 2.65 15.51
C ILE A 260 -30.73 4.10 15.96
N THR A 261 -29.65 4.80 15.61
CA THR A 261 -29.42 6.16 16.05
C THR A 261 -29.42 7.10 14.86
N PHE A 262 -30.17 8.19 14.98
CA PHE A 262 -30.15 9.30 14.02
C PHE A 262 -29.56 10.49 14.78
N ASP A 263 -28.25 10.64 14.67
CA ASP A 263 -27.49 11.55 15.53
C ASP A 263 -27.46 12.95 14.94
N ASN A 264 -27.93 13.93 15.70
CA ASN A 264 -27.86 15.34 15.32
C ASN A 264 -27.09 16.16 16.34
N LYS A 265 -26.17 15.53 17.09
CA LYS A 265 -25.43 16.25 18.10
C LYS A 265 -24.50 17.30 17.50
N ALA A 266 -24.07 17.11 16.26
CA ALA A 266 -23.21 18.08 15.61
C ALA A 266 -23.97 19.33 15.18
N HIS A 267 -25.27 19.19 14.90
CA HIS A 267 -26.10 20.30 14.43
C HIS A 267 -25.50 20.95 13.18
N SER A 268 -25.01 20.12 12.27
CA SER A 268 -24.30 20.58 11.09
C SER A 268 -25.11 20.40 9.80
N GLY A 269 -26.38 20.04 9.90
CA GLY A 269 -27.21 19.82 8.74
C GLY A 269 -27.07 18.45 8.11
N ARG A 270 -26.19 17.60 8.63
CA ARG A 270 -26.01 16.23 8.15
C ARG A 270 -26.18 15.30 9.34
N ILE A 271 -27.12 14.37 9.23
CA ILE A 271 -27.45 13.48 10.35
C ILE A 271 -27.01 12.06 10.00
N PRO A 272 -25.90 11.59 10.57
CA PRO A 272 -25.49 10.20 10.32
C PRO A 272 -26.46 9.21 10.94
N ILE A 273 -26.58 8.05 10.30
CA ILE A 273 -27.50 7.00 10.73
C ILE A 273 -26.69 5.75 11.04
N ARG A 274 -26.90 5.19 12.22
CA ARG A 274 -26.12 4.06 12.71
C ARG A 274 -27.05 2.96 13.21
N LEU A 275 -26.58 1.72 13.09
CA LEU A 275 -27.24 0.57 13.68
C LEU A 275 -26.23 -0.19 14.51
N GLU A 276 -26.54 -0.41 15.78
CA GLU A 276 -25.66 -1.12 16.70
C GLU A 276 -26.45 -2.23 17.39
N THR A 277 -25.74 -3.30 17.72
CA THR A 277 -26.36 -4.46 18.37
C THR A 277 -25.57 -4.85 19.60
N LYS A 278 -26.29 -5.28 20.63
CA LYS A 278 -25.72 -5.89 21.81
C LYS A 278 -26.33 -7.27 21.99
N THR A 279 -25.49 -8.26 22.27
CA THR A 279 -25.91 -9.66 22.29
C THR A 279 -25.80 -10.22 23.70
N HIS A 280 -26.85 -10.91 24.13
CA HIS A 280 -26.86 -11.62 25.41
C HIS A 280 -27.06 -13.10 25.12
N ILE A 281 -26.00 -13.89 25.29
CA ILE A 281 -26.07 -15.33 25.07
C ILE A 281 -26.74 -15.96 26.28
N GLN A 282 -27.54 -17.00 26.04
CA GLN A 282 -28.25 -17.66 27.12
C GLN A 282 -28.58 -19.08 26.71
N GLU A 283 -28.21 -20.05 27.54
CA GLU A 283 -28.65 -21.41 27.34
C GLU A 283 -30.17 -21.49 27.52
N CYS A 284 -30.83 -22.17 26.58
CA CYS A 284 -32.27 -22.29 26.59
C CYS A 284 -32.67 -23.75 26.70
N LYS A 285 -33.61 -24.03 27.60
CA LYS A 285 -34.05 -25.39 27.88
C LYS A 285 -34.64 -26.08 26.66
N SER A 296 -17.93 -31.95 31.48
CA SER A 296 -17.55 -31.53 30.13
C SER A 296 -16.04 -31.49 29.97
N PHE A 297 -15.58 -31.76 28.74
CA PHE A 297 -14.15 -31.77 28.47
C PHE A 297 -13.53 -30.38 28.66
N ARG A 298 -14.26 -29.33 28.28
CA ARG A 298 -13.73 -27.97 28.38
C ARG A 298 -13.43 -27.60 29.83
N LEU A 299 -14.36 -27.89 30.74
CA LEU A 299 -14.16 -27.55 32.14
C LEU A 299 -13.02 -28.36 32.75
N LEU A 300 -12.94 -29.64 32.42
CA LEU A 300 -11.86 -30.48 32.93
C LEU A 300 -10.50 -29.99 32.43
N PHE A 301 -10.42 -29.59 31.15
CA PHE A 301 -9.17 -29.07 30.63
C PHE A 301 -8.81 -27.73 31.27
N ASP A 302 -9.80 -26.90 31.55
CA ASP A 302 -9.54 -25.65 32.26
C ASP A 302 -9.00 -25.92 33.66
N VAL A 303 -9.57 -26.92 34.35
CA VAL A 303 -9.08 -27.29 35.67
C VAL A 303 -7.65 -27.81 35.59
N VAL A 304 -7.36 -28.61 34.56
CA VAL A 304 -6.00 -29.12 34.37
C VAL A 304 -5.02 -27.97 34.15
N VAL A 305 -5.40 -27.00 33.32
CA VAL A 305 -4.54 -25.85 33.08
C VAL A 305 -4.30 -25.08 34.38
N ILE A 306 -5.36 -24.88 35.16
CA ILE A 306 -5.22 -24.15 36.42
C ILE A 306 -4.28 -24.88 37.36
N LEU A 307 -4.42 -26.22 37.46
CA LEU A 307 -3.56 -26.99 38.34
C LEU A 307 -2.11 -26.94 37.89
N THR A 308 -1.86 -27.06 36.59
CA THR A 308 -0.49 -26.99 36.08
C THR A 308 0.13 -25.64 36.36
N CYS A 309 -0.63 -24.56 36.12
CA CYS A 309 -0.11 -23.22 36.38
C CYS A 309 0.15 -23.00 37.86
N SER A 310 -0.72 -23.52 38.73
CA SER A 310 -0.50 -23.39 40.16
C SER A 310 0.74 -24.13 40.61
N LEU A 311 0.95 -25.34 40.09
CA LEU A 311 2.16 -26.09 40.44
C LEU A 311 3.41 -25.38 39.97
N SER A 312 3.39 -24.85 38.75
CA SER A 312 4.54 -24.11 38.24
C SER A 312 4.80 -22.87 39.08
N PHE A 313 3.74 -22.16 39.48
CA PHE A 313 3.89 -20.98 40.31
C PHE A 313 4.51 -21.33 41.65
N LEU A 314 4.04 -22.43 42.27
CA LEU A 314 4.60 -22.85 43.55
C LEU A 314 6.08 -23.18 43.44
N LEU A 315 6.45 -23.95 42.42
CA LEU A 315 7.85 -24.33 42.25
C LEU A 315 8.73 -23.10 41.99
N CYS A 316 8.27 -22.19 41.14
CA CYS A 316 9.07 -21.00 40.83
C CYS A 316 9.20 -20.10 42.05
N ALA A 317 8.12 -19.95 42.83
CA ALA A 317 8.20 -19.14 44.04
C ALA A 317 9.15 -19.76 45.05
N ARG A 318 9.14 -21.08 45.20
CA ARG A 318 10.07 -21.73 46.11
C ARG A 318 11.51 -21.53 45.65
N SER A 319 11.75 -21.63 44.33
CA SER A 319 13.10 -21.40 43.82
C SER A 319 13.54 -19.96 44.06
N LEU A 320 12.64 -18.99 43.86
CA LEU A 320 12.98 -17.60 44.12
C LEU A 320 13.29 -17.37 45.59
N LEU A 321 12.52 -18.00 46.48
CA LEU A 321 12.79 -17.88 47.91
C LEU A 321 14.15 -18.46 48.27
N ARG A 322 14.49 -19.62 47.69
CA ARG A 322 15.79 -20.21 47.94
C ARG A 322 16.92 -19.30 47.45
N GLY A 323 16.73 -18.70 46.27
CA GLY A 323 17.74 -17.76 45.78
C GLY A 323 17.89 -16.54 46.67
N PHE A 324 16.76 -16.03 47.19
CA PHE A 324 16.83 -14.90 48.10
C PHE A 324 17.57 -15.27 49.39
N LEU A 325 17.31 -16.47 49.91
CA LEU A 325 18.03 -16.91 51.11
C LEU A 325 19.52 -17.05 50.84
N LEU A 326 19.89 -17.58 49.67
CA LEU A 326 21.30 -17.69 49.33
C LEU A 326 21.94 -16.32 49.20
N GLN A 327 21.23 -15.36 48.60
CA GLN A 327 21.74 -14.00 48.52
C GLN A 327 21.95 -13.40 49.90
N ASN A 328 21.00 -13.62 50.81
CA ASN A 328 21.14 -13.10 52.17
C ASN A 328 22.34 -13.72 52.88
N GLU A 329 22.53 -15.03 52.73
CA GLU A 329 23.69 -15.67 53.33
C GLU A 329 24.98 -15.11 52.77
N PHE A 330 25.05 -14.94 51.45
CA PHE A 330 26.26 -14.41 50.83
C PHE A 330 26.55 -12.99 51.31
N VAL A 331 25.53 -12.15 51.40
CA VAL A 331 25.77 -10.76 51.79
C VAL A 331 26.16 -10.67 53.26
N VAL A 332 25.53 -11.45 54.13
CA VAL A 332 25.89 -11.39 55.55
C VAL A 332 27.27 -11.98 55.77
N PHE A 333 27.69 -12.94 54.94
CA PHE A 333 29.06 -13.45 55.05
C PHE A 333 30.07 -12.43 54.55
N MET A 334 29.79 -11.79 53.41
CA MET A 334 30.78 -10.92 52.79
C MET A 334 30.94 -9.61 53.55
N TRP A 335 29.83 -9.01 53.99
CA TRP A 335 29.92 -7.72 54.68
C TRP A 335 30.59 -7.84 56.04
N ARG A 336 30.45 -9.00 56.69
CA ARG A 336 30.99 -9.17 58.04
C ARG A 336 32.36 -9.83 58.03
N ARG A 337 32.47 -11.03 57.47
CA ARG A 337 33.75 -11.74 57.47
C ARG A 337 34.79 -11.02 56.63
N ARG A 338 34.40 -10.54 55.45
CA ARG A 338 35.34 -9.83 54.58
C ARG A 338 35.33 -8.33 54.78
N GLY A 339 34.29 -7.78 55.39
CA GLY A 339 34.26 -6.36 55.68
C GLY A 339 33.81 -5.49 54.51
N ARG A 340 34.15 -5.90 53.30
CA ARG A 340 33.84 -5.09 52.12
C ARG A 340 32.34 -5.04 51.88
N GLU A 341 31.83 -3.86 51.56
CA GLU A 341 30.42 -3.68 51.25
C GLU A 341 30.16 -3.98 49.79
N ILE A 342 29.10 -4.73 49.52
CA ILE A 342 28.74 -5.11 48.16
C ILE A 342 27.62 -4.21 47.68
N SER A 343 27.44 -4.17 46.36
CA SER A 343 26.49 -3.27 45.73
C SER A 343 25.14 -3.96 45.50
N LEU A 344 24.19 -3.18 44.99
CA LEU A 344 22.86 -3.70 44.71
C LEU A 344 22.85 -4.60 43.48
N TRP A 345 23.81 -4.39 42.56
CA TRP A 345 23.88 -5.26 41.39
C TRP A 345 24.22 -6.69 41.78
N GLU A 346 25.03 -6.87 42.82
CA GLU A 346 25.28 -8.21 43.33
C GLU A 346 24.02 -8.84 43.88
N ARG A 347 23.12 -8.03 44.46
CA ARG A 347 21.82 -8.54 44.87
C ARG A 347 20.98 -8.94 43.66
N LEU A 348 20.97 -8.09 42.63
CA LEU A 348 20.14 -8.36 41.46
C LEU A 348 20.65 -9.57 40.68
N GLU A 349 21.94 -9.88 40.78
CA GLU A 349 22.47 -11.05 40.10
C GLU A 349 21.86 -12.34 40.63
N PHE A 350 21.46 -12.38 41.90
CA PHE A 350 20.92 -13.58 42.49
C PHE A 350 19.49 -13.88 42.07
N VAL A 351 18.77 -12.92 41.50
CA VAL A 351 17.40 -13.15 41.07
C VAL A 351 17.42 -13.73 39.67
N ASN A 352 16.38 -14.50 39.34
CA ASN A 352 16.23 -15.12 38.03
C ASN A 352 15.05 -14.47 37.33
N GLY A 353 15.34 -13.68 36.30
CA GLY A 353 14.27 -13.00 35.58
C GLY A 353 13.31 -13.97 34.90
N TRP A 354 13.81 -15.12 34.46
CA TRP A 354 12.95 -16.12 33.84
C TRP A 354 11.89 -16.61 34.82
N TYR A 355 12.25 -16.76 36.10
CA TYR A 355 11.27 -17.16 37.10
C TYR A 355 10.22 -16.09 37.31
N ILE A 356 10.61 -14.81 37.27
CA ILE A 356 9.65 -13.73 37.37
C ILE A 356 8.68 -13.78 36.18
N LEU A 357 9.21 -13.99 34.98
CA LEU A 357 8.35 -14.14 33.81
C LEU A 357 7.39 -15.31 33.98
N LEU A 358 7.89 -16.43 34.49
CA LEU A 358 7.05 -17.62 34.67
C LEU A 358 5.94 -17.38 35.68
N VAL A 359 6.24 -16.75 36.81
CA VAL A 359 5.20 -16.52 37.81
C VAL A 359 4.18 -15.51 37.30
N THR A 360 4.65 -14.49 36.56
CA THR A 360 3.70 -13.55 35.97
C THR A 360 2.78 -14.25 35.00
N SER A 361 3.32 -15.12 34.15
CA SER A 361 2.49 -15.86 33.20
C SER A 361 1.53 -16.79 33.93
N ASP A 362 1.97 -17.41 35.03
CA ASP A 362 1.09 -18.28 35.79
C ASP A 362 -0.07 -17.51 36.39
N VAL A 363 0.19 -16.33 36.97
CA VAL A 363 -0.87 -15.52 37.55
C VAL A 363 -1.85 -15.08 36.48
N LEU A 364 -1.33 -14.61 35.34
CA LEU A 364 -2.20 -14.19 34.25
C LEU A 364 -3.05 -15.34 33.73
N THR A 365 -2.45 -16.52 33.56
CA THR A 365 -3.18 -17.67 33.07
C THR A 365 -4.26 -18.11 34.06
N ILE A 366 -3.96 -18.09 35.35
CA ILE A 366 -4.95 -18.49 36.34
C ILE A 366 -6.14 -17.54 36.34
N SER A 367 -5.86 -16.23 36.32
CA SER A 367 -6.95 -15.25 36.27
C SER A 367 -7.78 -15.42 35.00
N GLY A 368 -7.10 -15.57 33.85
CA GLY A 368 -7.81 -15.71 32.60
C GLY A 368 -8.64 -16.98 32.54
N THR A 369 -8.12 -18.07 33.13
CA THR A 369 -8.86 -19.32 33.13
C THR A 369 -10.08 -19.25 34.03
N VAL A 370 -9.96 -18.57 35.18
CA VAL A 370 -11.13 -18.37 36.03
C VAL A 370 -12.19 -17.56 35.27
N MET A 371 -11.76 -16.49 34.60
CA MET A 371 -12.70 -15.68 33.84
C MET A 371 -13.33 -16.49 32.71
N LYS A 372 -12.55 -17.33 32.04
CA LYS A 372 -13.08 -18.14 30.94
C LYS A 372 -14.06 -19.18 31.44
N ILE A 373 -13.80 -19.76 32.61
CA ILE A 373 -14.76 -20.68 33.22
C ILE A 373 -16.06 -19.96 33.53
N GLY A 374 -15.97 -18.75 34.07
CA GLY A 374 -17.17 -17.97 34.31
C GLY A 374 -17.91 -17.64 33.03
N ILE A 375 -17.18 -17.34 31.96
CA ILE A 375 -17.80 -16.94 30.70
C ILE A 375 -18.51 -18.14 30.05
N GLU A 376 -17.84 -19.29 30.02
CA GLU A 376 -18.39 -20.46 29.36
C GLU A 376 -19.66 -20.99 30.04
N ALA A 377 -19.95 -20.55 31.25
CA ALA A 377 -21.18 -20.89 31.94
C ALA A 377 -22.26 -19.84 31.75
N LYS A 378 -22.04 -18.88 30.85
CA LYS A 378 -22.97 -17.78 30.59
C LYS A 378 -23.25 -16.98 31.86
N ASN A 379 -22.20 -16.41 32.43
CA ASN A 379 -22.29 -15.63 33.65
C ASN A 379 -21.59 -14.29 33.60
N LEU A 380 -20.62 -14.09 32.72
CA LEU A 380 -19.85 -12.85 32.68
C LEU A 380 -20.01 -12.09 31.38
N ALA A 381 -19.85 -12.76 30.23
CA ALA A 381 -19.96 -12.14 28.91
C ALA A 381 -18.95 -11.01 28.71
N SER A 382 -17.85 -11.02 29.46
CA SER A 382 -16.80 -10.00 29.34
C SER A 382 -15.57 -10.69 28.74
N TYR A 383 -15.54 -10.75 27.40
CA TYR A 383 -14.49 -11.47 26.71
C TYR A 383 -13.18 -10.70 26.62
N ASP A 384 -13.23 -9.37 26.70
CA ASP A 384 -12.04 -8.56 26.41
C ASP A 384 -10.93 -8.82 27.42
N VAL A 385 -11.24 -8.72 28.71
CA VAL A 385 -10.21 -8.86 29.74
C VAL A 385 -9.66 -10.27 29.76
N CYS A 386 -10.54 -11.28 29.67
CA CYS A 386 -10.10 -12.66 29.66
C CYS A 386 -9.20 -12.95 28.47
N SER A 387 -9.59 -12.47 27.29
CA SER A 387 -8.77 -12.67 26.10
C SER A 387 -7.42 -12.00 26.24
N ILE A 388 -7.40 -10.79 26.79
CA ILE A 388 -6.13 -10.07 26.96
C ILE A 388 -5.22 -10.83 27.90
N LEU A 389 -5.76 -11.31 29.02
CA LEU A 389 -4.95 -12.06 29.98
C LEU A 389 -4.40 -13.33 29.36
N LEU A 390 -5.25 -14.09 28.68
CA LEU A 390 -4.81 -15.36 28.09
C LEU A 390 -3.77 -15.13 27.01
N GLY A 391 -3.98 -14.14 26.14
CA GLY A 391 -3.02 -13.87 25.10
C GLY A 391 -1.68 -13.41 25.64
N THR A 392 -1.70 -12.53 26.65
CA THR A 392 -0.45 -12.09 27.25
C THR A 392 0.30 -13.25 27.90
N SER A 393 -0.43 -14.14 28.59
CA SER A 393 0.22 -15.29 29.20
C SER A 393 0.84 -16.22 28.16
N THR A 394 0.12 -16.48 27.07
CA THR A 394 0.66 -17.34 26.01
C THR A 394 1.89 -16.71 25.38
N LEU A 395 1.85 -15.41 25.12
CA LEU A 395 3.03 -14.72 24.59
C LEU A 395 4.20 -14.83 25.57
N LEU A 396 3.92 -14.70 26.86
CA LEU A 396 4.99 -14.76 27.86
C LEU A 396 5.65 -16.14 27.89
N VAL A 397 4.86 -17.21 27.82
CA VAL A 397 5.47 -18.54 27.86
C VAL A 397 6.25 -18.82 26.58
N TRP A 398 5.71 -18.40 25.43
CA TRP A 398 6.44 -18.61 24.19
C TRP A 398 7.73 -17.79 24.17
N VAL A 399 7.75 -16.65 24.84
CA VAL A 399 9.00 -15.92 25.02
C VAL A 399 9.92 -16.66 25.97
N GLY A 400 9.36 -17.27 27.02
CA GLY A 400 10.16 -17.99 27.99
C GLY A 400 10.88 -19.19 27.43
N VAL A 401 10.42 -19.72 26.29
CA VAL A 401 11.14 -20.76 25.57
C VAL A 401 12.59 -20.34 25.28
N ILE A 402 12.83 -19.03 25.22
CA ILE A 402 14.18 -18.53 24.99
C ILE A 402 15.14 -18.99 26.08
N ARG A 403 14.63 -19.22 27.31
CA ARG A 403 15.51 -19.72 28.36
C ARG A 403 16.07 -21.09 28.00
N TYR A 404 15.23 -21.98 27.48
CA TYR A 404 15.74 -23.26 26.98
C TYR A 404 16.71 -23.04 25.85
N LEU A 405 16.43 -22.09 24.96
CA LEU A 405 17.36 -21.84 23.86
C LEU A 405 18.71 -21.33 24.35
N THR A 406 18.75 -20.67 25.51
CA THR A 406 19.99 -20.07 26.01
C THR A 406 21.00 -21.07 26.55
N PHE A 407 20.63 -22.34 26.71
CA PHE A 407 21.54 -23.30 27.31
C PHE A 407 22.61 -23.79 26.34
N PHE A 408 22.52 -23.44 25.07
CA PHE A 408 23.50 -23.80 24.06
C PHE A 408 24.21 -22.53 23.60
N HIS A 409 25.55 -22.58 23.57
CA HIS A 409 26.34 -21.38 23.36
C HIS A 409 26.11 -20.76 21.99
N LYS A 410 25.80 -21.58 20.98
CA LYS A 410 25.58 -21.05 19.64
C LYS A 410 24.37 -20.11 19.60
N TYR A 411 23.28 -20.49 20.26
CA TYR A 411 22.13 -19.60 20.38
C TYR A 411 22.37 -18.51 21.42
N ASN A 412 23.13 -18.84 22.47
CA ASN A 412 23.42 -17.86 23.50
C ASN A 412 24.22 -16.69 22.94
N ILE A 413 24.99 -16.90 21.87
CA ILE A 413 25.71 -15.79 21.26
C ILE A 413 24.72 -14.73 20.78
N LEU A 414 23.71 -15.14 20.03
CA LEU A 414 22.71 -14.19 19.52
C LEU A 414 21.89 -13.59 20.65
N ILE A 415 21.50 -14.41 21.63
CA ILE A 415 20.69 -13.90 22.73
C ILE A 415 21.46 -12.87 23.54
N ALA A 416 22.73 -13.15 23.82
CA ALA A 416 23.57 -12.20 24.54
C ALA A 416 23.84 -10.95 23.72
N THR A 417 23.95 -11.09 22.39
CA THR A 417 24.09 -9.91 21.54
C THR A 417 22.88 -8.99 21.71
N LEU A 418 21.67 -9.56 21.67
CA LEU A 418 20.48 -8.76 21.89
C LEU A 418 20.47 -8.13 23.28
N ARG A 419 20.86 -8.92 24.29
CA ARG A 419 20.83 -8.43 25.66
C ARG A 419 21.79 -7.27 25.88
N VAL A 420 23.00 -7.36 25.32
CA VAL A 420 23.96 -6.28 25.49
C VAL A 420 23.68 -5.10 24.55
N ALA A 421 22.90 -5.31 23.48
CA ALA A 421 22.49 -4.19 22.65
C ALA A 421 21.31 -3.44 23.23
N LEU A 422 20.48 -4.08 24.05
CA LEU A 422 19.27 -3.46 24.56
C LEU A 422 19.47 -2.10 25.25
N PRO A 423 20.46 -1.92 26.14
CA PRO A 423 20.55 -0.60 26.82
C PRO A 423 20.82 0.57 25.88
N SER A 424 21.78 0.43 24.97
CA SER A 424 22.06 1.51 24.02
C SER A 424 20.88 1.75 23.09
N VAL A 425 20.17 0.68 22.72
CA VAL A 425 18.98 0.84 21.89
C VAL A 425 17.92 1.65 22.64
N MET A 426 17.72 1.35 23.92
CA MET A 426 16.75 2.12 24.71
C MET A 426 17.18 3.58 24.84
N ARG A 427 18.47 3.83 25.04
CA ARG A 427 18.96 5.20 25.12
C ARG A 427 18.73 5.95 23.82
N PHE A 428 19.00 5.30 22.68
CA PHE A 428 18.75 5.95 21.40
C PHE A 428 17.26 6.19 21.18
N CYS A 429 16.41 5.27 21.66
CA CYS A 429 14.97 5.49 21.57
C CYS A 429 14.56 6.72 22.37
N CYS A 430 15.14 6.88 23.56
CA CYS A 430 14.88 8.09 24.34
C CYS A 430 15.36 9.33 23.59
N CYS A 431 16.50 9.24 22.93
CA CYS A 431 17.02 10.38 22.17
C CYS A 431 16.10 10.77 21.02
N VAL A 432 15.58 9.78 20.29
CA VAL A 432 14.76 10.07 19.11
C VAL A 432 13.30 10.31 19.44
N ALA A 433 12.84 9.95 20.65
CA ALA A 433 11.44 10.14 20.99
C ALA A 433 11.06 11.62 21.03
N VAL A 434 11.98 12.47 21.47
CA VAL A 434 11.66 13.90 21.55
C VAL A 434 11.49 14.50 20.16
N ILE A 435 12.37 14.11 19.22
CA ILE A 435 12.21 14.57 17.84
C ILE A 435 10.91 14.05 17.24
N TYR A 436 10.60 12.78 17.51
CA TYR A 436 9.36 12.20 17.00
C TYR A 436 8.15 12.95 17.55
N LEU A 437 8.16 13.28 18.84
CA LEU A 437 7.04 13.98 19.45
C LEU A 437 6.91 15.39 18.90
N GLY A 438 8.03 16.09 18.71
CA GLY A 438 7.98 17.41 18.11
C GLY A 438 7.40 17.39 16.72
N TYR A 439 7.81 16.42 15.91
CA TYR A 439 7.24 16.27 14.57
C TYR A 439 5.76 15.95 14.64
N CYS A 440 5.36 15.11 15.59
CA CYS A 440 3.94 14.77 15.75
C CYS A 440 3.12 16.02 16.06
N PHE A 441 3.58 16.82 17.01
CA PHE A 441 2.85 18.03 17.39
C PHE A 441 2.77 19.00 16.22
N CYS A 442 3.88 19.22 15.52
CA CYS A 442 3.89 20.16 14.42
C CYS A 442 2.95 19.70 13.30
N GLY A 443 3.01 18.41 12.94
CA GLY A 443 2.13 17.90 11.91
C GLY A 443 0.67 17.97 12.29
N TRP A 444 0.36 17.64 13.55
CA TRP A 444 -1.03 17.72 14.00
C TRP A 444 -1.55 19.15 13.93
N ILE A 445 -0.75 20.12 14.37
CA ILE A 445 -1.24 21.49 14.41
C ILE A 445 -1.34 22.09 13.00
N VAL A 446 -0.43 21.74 12.09
CA VAL A 446 -0.41 22.38 10.79
C VAL A 446 -1.28 21.63 9.79
N LEU A 447 -0.95 20.35 9.56
CA LEU A 447 -1.63 19.57 8.53
C LEU A 447 -2.96 18.98 8.98
N GLY A 448 -3.33 19.15 10.25
CA GLY A 448 -4.57 18.61 10.76
C GLY A 448 -5.81 19.09 10.03
N PRO A 449 -5.94 20.40 9.82
CA PRO A 449 -7.12 20.90 9.09
C PRO A 449 -7.19 20.45 7.64
N TYR A 450 -6.08 20.02 7.05
CA TYR A 450 -6.03 19.75 5.61
C TYR A 450 -5.76 18.29 5.26
N HIS A 451 -5.44 17.43 6.21
CA HIS A 451 -5.08 16.06 5.93
C HIS A 451 -5.94 15.12 6.75
N VAL A 452 -6.52 14.10 6.10
CA VAL A 452 -7.34 13.13 6.80
C VAL A 452 -6.49 12.29 7.75
N LYS A 453 -5.20 12.12 7.44
CA LYS A 453 -4.32 11.30 8.25
C LYS A 453 -3.76 12.05 9.46
N PHE A 454 -4.03 13.35 9.58
CA PHE A 454 -3.49 14.15 10.67
C PHE A 454 -4.59 14.75 11.55
N ARG A 455 -5.78 14.13 11.57
CA ARG A 455 -6.89 14.71 12.31
C ARG A 455 -6.65 14.65 13.82
N SER A 456 -6.15 13.53 14.33
CA SER A 456 -5.94 13.34 15.75
C SER A 456 -4.48 12.99 16.02
N LEU A 457 -4.05 13.22 17.26
CA LEU A 457 -2.66 13.02 17.62
C LEU A 457 -2.24 11.56 17.48
N SER A 458 -3.11 10.63 17.90
CA SER A 458 -2.80 9.22 17.71
C SER A 458 -2.72 8.86 16.24
N MET A 459 -3.61 9.45 15.42
CA MET A 459 -3.54 9.24 13.98
C MET A 459 -2.24 9.80 13.41
N VAL A 460 -1.81 10.97 13.89
CA VAL A 460 -0.54 11.53 13.44
C VAL A 460 0.61 10.60 13.78
N SER A 461 0.62 10.07 15.01
CA SER A 461 1.68 9.18 15.41
C SER A 461 1.70 7.91 14.57
N GLU A 462 0.52 7.35 14.30
CA GLU A 462 0.45 6.16 13.46
C GLU A 462 0.94 6.44 12.05
N CYS A 463 0.55 7.59 11.48
CA CYS A 463 0.98 7.96 10.14
C CYS A 463 2.49 8.11 10.07
N LEU A 464 3.08 8.81 11.05
CA LEU A 464 4.53 9.00 11.05
C LEU A 464 5.28 7.68 11.25
N PHE A 465 4.77 6.82 12.14
CA PHE A 465 5.41 5.53 12.36
C PHE A 465 5.35 4.67 11.12
N SER A 466 4.24 4.72 10.39
CA SER A 466 4.16 4.02 9.11
C SER A 466 5.12 4.63 8.09
N LEU A 467 5.27 5.95 8.12
CA LEU A 467 6.16 6.62 7.16
C LEU A 467 7.61 6.18 7.36
N ILE A 468 8.07 6.14 8.61
CA ILE A 468 9.46 5.79 8.84
C ILE A 468 9.75 4.34 8.46
N ASN A 469 8.73 3.49 8.40
CA ASN A 469 8.89 2.11 7.98
C ASN A 469 8.54 1.90 6.51
N GLY A 470 8.43 2.98 5.74
CA GLY A 470 8.19 2.88 4.31
C GLY A 470 6.83 2.36 3.92
N ASP A 471 5.77 2.88 4.54
CA ASP A 471 4.40 2.48 4.22
C ASP A 471 3.52 3.72 4.07
N ASP A 472 2.67 3.70 3.04
CA ASP A 472 1.68 4.75 2.81
C ASP A 472 2.32 6.13 2.68
N MET A 473 3.42 6.20 1.93
CA MET A 473 4.12 7.48 1.72
C MET A 473 3.49 8.27 0.59
N PHE A 474 3.38 7.66 -0.58
CA PHE A 474 2.80 8.37 -1.72
C PHE A 474 1.36 8.74 -1.48
N VAL A 475 0.64 7.96 -0.66
CA VAL A 475 -0.74 8.31 -0.33
C VAL A 475 -0.78 9.63 0.43
N THR A 476 0.12 9.79 1.41
CA THR A 476 0.21 11.05 2.14
C THR A 476 0.56 12.21 1.20
N PHE A 477 1.57 12.00 0.35
CA PHE A 477 1.98 13.06 -0.57
C PHE A 477 0.84 13.45 -1.50
N ALA A 478 0.14 12.46 -2.05
CA ALA A 478 -0.96 12.74 -2.98
C ALA A 478 -2.14 13.38 -2.27
N ALA A 479 -2.40 13.01 -1.02
CA ALA A 479 -3.46 13.67 -0.27
C ALA A 479 -3.14 15.14 -0.07
N MET A 480 -1.87 15.46 0.23
CA MET A 480 -1.49 16.86 0.35
C MET A 480 -1.56 17.58 -1.00
N GLN A 481 -1.22 16.88 -2.08
CA GLN A 481 -1.16 17.52 -3.40
C GLN A 481 -2.53 17.79 -3.99
N ALA A 482 -3.47 16.85 -3.82
CA ALA A 482 -4.73 16.93 -4.54
C ALA A 482 -5.53 18.17 -4.18
N GLN A 483 -5.64 18.46 -2.88
CA GLN A 483 -6.38 19.62 -2.42
C GLN A 483 -5.54 20.89 -2.37
N GLN A 484 -4.23 20.78 -2.57
CA GLN A 484 -3.25 21.87 -2.48
C GLN A 484 -3.15 22.42 -1.07
N GLY A 485 -3.87 21.86 -0.10
CA GLY A 485 -3.93 22.45 1.22
C GLY A 485 -4.63 23.79 1.28
N HIS A 486 -5.31 24.19 0.19
CA HIS A 486 -5.99 25.48 0.08
C HIS A 486 -5.05 26.66 0.29
N SER A 487 -3.74 26.43 0.20
CA SER A 487 -2.75 27.47 0.36
C SER A 487 -1.41 26.93 -0.12
N SER A 488 -0.68 27.75 -0.89
CA SER A 488 0.64 27.35 -1.35
C SER A 488 1.64 27.27 -0.20
N LEU A 489 1.50 28.15 0.79
CA LEU A 489 2.38 28.11 1.95
C LEU A 489 2.24 26.79 2.71
N VAL A 490 1.00 26.33 2.90
CA VAL A 490 0.77 25.07 3.59
C VAL A 490 1.35 23.91 2.79
N TRP A 491 1.20 23.94 1.46
CA TRP A 491 1.75 22.89 0.63
C TRP A 491 3.28 22.85 0.70
N LEU A 492 3.92 24.02 0.63
CA LEU A 492 5.37 24.08 0.74
C LEU A 492 5.85 23.57 2.11
N PHE A 493 5.13 23.97 3.17
CA PHE A 493 5.48 23.49 4.50
C PHE A 493 5.33 21.98 4.60
N SER A 494 4.27 21.43 4.00
CA SER A 494 4.08 19.98 4.02
C SER A 494 5.19 19.27 3.28
N GLN A 495 5.61 19.82 2.14
CA GLN A 495 6.74 19.25 1.41
C GLN A 495 7.98 19.20 2.29
N LEU A 496 8.34 20.34 2.88
CA LEU A 496 9.54 20.39 3.73
C LEU A 496 9.41 19.44 4.90
N TYR A 497 8.25 19.44 5.56
CA TYR A 497 8.01 18.62 6.73
C TYR A 497 8.18 17.13 6.41
N LEU A 498 7.47 16.66 5.38
CA LEU A 498 7.50 15.24 5.05
C LEU A 498 8.89 14.82 4.58
N TYR A 499 9.51 15.60 3.69
CA TYR A 499 10.81 15.21 3.17
C TYR A 499 11.85 15.17 4.28
N SER A 500 11.89 16.20 5.12
CA SER A 500 12.87 16.23 6.21
C SER A 500 12.65 15.08 7.18
N PHE A 501 11.39 14.84 7.57
CA PHE A 501 11.11 13.79 8.54
C PHE A 501 11.51 12.42 8.01
N ILE A 502 11.06 12.10 6.79
CA ILE A 502 11.34 10.78 6.23
C ILE A 502 12.83 10.61 6.03
N SER A 503 13.49 11.62 5.45
CA SER A 503 14.92 11.53 5.19
C SER A 503 15.69 11.29 6.48
N LEU A 504 15.46 12.13 7.50
CA LEU A 504 16.19 11.98 8.76
C LEU A 504 15.94 10.60 9.36
N PHE A 505 14.66 10.24 9.56
CA PHE A 505 14.38 9.04 10.33
C PHE A 505 14.74 7.77 9.59
N ILE A 506 14.76 7.78 8.27
CA ILE A 506 15.12 6.58 7.52
C ILE A 506 16.62 6.46 7.33
N TYR A 507 17.29 7.55 6.94
CA TYR A 507 18.70 7.44 6.58
C TYR A 507 19.67 7.72 7.72
N MET A 508 19.19 8.14 8.89
CA MET A 508 20.09 8.30 10.02
C MET A 508 19.70 7.46 11.22
N VAL A 509 18.44 7.50 11.65
CA VAL A 509 18.04 6.81 12.87
C VAL A 509 18.09 5.30 12.70
N LEU A 510 17.52 4.80 11.61
CA LEU A 510 17.55 3.36 11.35
C LEU A 510 18.97 2.86 11.14
N SER A 511 19.79 3.65 10.43
CA SER A 511 21.18 3.29 10.23
C SER A 511 21.93 3.23 11.56
N LEU A 512 21.62 4.15 12.48
CA LEU A 512 22.27 4.11 13.79
C LEU A 512 21.81 2.92 14.61
N PHE A 513 20.54 2.53 14.49
CA PHE A 513 20.09 1.30 15.14
C PHE A 513 20.86 0.10 14.62
N ILE A 514 21.03 0.01 13.29
CA ILE A 514 21.79 -1.06 12.70
C ILE A 514 23.24 -1.04 13.21
N ALA A 515 23.82 0.16 13.30
CA ALA A 515 25.19 0.29 13.77
C ALA A 515 25.34 -0.16 15.21
N LEU A 516 24.38 0.19 16.06
CA LEU A 516 24.41 -0.25 17.46
C LEU A 516 24.35 -1.77 17.55
N ILE A 517 23.44 -2.39 16.80
CA ILE A 517 23.32 -3.85 16.84
C ILE A 517 24.59 -4.50 16.33
N THR A 518 25.15 -3.96 15.24
CA THR A 518 26.38 -4.52 14.69
C THR A 518 27.54 -4.40 15.66
N GLY A 519 27.64 -3.26 16.35
CA GLY A 519 28.69 -3.10 17.35
C GLY A 519 28.54 -4.08 18.51
N ALA A 520 27.32 -4.27 18.98
CA ALA A 520 27.10 -5.23 20.05
C ALA A 520 27.46 -6.64 19.61
N TYR A 521 27.10 -7.01 18.38
CA TYR A 521 27.47 -8.32 17.86
C TYR A 521 28.98 -8.46 17.74
N ASP A 522 29.67 -7.40 17.31
CA ASP A 522 31.12 -7.44 17.23
C ASP A 522 31.76 -7.63 18.59
N THR A 523 31.24 -6.94 19.61
CA THR A 523 31.78 -7.12 20.95
C THR A 523 31.54 -8.54 21.46
N ILE A 524 30.35 -9.09 21.21
CA ILE A 524 30.06 -10.46 21.66
C ILE A 524 30.97 -11.46 20.94
N LYS A 525 31.14 -11.29 19.63
CA LYS A 525 31.89 -12.27 18.84
C LYS A 525 33.38 -12.26 19.21
N HIS A 526 33.93 -11.10 19.52
CA HIS A 526 35.36 -10.94 19.82
C HIS A 526 35.51 -10.30 21.18
N PRO A 527 35.46 -11.11 22.26
CA PRO A 527 35.61 -10.62 23.63
C PRO A 527 37.03 -10.18 23.93
N GLU B 39 45.77 32.62 35.21
CA GLU B 39 45.35 33.95 34.77
C GLU B 39 43.85 34.12 34.92
N ASP B 40 43.41 35.38 35.01
CA ASP B 40 41.98 35.66 35.12
C ASP B 40 41.23 35.22 33.87
N LEU B 41 41.79 35.48 32.69
CA LEU B 41 41.14 35.07 31.45
C LEU B 41 41.00 33.56 31.37
N ARG B 42 42.04 32.82 31.78
CA ARG B 42 41.96 31.37 31.74
C ARG B 42 40.87 30.85 32.66
N ARG B 43 40.78 31.40 33.88
CA ARG B 43 39.75 30.96 34.81
C ARG B 43 38.35 31.29 34.30
N ARG B 44 38.17 32.49 33.76
CA ARG B 44 36.85 32.87 33.25
C ARG B 44 36.45 32.00 32.06
N LEU B 45 37.40 31.71 31.17
CA LEU B 45 37.12 30.80 30.07
C LEU B 45 36.83 29.39 30.56
N LYS B 46 37.48 28.97 31.65
CA LYS B 46 37.18 27.67 32.23
C LYS B 46 35.77 27.63 32.80
N TYR B 47 35.31 28.74 33.38
CA TYR B 47 33.91 28.80 33.81
C TYR B 47 32.97 28.61 32.63
N PHE B 48 33.28 29.22 31.49
CA PHE B 48 32.58 28.88 30.27
C PHE B 48 32.87 27.44 29.88
N PHE B 49 31.91 26.82 29.19
CA PHE B 49 31.97 25.46 28.67
C PHE B 49 31.81 24.38 29.74
N MET B 50 31.73 24.74 31.02
CA MET B 50 31.49 23.70 32.03
C MET B 50 30.04 23.25 31.99
N SER B 51 29.82 21.99 32.35
CA SER B 51 28.47 21.45 32.45
C SER B 51 27.72 22.11 33.61
N PRO B 52 26.38 22.09 33.56
CA PRO B 52 25.62 22.67 34.68
C PRO B 52 25.94 22.06 36.01
N CYS B 53 26.19 20.75 36.06
CA CYS B 53 26.57 20.11 37.32
C CYS B 53 27.91 20.65 37.82
N ASP B 54 28.86 20.84 36.91
CA ASP B 54 30.16 21.41 37.31
C ASP B 54 30.00 22.83 37.80
N LYS B 55 29.14 23.62 37.15
CA LYS B 55 28.88 24.98 37.62
C LYS B 55 28.26 24.97 39.01
N PHE B 56 27.33 24.05 39.25
CA PHE B 56 26.72 23.93 40.58
C PHE B 56 27.77 23.56 41.62
N ARG B 57 28.67 22.64 41.27
CA ARG B 57 29.75 22.29 42.19
C ARG B 57 30.66 23.47 42.47
N ALA B 58 30.97 24.26 41.44
CA ALA B 58 31.94 25.33 41.58
C ALA B 58 31.38 26.51 42.38
N LYS B 59 30.15 26.92 42.07
CA LYS B 59 29.60 28.14 42.67
C LYS B 59 28.31 27.93 43.45
N GLY B 60 27.71 26.74 43.41
CA GLY B 60 26.50 26.50 44.17
C GLY B 60 25.32 27.35 43.72
N ARG B 61 25.21 27.61 42.42
CA ARG B 61 24.11 28.38 41.86
C ARG B 61 23.09 27.41 41.27
N LYS B 62 21.84 27.53 41.71
CA LYS B 62 20.80 26.63 41.23
C LYS B 62 20.55 26.87 39.74
N PRO B 63 20.56 25.81 38.92
CA PRO B 63 20.34 26.01 37.48
C PRO B 63 18.91 26.39 37.16
N CYS B 64 18.55 27.63 37.44
CA CYS B 64 17.18 28.10 37.21
C CYS B 64 16.86 28.33 35.74
N LYS B 65 17.87 28.56 34.91
CA LYS B 65 17.61 28.69 33.48
C LYS B 65 17.10 27.37 32.89
N LEU B 66 17.65 26.25 33.35
CA LEU B 66 17.18 24.94 32.89
C LEU B 66 15.72 24.72 33.30
N MET B 67 15.38 25.07 34.54
CA MET B 67 14.00 24.95 34.99
C MET B 67 13.07 25.87 34.19
N LEU B 68 13.55 27.08 33.88
CA LEU B 68 12.75 27.98 33.05
C LEU B 68 12.49 27.39 31.68
N GLN B 69 13.51 26.75 31.09
CA GLN B 69 13.32 26.16 29.77
C GLN B 69 12.37 24.97 29.83
N VAL B 70 12.43 24.18 30.90
CA VAL B 70 11.49 23.07 31.06
C VAL B 70 10.06 23.60 31.18
N VAL B 71 9.88 24.66 31.98
CA VAL B 71 8.56 25.28 32.12
C VAL B 71 8.09 25.81 30.76
N LYS B 72 9.00 26.39 29.98
CA LYS B 72 8.65 26.88 28.66
C LYS B 72 8.17 25.76 27.76
N ILE B 73 8.89 24.62 27.77
CA ILE B 73 8.47 23.47 26.97
C ILE B 73 7.06 23.04 27.37
N LEU B 74 6.81 22.94 28.67
CA LEU B 74 5.49 22.51 29.14
C LEU B 74 4.40 23.47 28.69
N VAL B 75 4.62 24.77 28.87
CA VAL B 75 3.55 25.73 28.58
C VAL B 75 3.29 25.82 27.07
N VAL B 76 4.34 25.77 26.24
CA VAL B 76 4.10 25.84 24.81
C VAL B 76 3.40 24.59 24.32
N THR B 77 3.74 23.42 24.88
CA THR B 77 3.04 22.21 24.47
C THR B 77 1.57 22.27 24.86
N VAL B 78 1.27 22.76 26.07
CA VAL B 78 -0.12 22.85 26.51
C VAL B 78 -0.90 23.82 25.62
N GLN B 79 -0.30 24.98 25.32
CA GLN B 79 -0.98 25.95 24.47
C GLN B 79 -1.25 25.37 23.08
N LEU B 80 -0.26 24.67 22.52
CA LEU B 80 -0.46 24.06 21.20
C LEU B 80 -1.57 23.02 21.24
N ILE B 81 -1.64 22.23 22.31
CA ILE B 81 -2.68 21.20 22.41
C ILE B 81 -4.07 21.84 22.45
N LEU B 82 -4.22 22.87 23.28
CA LEU B 82 -5.52 23.54 23.37
C LEU B 82 -5.92 24.17 22.05
N PHE B 83 -4.97 24.84 21.39
CA PHE B 83 -5.24 25.44 20.09
C PHE B 83 -5.65 24.38 19.07
N GLY B 84 -4.96 23.23 19.08
CA GLY B 84 -5.29 22.17 18.16
C GLY B 84 -6.69 21.61 18.39
N LEU B 85 -7.08 21.46 19.65
CA LEU B 85 -8.41 20.94 19.94
C LEU B 85 -9.50 21.90 19.44
N SER B 86 -9.33 23.19 19.71
CA SER B 86 -10.32 24.16 19.25
C SER B 86 -10.38 24.19 17.71
N ASN B 87 -9.22 24.16 17.06
CA ASN B 87 -9.19 24.16 15.61
C ASN B 87 -9.83 22.89 15.05
N GLN B 88 -9.63 21.76 15.72
CA GLN B 88 -10.28 20.52 15.29
C GLN B 88 -11.79 20.66 15.31
N LEU B 89 -12.33 21.23 16.38
CA LEU B 89 -13.78 21.42 16.44
C LEU B 89 -14.28 22.31 15.31
N VAL B 90 -13.58 23.43 15.07
CA VAL B 90 -14.02 24.35 14.03
C VAL B 90 -13.96 23.69 12.65
N VAL B 91 -12.87 22.98 12.38
CA VAL B 91 -12.69 22.33 11.08
C VAL B 91 -13.76 21.27 10.86
N THR B 92 -14.05 20.49 11.90
CA THR B 92 -15.09 19.45 11.76
C THR B 92 -16.44 20.09 11.44
N PHE B 93 -16.79 21.17 12.14
CA PHE B 93 -18.07 21.82 11.85
C PHE B 93 -18.12 22.32 10.40
N ARG B 94 -17.06 22.98 9.95
CA ARG B 94 -17.03 23.51 8.60
C ARG B 94 -17.16 22.40 7.57
N GLU B 95 -16.41 21.30 7.75
CA GLU B 95 -16.43 20.21 6.79
C GLU B 95 -17.80 19.56 6.73
N GLU B 96 -18.43 19.32 7.89
CA GLU B 96 -19.76 18.71 7.89
C GLU B 96 -20.77 19.60 7.18
N ASN B 97 -20.72 20.91 7.44
CA ASN B 97 -21.64 21.82 6.77
C ASN B 97 -21.41 21.83 5.27
N THR B 98 -20.15 21.78 4.84
CA THR B 98 -19.85 21.76 3.41
C THR B 98 -20.38 20.49 2.75
N ILE B 99 -20.24 19.34 3.43
CA ILE B 99 -20.80 18.10 2.88
C ILE B 99 -22.31 18.20 2.76
N ALA B 100 -22.97 18.76 3.78
CA ALA B 100 -24.41 18.94 3.72
C ALA B 100 -24.80 19.83 2.54
N PHE B 101 -24.05 20.92 2.32
CA PHE B 101 -24.34 21.80 1.19
C PHE B 101 -24.16 21.08 -0.14
N ARG B 102 -23.11 20.25 -0.25
CA ARG B 102 -22.90 19.49 -1.47
C ARG B 102 -24.06 18.55 -1.76
N HIS B 103 -24.56 17.88 -0.71
CA HIS B 103 -25.70 17.00 -0.92
C HIS B 103 -26.97 17.78 -1.22
N LEU B 104 -27.09 19.00 -0.70
CA LEU B 104 -28.32 19.78 -0.89
C LEU B 104 -28.39 20.41 -2.27
N PHE B 105 -27.27 20.90 -2.82
CA PHE B 105 -27.30 21.76 -3.99
C PHE B 105 -26.77 21.13 -5.27
N LEU B 106 -26.06 20.02 -5.19
CA LEU B 106 -25.48 19.38 -6.36
C LEU B 106 -26.39 18.23 -6.80
N LEU B 107 -26.87 18.31 -8.04
CA LEU B 107 -27.84 17.33 -8.54
C LEU B 107 -27.16 15.98 -8.77
N GLY B 108 -27.70 14.94 -8.15
CA GLY B 108 -27.14 13.61 -8.30
C GLY B 108 -25.80 13.41 -7.65
N TYR B 109 -25.46 14.22 -6.64
CA TYR B 109 -24.16 14.13 -6.00
C TYR B 109 -24.07 12.88 -5.13
N SER B 110 -22.91 12.23 -5.16
CA SER B 110 -22.62 11.09 -4.31
C SER B 110 -21.27 11.30 -3.64
N ASP B 111 -21.14 10.75 -2.43
CA ASP B 111 -19.90 10.92 -1.68
C ASP B 111 -18.73 10.25 -2.39
N GLY B 112 -17.56 10.87 -2.28
CA GLY B 112 -16.37 10.32 -2.87
C GLY B 112 -16.25 10.48 -4.37
N SER B 113 -16.98 11.42 -4.96
CA SER B 113 -16.96 11.64 -6.40
C SER B 113 -16.75 13.12 -6.74
N ASP B 114 -16.07 13.85 -5.86
CA ASP B 114 -15.87 15.28 -6.09
C ASP B 114 -14.97 15.53 -7.29
N ASP B 115 -13.94 14.70 -7.48
CA ASP B 115 -12.97 14.94 -8.54
C ASP B 115 -13.52 14.58 -9.92
N THR B 116 -14.51 13.70 -10.00
CA THR B 116 -15.08 13.29 -11.28
C THR B 116 -16.46 13.87 -11.54
N PHE B 117 -17.02 14.64 -10.61
CA PHE B 117 -18.35 15.21 -10.78
C PHE B 117 -18.32 16.25 -11.90
N ALA B 118 -19.04 15.97 -12.98
CA ALA B 118 -19.01 16.85 -14.14
C ALA B 118 -20.27 16.65 -14.97
N ALA B 119 -20.56 17.63 -15.81
CA ALA B 119 -21.65 17.58 -16.76
C ALA B 119 -21.10 17.40 -18.17
N TYR B 120 -21.81 16.65 -19.00
CA TYR B 120 -21.35 16.32 -20.34
C TYR B 120 -22.32 16.71 -21.44
N THR B 121 -23.53 17.16 -21.12
CA THR B 121 -24.49 17.61 -22.11
C THR B 121 -25.07 18.95 -21.67
N GLN B 122 -25.66 19.66 -22.64
CA GLN B 122 -26.32 20.92 -22.33
C GLN B 122 -27.48 20.72 -21.37
N GLU B 123 -28.26 19.65 -21.57
CA GLU B 123 -29.36 19.34 -20.68
C GLU B 123 -28.86 19.10 -19.26
N GLN B 124 -27.76 18.36 -19.12
CA GLN B 124 -27.22 18.09 -17.78
C GLN B 124 -26.84 19.39 -17.08
N LEU B 125 -26.17 20.30 -17.79
CA LEU B 125 -25.78 21.57 -17.20
C LEU B 125 -27.00 22.39 -16.79
N TYR B 126 -28.01 22.44 -17.66
CA TYR B 126 -29.23 23.20 -17.34
C TYR B 126 -29.91 22.62 -16.10
N GLN B 127 -30.04 21.30 -16.04
CA GLN B 127 -30.68 20.67 -14.89
C GLN B 127 -29.89 20.91 -13.61
N ALA B 128 -28.55 20.85 -13.70
CA ALA B 128 -27.73 21.08 -12.51
C ALA B 128 -27.93 22.50 -11.98
N ILE B 129 -27.87 23.49 -12.87
CA ILE B 129 -28.02 24.89 -12.46
C ILE B 129 -29.41 25.11 -11.86
N PHE B 130 -30.44 24.64 -12.56
CA PHE B 130 -31.81 24.84 -12.09
C PHE B 130 -32.06 24.12 -10.78
N TYR B 131 -31.51 22.93 -10.62
CA TYR B 131 -31.65 22.21 -9.36
C TYR B 131 -30.99 22.97 -8.21
N ALA B 132 -29.79 23.51 -8.45
CA ALA B 132 -29.13 24.28 -7.40
C ALA B 132 -29.99 25.48 -6.97
N VAL B 133 -30.49 26.23 -7.95
CA VAL B 133 -31.29 27.42 -7.61
C VAL B 133 -32.59 27.03 -6.93
N ASP B 134 -33.26 25.98 -7.43
CA ASP B 134 -34.52 25.54 -6.85
C ASP B 134 -34.34 25.06 -5.42
N GLN B 135 -33.27 24.29 -5.17
CA GLN B 135 -33.00 23.85 -3.80
C GLN B 135 -32.68 25.02 -2.90
N TYR B 136 -32.02 26.05 -3.43
CA TYR B 136 -31.82 27.27 -2.64
C TYR B 136 -33.15 27.91 -2.28
N LEU B 137 -34.09 27.96 -3.22
CA LEU B 137 -35.34 28.68 -2.99
C LEU B 137 -36.26 28.00 -1.98
N ILE B 138 -36.08 26.70 -1.72
CA ILE B 138 -36.95 26.00 -0.79
C ILE B 138 -36.11 25.44 0.36
N LEU B 139 -35.00 26.10 0.67
CA LEU B 139 -34.09 25.60 1.69
C LEU B 139 -34.72 25.46 3.07
N PRO B 140 -35.48 26.42 3.60
CA PRO B 140 -35.97 26.28 4.98
C PRO B 140 -36.83 25.05 5.21
N GLU B 141 -37.60 24.61 4.22
CA GLU B 141 -38.53 23.51 4.41
C GLU B 141 -37.93 22.15 4.07
N ILE B 142 -36.66 22.08 3.67
CA ILE B 142 -36.03 20.80 3.36
C ILE B 142 -34.76 20.56 4.16
N SER B 143 -34.07 21.58 4.62
CA SER B 143 -32.78 21.40 5.26
C SER B 143 -32.94 20.90 6.68
N LEU B 144 -32.02 20.01 7.10
CA LEU B 144 -31.98 19.55 8.48
C LEU B 144 -31.29 20.54 9.41
N GLY B 145 -30.52 21.47 8.85
CA GLY B 145 -29.87 22.50 9.63
C GLY B 145 -30.63 23.82 9.54
N ARG B 146 -30.53 24.61 10.59
CA ARG B 146 -31.21 25.90 10.65
C ARG B 146 -30.32 26.92 9.96
N TYR B 147 -30.57 27.12 8.67
CA TYR B 147 -29.84 28.08 7.85
C TYR B 147 -30.73 29.28 7.55
N ALA B 148 -30.17 30.47 7.65
CA ALA B 148 -30.88 31.70 7.38
C ALA B 148 -30.32 32.38 6.15
N TYR B 149 -31.21 32.94 5.33
CA TYR B 149 -30.78 33.69 4.16
C TYR B 149 -30.03 34.94 4.58
N VAL B 150 -29.13 35.39 3.71
CA VAL B 150 -28.34 36.60 3.93
C VAL B 150 -28.69 37.57 2.81
N ARG B 151 -29.41 38.63 3.15
CA ARG B 151 -29.76 39.64 2.15
C ARG B 151 -28.52 40.40 1.70
N GLY B 152 -28.42 40.62 0.39
CA GLY B 152 -27.25 41.29 -0.15
C GLY B 152 -25.99 40.45 -0.19
N GLY B 153 -26.11 39.14 0.03
CA GLY B 153 -24.98 38.24 0.06
C GLY B 153 -24.61 37.63 -1.28
N GLY B 154 -25.22 38.09 -2.38
CA GLY B 154 -24.94 37.52 -3.68
C GLY B 154 -23.56 37.85 -4.23
N GLY B 155 -22.81 38.72 -3.56
CA GLY B 155 -21.48 39.05 -3.98
C GLY B 155 -21.39 40.38 -4.70
N PRO B 156 -20.20 40.71 -5.21
CA PRO B 156 -20.03 41.98 -5.92
C PRO B 156 -20.92 42.11 -7.15
N TRP B 157 -21.24 41.00 -7.80
CA TRP B 157 -22.05 41.03 -9.02
C TRP B 157 -23.55 41.09 -8.74
N ALA B 158 -23.95 41.09 -7.47
CA ALA B 158 -25.34 41.24 -7.10
C ALA B 158 -25.62 42.67 -6.64
N ASN B 159 -26.82 43.14 -6.92
CA ASN B 159 -27.25 44.49 -6.56
C ASN B 159 -28.09 44.51 -5.29
N GLY B 160 -27.74 43.66 -4.32
CA GLY B 160 -28.50 43.50 -3.10
C GLY B 160 -29.30 42.23 -3.04
N SER B 161 -29.36 41.46 -4.13
CA SER B 161 -30.04 40.18 -4.11
C SER B 161 -29.21 39.15 -3.36
N ALA B 162 -29.90 38.14 -2.81
CA ALA B 162 -29.21 37.14 -2.00
C ALA B 162 -28.44 36.14 -2.85
N LEU B 163 -28.93 35.78 -4.02
CA LEU B 163 -28.27 34.85 -4.90
C LEU B 163 -27.94 35.51 -6.23
N ALA B 164 -26.73 35.26 -6.73
CA ALA B 164 -26.30 35.76 -8.03
C ALA B 164 -25.97 34.58 -8.92
N LEU B 165 -26.59 34.52 -10.09
CA LEU B 165 -26.36 33.48 -11.08
C LEU B 165 -25.72 34.15 -12.29
N CYS B 166 -24.40 34.02 -12.41
CA CYS B 166 -23.63 34.71 -13.42
C CYS B 166 -23.01 33.71 -14.39
N GLN B 167 -23.08 34.05 -15.68
CA GLN B 167 -22.37 33.30 -16.71
C GLN B 167 -21.39 34.25 -17.40
N ARG B 168 -20.20 33.75 -17.69
CA ARG B 168 -19.14 34.53 -18.30
C ARG B 168 -18.77 33.92 -19.63
N TYR B 169 -18.67 34.76 -20.67
CA TYR B 169 -18.36 34.29 -22.00
C TYR B 169 -17.54 35.36 -22.72
N TYR B 170 -16.89 34.95 -23.80
CA TYR B 170 -16.08 35.87 -24.58
C TYR B 170 -16.97 36.88 -25.30
N HIS B 171 -16.43 38.08 -25.53
CA HIS B 171 -17.21 39.14 -26.15
C HIS B 171 -17.66 38.74 -27.54
N ARG B 172 -16.75 38.17 -28.34
CA ARG B 172 -17.08 37.65 -29.66
C ARG B 172 -16.42 36.29 -29.80
N GLY B 173 -17.23 35.28 -30.11
CA GLY B 173 -16.76 33.92 -30.08
C GLY B 173 -17.15 33.06 -31.26
N HIS B 174 -17.19 33.64 -32.45
CA HIS B 174 -17.53 32.89 -33.66
C HIS B 174 -16.43 31.86 -33.93
N VAL B 175 -16.74 30.59 -33.67
CA VAL B 175 -15.80 29.49 -33.85
C VAL B 175 -16.39 28.51 -34.87
N ASP B 176 -15.62 28.18 -35.89
CA ASP B 176 -16.05 27.29 -36.97
C ASP B 176 -14.99 26.23 -37.19
N PRO B 177 -15.06 25.10 -36.47
CA PRO B 177 -14.08 24.03 -36.68
C PRO B 177 -14.10 23.47 -38.09
N ALA B 178 -15.26 23.46 -38.75
CA ALA B 178 -15.33 22.93 -40.12
C ALA B 178 -14.58 23.83 -41.10
N ASN B 179 -14.78 25.14 -41.00
CA ASN B 179 -14.16 26.10 -41.91
C ASN B 179 -12.87 26.68 -41.36
N ASP B 180 -12.43 26.24 -40.18
CA ASP B 180 -11.19 26.72 -39.55
C ASP B 180 -11.22 28.23 -39.34
N THR B 181 -12.23 28.70 -38.62
CA THR B 181 -12.39 30.11 -38.30
C THR B 181 -12.32 30.31 -36.79
N PHE B 182 -11.49 31.26 -36.35
CA PHE B 182 -11.25 31.48 -34.93
C PHE B 182 -11.39 32.95 -34.58
N ASP B 183 -12.36 33.65 -35.19
CA ASP B 183 -12.54 35.07 -34.91
C ASP B 183 -12.95 35.26 -33.45
N ILE B 184 -12.02 35.73 -32.62
CA ILE B 184 -12.18 35.73 -31.17
C ILE B 184 -11.84 37.12 -30.65
N ASP B 185 -12.70 37.67 -29.81
CA ASP B 185 -12.39 38.87 -29.04
C ASP B 185 -12.17 38.45 -27.59
N PRO B 186 -10.95 38.54 -27.06
CA PRO B 186 -10.67 37.97 -25.74
C PRO B 186 -11.36 38.66 -24.58
N ARG B 187 -12.16 39.69 -24.82
CA ARG B 187 -12.88 40.35 -23.74
C ARG B 187 -13.93 39.41 -23.16
N VAL B 188 -14.02 39.38 -21.83
CA VAL B 188 -14.98 38.55 -21.13
C VAL B 188 -16.19 39.39 -20.76
N VAL B 189 -17.38 38.82 -20.97
CA VAL B 189 -18.64 39.49 -20.69
C VAL B 189 -19.36 38.71 -19.60
N THR B 190 -19.73 39.41 -18.52
CA THR B 190 -20.39 38.79 -17.37
C THR B 190 -21.86 39.20 -17.38
N ASP B 191 -22.73 38.23 -17.59
CA ASP B 191 -24.17 38.43 -17.56
C ASP B 191 -24.72 37.76 -16.30
N CYS B 192 -25.36 38.54 -15.45
CA CYS B 192 -25.81 38.08 -14.14
C CYS B 192 -27.33 38.09 -14.05
N ILE B 193 -27.86 37.18 -13.24
CA ILE B 193 -29.28 37.12 -12.92
C ILE B 193 -29.42 37.17 -11.41
N GLN B 194 -30.27 38.08 -10.94
CA GLN B 194 -30.46 38.27 -9.50
C GLN B 194 -31.65 37.45 -9.03
N VAL B 195 -31.43 36.66 -7.98
CA VAL B 195 -32.45 35.79 -7.41
C VAL B 195 -32.61 36.16 -5.94
N ASP B 196 -33.86 36.35 -5.50
CA ASP B 196 -34.15 36.69 -4.12
C ASP B 196 -35.10 35.65 -3.54
N PRO B 197 -34.83 35.16 -2.32
CA PRO B 197 -35.73 34.20 -1.70
C PRO B 197 -37.03 34.87 -1.29
N PRO B 198 -38.11 34.11 -1.19
CA PRO B 198 -39.39 34.71 -0.75
C PRO B 198 -39.29 35.26 0.66
N ASP B 199 -39.98 36.37 0.89
CA ASP B 199 -39.98 37.00 2.21
C ASP B 199 -40.92 36.24 3.12
N ARG B 200 -40.36 35.72 4.22
CA ARG B 200 -41.12 34.95 5.21
C ARG B 200 -41.87 33.77 4.57
N ALA B 216 -39.07 33.67 -10.88
CA ALA B 216 -38.65 32.52 -11.67
C ALA B 216 -38.03 32.98 -12.99
N SER B 217 -37.52 34.21 -13.02
CA SER B 217 -36.88 34.72 -14.22
C SER B 217 -35.59 34.00 -14.55
N TYR B 218 -34.97 33.34 -13.57
CA TYR B 218 -33.78 32.54 -13.83
C TYR B 218 -34.07 31.33 -14.69
N LYS B 219 -35.34 30.91 -14.80
CA LYS B 219 -35.67 29.78 -15.64
C LYS B 219 -35.45 30.08 -17.11
N ASN B 220 -35.50 31.35 -17.50
CA ASN B 220 -35.26 31.77 -18.87
C ASN B 220 -33.78 31.94 -19.18
N LEU B 221 -32.90 31.41 -18.32
CA LEU B 221 -31.47 31.49 -18.56
C LEU B 221 -31.10 30.77 -19.84
N THR B 222 -30.30 31.43 -20.68
CA THR B 222 -29.84 30.87 -21.94
C THR B 222 -28.32 30.96 -21.99
N LEU B 223 -27.66 29.82 -22.20
CA LEU B 223 -26.21 29.77 -22.16
C LEU B 223 -25.63 29.95 -23.56
N LYS B 224 -24.33 30.24 -23.58
CA LYS B 224 -23.60 30.53 -24.81
C LYS B 224 -22.49 29.51 -25.01
N PHE B 225 -22.85 28.23 -24.94
CA PHE B 225 -21.93 27.10 -24.92
C PHE B 225 -20.72 27.25 -25.85
N HIS B 226 -20.94 27.78 -27.06
CA HIS B 226 -19.84 27.88 -28.01
C HIS B 226 -18.75 28.83 -27.51
N LYS B 227 -19.11 29.79 -26.65
CA LYS B 227 -18.15 30.75 -26.12
C LYS B 227 -18.18 30.83 -24.61
N LEU B 228 -18.80 29.87 -23.94
CA LEU B 228 -18.95 29.92 -22.49
C LEU B 228 -17.61 29.69 -21.80
N ILE B 229 -17.37 30.43 -20.72
CA ILE B 229 -16.17 30.30 -19.91
C ILE B 229 -16.46 29.58 -18.60
N ASN B 230 -17.41 30.09 -17.82
CA ASN B 230 -17.86 29.40 -16.62
C ASN B 230 -19.21 29.95 -16.20
N VAL B 231 -19.89 29.20 -15.34
CA VAL B 231 -21.13 29.63 -14.70
C VAL B 231 -20.93 29.49 -13.19
N THR B 232 -21.30 30.53 -12.45
CA THR B 232 -21.09 30.57 -11.01
C THR B 232 -22.38 30.93 -10.30
N ILE B 233 -22.52 30.43 -9.08
CA ILE B 233 -23.65 30.74 -8.21
C ILE B 233 -23.11 31.16 -6.87
N HIS B 234 -23.45 32.38 -6.43
CA HIS B 234 -23.00 32.92 -5.16
C HIS B 234 -24.19 33.16 -4.25
N PHE B 235 -24.11 32.67 -3.02
CA PHE B 235 -25.07 33.03 -1.98
C PHE B 235 -24.43 32.74 -0.64
N GLN B 236 -25.01 33.31 0.42
CA GLN B 236 -24.50 33.16 1.76
C GLN B 236 -25.58 32.61 2.68
N LEU B 237 -25.18 31.70 3.56
CA LEU B 237 -26.05 31.15 4.59
C LEU B 237 -25.38 31.33 5.94
N LYS B 238 -26.13 31.79 6.93
CA LYS B 238 -25.60 31.97 8.28
C LYS B 238 -26.35 31.05 9.23
N THR B 239 -25.61 30.46 10.17
CA THR B 239 -26.17 29.53 11.13
C THR B 239 -25.48 29.72 12.47
N ILE B 240 -25.88 28.93 13.46
CA ILE B 240 -25.34 29.00 14.80
C ILE B 240 -24.79 27.63 15.16
N ASN B 241 -23.55 27.59 15.66
CA ASN B 241 -22.93 26.35 16.12
C ASN B 241 -23.49 26.04 17.49
N LEU B 242 -24.43 25.08 17.55
CA LEU B 242 -25.11 24.79 18.81
C LEU B 242 -24.21 24.04 19.79
N GLN B 243 -23.24 23.28 19.28
CA GLN B 243 -22.29 22.63 20.17
C GLN B 243 -21.50 23.65 20.99
N SER B 244 -21.07 24.74 20.35
CA SER B 244 -20.41 25.80 21.08
C SER B 244 -21.34 26.44 22.09
N LEU B 245 -22.62 26.58 21.75
CA LEU B 245 -23.59 27.15 22.68
C LEU B 245 -23.73 26.28 23.92
N ILE B 246 -23.85 24.97 23.74
CA ILE B 246 -24.10 24.08 24.87
C ILE B 246 -22.84 23.87 25.70
N ASN B 247 -21.71 23.63 25.04
CA ASN B 247 -20.51 23.19 25.76
C ASN B 247 -19.78 24.35 26.40
N ASN B 248 -19.29 25.29 25.60
CA ASN B 248 -18.45 26.38 26.11
C ASN B 248 -19.22 27.68 26.30
N GLU B 249 -20.53 27.68 26.05
CA GLU B 249 -21.41 28.82 26.31
C GLU B 249 -21.04 30.07 25.53
N ILE B 250 -20.12 29.98 24.57
CA ILE B 250 -19.71 31.10 23.75
C ILE B 250 -20.52 31.06 22.46
N PRO B 251 -21.37 32.05 22.19
CA PRO B 251 -22.20 32.00 20.98
C PRO B 251 -21.38 32.35 19.74
N ASP B 252 -21.12 31.34 18.90
CA ASP B 252 -20.44 31.51 17.64
C ASP B 252 -21.44 31.41 16.50
N CYS B 253 -21.51 32.45 15.68
CA CYS B 253 -22.47 32.52 14.58
C CYS B 253 -21.69 32.46 13.27
N TYR B 254 -21.81 31.34 12.56
CA TYR B 254 -21.06 31.13 11.33
C TYR B 254 -21.76 31.78 10.15
N THR B 255 -20.98 32.16 9.14
CA THR B 255 -21.51 32.71 7.89
C THR B 255 -20.79 32.02 6.75
N PHE B 256 -21.50 31.16 6.02
CA PHE B 256 -20.92 30.38 4.94
C PHE B 256 -21.13 31.11 3.62
N SER B 257 -20.05 31.36 2.88
CA SER B 257 -20.13 31.90 1.53
C SER B 257 -19.99 30.74 0.56
N ILE B 258 -21.09 30.37 -0.08
CA ILE B 258 -21.13 29.19 -0.95
C ILE B 258 -20.94 29.64 -2.39
N LEU B 259 -20.02 28.99 -3.09
CA LEU B 259 -19.76 29.25 -4.50
C LEU B 259 -19.80 27.94 -5.25
N ILE B 260 -20.71 27.83 -6.21
CA ILE B 260 -20.82 26.67 -7.07
C ILE B 260 -20.30 27.07 -8.45
N THR B 261 -19.31 26.32 -8.95
CA THR B 261 -18.64 26.65 -10.19
C THR B 261 -18.90 25.57 -11.23
N PHE B 262 -19.29 25.99 -12.43
CA PHE B 262 -19.41 25.12 -13.59
C PHE B 262 -18.32 25.58 -14.57
N ASP B 263 -17.16 24.95 -14.47
CA ASP B 263 -15.96 25.45 -15.12
C ASP B 263 -15.86 24.90 -16.54
N ASN B 264 -15.75 25.80 -17.52
CA ASN B 264 -15.54 25.44 -18.92
C ASN B 264 -14.27 26.07 -19.47
N LYS B 265 -13.30 26.38 -18.61
CA LYS B 265 -12.07 27.02 -19.06
C LYS B 265 -11.26 26.10 -19.97
N ALA B 266 -11.40 24.78 -19.81
CA ALA B 266 -10.67 23.85 -20.66
C ALA B 266 -11.26 23.77 -22.06
N HIS B 267 -12.55 24.04 -22.22
CA HIS B 267 -13.24 23.96 -23.49
C HIS B 267 -13.05 22.59 -24.14
N SER B 268 -13.15 21.54 -23.32
CA SER B 268 -12.89 20.18 -23.76
C SER B 268 -14.16 19.33 -23.85
N GLY B 269 -15.33 19.93 -23.73
CA GLY B 269 -16.57 19.19 -23.79
C GLY B 269 -17.00 18.56 -22.49
N ARG B 270 -16.19 18.66 -21.45
CA ARG B 270 -16.52 18.14 -20.13
C ARG B 270 -16.40 19.28 -19.13
N ILE B 271 -17.49 19.56 -18.41
CA ILE B 271 -17.53 20.70 -17.50
C ILE B 271 -17.58 20.20 -16.07
N PRO B 272 -16.47 20.26 -15.33
CA PRO B 272 -16.51 19.85 -13.93
C PRO B 272 -17.35 20.82 -13.09
N ILE B 273 -17.95 20.27 -12.04
CA ILE B 273 -18.84 21.01 -11.16
C ILE B 273 -18.26 20.96 -9.75
N ARG B 274 -18.11 22.12 -9.12
CA ARG B 274 -17.46 22.24 -7.82
C ARG B 274 -18.34 23.06 -6.88
N LEU B 275 -18.23 22.75 -5.59
CA LEU B 275 -18.84 23.54 -4.54
C LEU B 275 -17.77 23.88 -3.52
N GLU B 276 -17.60 25.17 -3.24
CA GLU B 276 -16.61 25.65 -2.28
C GLU B 276 -17.27 26.58 -1.30
N THR B 277 -16.76 26.59 -0.07
CA THR B 277 -17.29 27.42 0.99
C THR B 277 -16.20 28.23 1.64
N LYS B 278 -16.53 29.46 2.03
CA LYS B 278 -15.68 30.31 2.85
C LYS B 278 -16.46 30.70 4.09
N THR B 279 -15.81 30.61 5.25
CA THR B 279 -16.48 30.78 6.53
C THR B 279 -15.95 32.01 7.24
N HIS B 280 -16.87 32.83 7.75
CA HIS B 280 -16.53 33.99 8.57
C HIS B 280 -17.14 33.80 9.95
N ILE B 281 -16.31 33.51 10.93
CA ILE B 281 -16.77 33.33 12.31
C ILE B 281 -17.02 34.70 12.91
N GLN B 282 -18.05 34.80 13.75
CA GLN B 282 -18.41 36.07 14.35
C GLN B 282 -19.18 35.80 15.65
N GLU B 283 -18.73 36.41 16.73
CA GLU B 283 -19.51 36.39 17.97
C GLU B 283 -20.80 37.16 17.77
N CYS B 284 -21.90 36.57 18.20
CA CYS B 284 -23.22 37.16 18.04
C CYS B 284 -23.85 37.41 19.40
N LYS B 285 -24.40 38.60 19.58
CA LYS B 285 -24.97 39.03 20.85
C LYS B 285 -26.13 38.15 21.30
N SER B 296 -10.57 35.73 30.73
CA SER B 296 -10.68 34.35 30.26
C SER B 296 -9.38 33.58 30.51
N PHE B 297 -9.50 32.27 30.73
CA PHE B 297 -8.34 31.45 31.00
C PHE B 297 -7.41 31.39 29.79
N ARG B 298 -7.99 31.35 28.59
CA ARG B 298 -7.17 31.23 27.37
C ARG B 298 -6.25 32.44 27.21
N LEU B 299 -6.80 33.64 27.39
CA LEU B 299 -5.99 34.85 27.24
C LEU B 299 -4.91 34.94 28.30
N LEU B 300 -5.25 34.59 29.55
CA LEU B 300 -4.26 34.61 30.62
C LEU B 300 -3.14 33.61 30.35
N PHE B 301 -3.49 32.41 29.86
CA PHE B 301 -2.46 31.43 29.55
C PHE B 301 -1.60 31.89 28.38
N ASP B 302 -2.20 32.55 27.39
CA ASP B 302 -1.40 33.11 26.30
C ASP B 302 -0.43 34.17 26.80
N VAL B 303 -0.89 35.02 27.72
CA VAL B 303 -0.01 36.03 28.31
C VAL B 303 1.12 35.37 29.09
N VAL B 304 0.80 34.29 29.83
CA VAL B 304 1.83 33.57 30.58
C VAL B 304 2.87 32.98 29.62
N VAL B 305 2.42 32.39 28.52
CA VAL B 305 3.34 31.83 27.54
C VAL B 305 4.22 32.92 26.96
N ILE B 306 3.64 34.07 26.63
CA ILE B 306 4.41 35.18 26.07
C ILE B 306 5.47 35.65 27.07
N LEU B 307 5.09 35.78 28.33
CA LEU B 307 6.04 36.24 29.35
C LEU B 307 7.17 35.24 29.54
N THR B 308 6.85 33.94 29.58
CA THR B 308 7.89 32.93 29.74
C THR B 308 8.84 32.94 28.55
N CYS B 309 8.31 33.05 27.34
CA CYS B 309 9.16 33.08 26.15
C CYS B 309 10.03 34.33 26.14
N SER B 310 9.48 35.47 26.57
CA SER B 310 10.26 36.70 26.60
C SER B 310 11.40 36.59 27.62
N LEU B 311 11.12 36.02 28.80
CA LEU B 311 12.17 35.85 29.80
C LEU B 311 13.26 34.92 29.29
N SER B 312 12.87 33.81 28.65
CA SER B 312 13.86 32.89 28.11
C SER B 312 14.69 33.57 27.03
N PHE B 313 14.05 34.36 26.17
CA PHE B 313 14.77 35.07 25.13
C PHE B 313 15.77 36.06 25.73
N LEU B 314 15.36 36.79 26.76
CA LEU B 314 16.26 37.74 27.41
C LEU B 314 17.47 37.03 28.00
N LEU B 315 17.23 35.93 28.73
CA LEU B 315 18.34 35.21 29.35
C LEU B 315 19.29 34.63 28.31
N CYS B 316 18.74 34.05 27.24
CA CYS B 316 19.60 33.46 26.22
C CYS B 316 20.38 34.53 25.47
N ALA B 317 19.76 35.68 25.19
CA ALA B 317 20.48 36.76 24.53
C ALA B 317 21.60 37.29 25.41
N ARG B 318 21.35 37.42 26.72
CA ARG B 318 22.41 37.86 27.63
C ARG B 318 23.55 36.86 27.66
N SER B 319 23.24 35.57 27.68
CA SER B 319 24.29 34.56 27.66
C SER B 319 25.10 34.61 26.37
N LEU B 320 24.42 34.80 25.24
CA LEU B 320 25.12 34.92 23.96
C LEU B 320 26.03 36.14 23.94
N LEU B 321 25.56 37.26 24.50
CA LEU B 321 26.38 38.46 24.56
C LEU B 321 27.61 38.22 25.44
N ARG B 322 27.43 37.55 26.58
CA ARG B 322 28.58 37.25 27.43
C ARG B 322 29.58 36.35 26.71
N GLY B 323 29.09 35.35 25.98
CA GLY B 323 29.98 34.50 25.21
C GLY B 323 30.74 35.27 24.13
N PHE B 324 30.05 36.20 23.46
CA PHE B 324 30.72 37.03 22.46
C PHE B 324 31.80 37.90 23.09
N LEU B 325 31.52 38.46 24.26
CA LEU B 325 32.53 39.26 24.95
C LEU B 325 33.72 38.42 25.35
N LEU B 326 33.48 37.20 25.84
CA LEU B 326 34.58 36.30 26.18
C LEU B 326 35.41 35.95 24.95
N GLN B 327 34.75 35.69 23.81
CA GLN B 327 35.46 35.42 22.58
C GLN B 327 36.32 36.61 22.18
N ASN B 328 35.78 37.82 22.28
CA ASN B 328 36.55 39.02 21.94
C ASN B 328 37.77 39.17 22.84
N GLU B 329 37.59 38.94 24.14
CA GLU B 329 38.73 39.03 25.05
C GLU B 329 39.79 37.98 24.71
N PHE B 330 39.37 36.75 24.42
CA PHE B 330 40.32 35.70 24.08
C PHE B 330 41.07 36.04 22.80
N VAL B 331 40.38 36.54 21.78
CA VAL B 331 41.05 36.82 20.51
C VAL B 331 42.01 38.00 20.65
N VAL B 332 41.60 39.06 21.38
CA VAL B 332 42.50 40.19 21.52
C VAL B 332 43.70 39.83 22.39
N PHE B 333 43.54 38.89 23.32
CA PHE B 333 44.69 38.44 24.10
C PHE B 333 45.63 37.59 23.25
N MET B 334 45.06 36.66 22.46
CA MET B 334 45.89 35.70 21.75
C MET B 334 46.61 36.34 20.57
N TRP B 335 45.92 37.21 19.81
CA TRP B 335 46.55 37.80 18.63
C TRP B 335 47.66 38.77 19.02
N ARG B 336 47.55 39.42 20.18
CA ARG B 336 48.51 40.44 20.59
C ARG B 336 49.60 39.85 21.49
N ARG B 337 49.21 39.29 22.63
CA ARG B 337 50.20 38.77 23.57
C ARG B 337 50.96 37.59 22.99
N ARG B 338 50.25 36.67 22.33
CA ARG B 338 50.90 35.50 21.75
C ARG B 338 51.30 35.69 20.29
N GLY B 339 50.73 36.68 19.61
CA GLY B 339 51.12 36.97 18.25
C GLY B 339 50.46 36.10 17.20
N ARG B 340 50.19 34.84 17.55
CA ARG B 340 49.62 33.91 16.59
C ARG B 340 48.20 34.29 16.22
N GLU B 341 47.88 34.22 14.94
CA GLU B 341 46.53 34.51 14.46
C GLU B 341 45.65 33.26 14.55
N ILE B 342 44.45 33.44 15.07
CA ILE B 342 43.50 32.35 15.24
C ILE B 342 42.50 32.37 14.08
N SER B 343 41.84 31.24 13.88
CA SER B 343 40.94 31.05 12.76
C SER B 343 39.50 31.38 13.15
N LEU B 344 38.61 31.31 12.15
CA LEU B 344 37.20 31.59 12.38
C LEU B 344 36.52 30.45 13.13
N TRP B 345 37.05 29.24 13.04
CA TRP B 345 36.47 28.12 13.77
C TRP B 345 36.61 28.32 15.28
N GLU B 346 37.71 28.95 15.71
CA GLU B 346 37.85 29.30 17.12
C GLU B 346 36.79 30.31 17.53
N ARG B 347 36.40 31.22 16.63
CA ARG B 347 35.28 32.11 16.91
C ARG B 347 33.97 31.33 17.03
N LEU B 348 33.74 30.41 16.09
CA LEU B 348 32.48 29.67 16.08
C LEU B 348 32.36 28.74 17.29
N GLU B 349 33.49 28.31 17.85
CA GLU B 349 33.45 27.46 19.03
C GLU B 349 32.83 28.17 20.22
N PHE B 350 32.95 29.49 20.29
CA PHE B 350 32.44 30.25 21.43
C PHE B 350 30.94 30.45 21.41
N VAL B 351 30.28 30.22 20.27
CA VAL B 351 28.83 30.38 20.19
C VAL B 351 28.18 29.08 20.62
N ASN B 352 26.96 29.20 21.14
CA ASN B 352 26.17 28.05 21.60
C ASN B 352 24.98 27.90 20.67
N GLY B 353 25.00 26.85 19.84
CA GLY B 353 23.90 26.63 18.91
C GLY B 353 22.58 26.39 19.60
N TRP B 354 22.60 25.76 20.77
CA TRP B 354 21.37 25.54 21.52
C TRP B 354 20.71 26.87 21.88
N TYR B 355 21.50 27.88 22.22
CA TYR B 355 20.93 29.19 22.52
C TYR B 355 20.31 29.83 21.29
N ILE B 356 20.92 29.64 20.13
CA ILE B 356 20.33 30.12 18.89
C ILE B 356 19.00 29.44 18.63
N LEU B 357 18.94 28.12 18.83
CA LEU B 357 17.69 27.40 18.69
C LEU B 357 16.64 27.93 19.66
N LEU B 358 17.04 28.20 20.90
CA LEU B 358 16.10 28.67 21.91
C LEU B 358 15.56 30.05 21.57
N VAL B 359 16.42 30.97 21.12
CA VAL B 359 15.92 32.31 20.79
C VAL B 359 15.04 32.26 19.55
N THR B 360 15.38 31.41 18.58
CA THR B 360 14.51 31.26 17.42
C THR B 360 13.14 30.73 17.83
N SER B 361 13.11 29.72 18.70
CA SER B 361 11.83 29.20 19.17
C SER B 361 11.06 30.24 19.95
N ASP B 362 11.75 31.05 20.76
CA ASP B 362 11.07 32.11 21.51
C ASP B 362 10.44 33.13 20.58
N VAL B 363 11.16 33.56 19.55
CA VAL B 363 10.62 34.54 18.61
C VAL B 363 9.41 33.96 17.89
N LEU B 364 9.53 32.70 17.42
CA LEU B 364 8.42 32.07 16.72
C LEU B 364 7.21 31.93 17.64
N THR B 365 7.43 31.52 18.89
CA THR B 365 6.32 31.35 19.82
C THR B 365 5.65 32.69 20.14
N ILE B 366 6.44 33.74 20.30
CA ILE B 366 5.85 35.05 20.60
C ILE B 366 5.00 35.53 19.43
N SER B 367 5.52 35.42 18.21
CA SER B 367 4.74 35.82 17.04
C SER B 367 3.47 35.00 16.90
N GLY B 368 3.59 33.68 17.08
CA GLY B 368 2.42 32.82 16.96
C GLY B 368 1.39 33.09 18.04
N THR B 369 1.85 33.40 19.26
CA THR B 369 0.92 33.69 20.34
C THR B 369 0.20 35.01 20.12
N VAL B 370 0.90 36.01 19.59
CA VAL B 370 0.23 37.27 19.24
C VAL B 370 -0.83 37.01 18.18
N MET B 371 -0.48 36.24 17.15
CA MET B 371 -1.45 35.93 16.09
C MET B 371 -2.63 35.14 16.66
N LYS B 372 -2.37 34.21 17.57
CA LYS B 372 -3.46 33.41 18.15
C LYS B 372 -4.37 34.26 19.02
N ILE B 373 -3.80 35.22 19.75
CA ILE B 373 -4.61 36.14 20.53
C ILE B 373 -5.50 36.96 19.59
N GLY B 374 -4.93 37.44 18.48
CA GLY B 374 -5.76 38.14 17.51
C GLY B 374 -6.85 37.28 16.92
N ILE B 375 -6.55 36.01 16.66
CA ILE B 375 -7.50 35.11 16.04
C ILE B 375 -8.65 34.79 17.00
N GLU B 376 -8.32 34.49 18.25
CA GLU B 376 -9.34 34.09 19.22
C GLU B 376 -10.31 35.21 19.56
N ALA B 377 -9.99 36.45 19.20
CA ALA B 377 -10.91 37.58 19.35
C ALA B 377 -11.71 37.84 18.09
N LYS B 378 -11.66 36.95 17.12
CA LYS B 378 -12.36 37.09 15.83
C LYS B 378 -11.94 38.38 15.13
N ASN B 379 -10.65 38.47 14.83
CA ASN B 379 -10.08 39.64 14.17
C ASN B 379 -9.17 39.33 13.00
N LEU B 380 -8.62 38.13 12.90
CA LEU B 380 -7.67 37.79 11.83
C LEU B 380 -8.17 36.68 10.93
N ALA B 381 -8.62 35.56 11.51
CA ALA B 381 -9.10 34.39 10.76
C ALA B 381 -8.03 33.81 9.83
N SER B 382 -6.76 34.06 10.12
CA SER B 382 -5.64 33.54 9.33
C SER B 382 -4.93 32.47 10.18
N TYR B 383 -5.44 31.25 10.12
CA TYR B 383 -4.93 30.17 10.95
C TYR B 383 -3.63 29.57 10.45
N ASP B 384 -3.35 29.67 9.14
CA ASP B 384 -2.23 28.94 8.56
C ASP B 384 -0.90 29.41 9.13
N VAL B 385 -0.65 30.72 9.09
CA VAL B 385 0.64 31.24 9.53
C VAL B 385 0.84 31.02 11.02
N CYS B 386 -0.20 31.28 11.82
CA CYS B 386 -0.11 31.09 13.26
C CYS B 386 0.16 29.63 13.60
N SER B 387 -0.54 28.72 12.94
CA SER B 387 -0.33 27.29 13.18
C SER B 387 1.08 26.88 12.80
N ILE B 388 1.59 27.39 11.67
CA ILE B 388 2.93 27.03 11.24
C ILE B 388 3.96 27.52 12.25
N LEU B 389 3.81 28.76 12.71
CA LEU B 389 4.75 29.30 13.70
C LEU B 389 4.71 28.50 14.99
N LEU B 390 3.52 28.21 15.50
CA LEU B 390 3.41 27.49 16.76
C LEU B 390 3.96 26.08 16.65
N GLY B 391 3.65 25.38 15.55
CA GLY B 391 4.16 24.04 15.37
C GLY B 391 5.66 24.00 15.24
N THR B 392 6.24 24.93 14.48
CA THR B 392 7.68 24.99 14.34
C THR B 392 8.35 25.26 15.68
N SER B 393 7.78 26.17 16.48
CA SER B 393 8.36 26.45 17.78
C SER B 393 8.30 25.25 18.71
N THR B 394 7.17 24.54 18.72
CA THR B 394 7.04 23.35 19.56
C THR B 394 8.05 22.28 19.13
N LEU B 395 8.18 22.07 17.82
CA LEU B 395 9.18 21.12 17.33
C LEU B 395 10.58 21.53 17.76
N LEU B 396 10.88 22.83 17.70
CA LEU B 396 12.20 23.31 18.07
C LEU B 396 12.51 23.06 19.54
N VAL B 397 11.54 23.31 20.43
CA VAL B 397 11.81 23.08 21.85
C VAL B 397 11.95 21.59 22.16
N TRP B 398 11.11 20.76 21.52
CA TRP B 398 11.23 19.32 21.76
C TRP B 398 12.55 18.79 21.21
N VAL B 399 13.08 19.41 20.15
CA VAL B 399 14.42 19.07 19.70
C VAL B 399 15.46 19.57 20.71
N GLY B 400 15.24 20.76 21.28
CA GLY B 400 16.18 21.31 22.23
C GLY B 400 16.34 20.48 23.50
N VAL B 401 15.36 19.63 23.80
CA VAL B 401 15.50 18.66 24.90
C VAL B 401 16.77 17.82 24.75
N ILE B 402 17.25 17.69 23.51
CA ILE B 402 18.47 16.93 23.26
C ILE B 402 19.66 17.54 23.99
N ARG B 403 19.64 18.85 24.24
CA ARG B 403 20.73 19.46 25.00
C ARG B 403 20.79 18.89 26.41
N TYR B 404 19.64 18.74 27.07
CA TYR B 404 19.62 18.07 28.36
C TYR B 404 20.10 16.64 28.23
N LEU B 405 19.70 15.95 27.17
CA LEU B 405 20.14 14.57 26.99
C LEU B 405 21.66 14.48 26.81
N THR B 406 22.29 15.53 26.29
CA THR B 406 23.72 15.48 25.98
C THR B 406 24.62 15.56 27.22
N PHE B 407 24.08 15.86 28.39
CA PHE B 407 24.92 16.02 29.58
C PHE B 407 25.39 14.70 30.16
N PHE B 408 24.89 13.58 29.67
CA PHE B 408 25.30 12.26 30.12
C PHE B 408 26.02 11.55 28.99
N HIS B 409 27.19 10.98 29.29
CA HIS B 409 28.07 10.49 28.24
C HIS B 409 27.46 9.33 27.46
N LYS B 410 26.61 8.53 28.11
CA LYS B 410 25.99 7.40 27.42
C LYS B 410 25.11 7.86 26.27
N TYR B 411 24.31 8.90 26.49
CA TYR B 411 23.52 9.49 25.41
C TYR B 411 24.39 10.34 24.49
N ASN B 412 25.40 11.00 25.06
CA ASN B 412 26.29 11.83 24.26
C ASN B 412 27.04 11.01 23.21
N ILE B 413 27.25 9.72 23.47
CA ILE B 413 27.90 8.87 22.46
C ILE B 413 27.06 8.85 21.18
N LEU B 414 25.76 8.57 21.33
CA LEU B 414 24.89 8.52 20.15
C LEU B 414 24.73 9.89 19.52
N ILE B 415 24.58 10.93 20.34
CA ILE B 415 24.39 12.27 19.79
C ILE B 415 25.64 12.71 19.01
N ALA B 416 26.82 12.45 19.56
CA ALA B 416 28.06 12.78 18.87
C ALA B 416 28.25 11.93 17.63
N THR B 417 27.80 10.67 17.64
CA THR B 417 27.83 9.85 16.44
C THR B 417 27.02 10.50 15.32
N LEU B 418 25.81 10.94 15.64
CA LEU B 418 25.00 11.64 14.64
C LEU B 418 25.67 12.92 14.17
N ARG B 419 26.25 13.68 15.11
CA ARG B 419 26.87 14.95 14.76
C ARG B 419 28.07 14.76 13.83
N VAL B 420 28.91 13.77 14.10
CA VAL B 420 30.07 13.54 13.24
C VAL B 420 29.70 12.81 11.96
N ALA B 421 28.54 12.15 11.91
CA ALA B 421 28.09 11.57 10.66
C ALA B 421 27.43 12.58 9.74
N LEU B 422 26.87 13.66 10.29
CA LEU B 422 26.12 14.63 9.49
C LEU B 422 26.87 15.18 8.28
N PRO B 423 28.14 15.60 8.36
CA PRO B 423 28.78 16.20 7.17
C PRO B 423 28.90 15.24 6.00
N SER B 424 29.36 14.01 6.23
CA SER B 424 29.49 13.05 5.14
C SER B 424 28.11 12.67 4.59
N VAL B 425 27.09 12.61 5.45
CA VAL B 425 25.74 12.34 4.99
C VAL B 425 25.27 13.46 4.06
N MET B 426 25.53 14.71 4.43
CA MET B 426 25.14 15.83 3.57
C MET B 426 25.89 15.79 2.24
N ARG B 427 27.18 15.45 2.28
CA ARG B 427 27.94 15.35 1.04
C ARG B 427 27.39 14.26 0.13
N PHE B 428 27.04 13.10 0.71
CA PHE B 428 26.45 12.03 -0.09
C PHE B 428 25.09 12.43 -0.63
N CYS B 429 24.32 13.21 0.14
CA CYS B 429 23.05 13.71 -0.36
C CYS B 429 23.26 14.63 -1.56
N CYS B 430 24.27 15.48 -1.50
CA CYS B 430 24.62 16.31 -2.65
C CYS B 430 25.01 15.45 -3.85
N CYS B 431 25.77 14.38 -3.60
CA CYS B 431 26.18 13.48 -4.68
C CYS B 431 24.98 12.82 -5.35
N VAL B 432 24.02 12.34 -4.55
CA VAL B 432 22.89 11.60 -5.11
C VAL B 432 21.76 12.49 -5.60
N ALA B 433 21.75 13.77 -5.22
CA ALA B 433 20.68 14.67 -5.65
C ALA B 433 20.68 14.87 -7.16
N VAL B 434 21.85 14.90 -7.78
CA VAL B 434 21.90 15.13 -9.22
C VAL B 434 21.34 13.93 -9.97
N ILE B 435 21.66 12.70 -9.52
CA ILE B 435 21.09 11.52 -10.13
C ILE B 435 19.58 11.48 -9.92
N TYR B 436 19.13 11.85 -8.72
CA TYR B 436 17.70 11.88 -8.44
C TYR B 436 16.98 12.88 -9.36
N LEU B 437 17.58 14.06 -9.55
CA LEU B 437 16.97 15.07 -10.39
C LEU B 437 16.94 14.64 -11.86
N GLY B 438 18.03 14.01 -12.34
CA GLY B 438 18.02 13.51 -13.70
C GLY B 438 16.95 12.47 -13.92
N TYR B 439 16.79 11.54 -12.97
CA TYR B 439 15.73 10.55 -13.07
C TYR B 439 14.36 11.21 -13.04
N CYS B 440 14.19 12.24 -12.20
CA CYS B 440 12.91 12.94 -12.14
C CYS B 440 12.57 13.58 -13.48
N PHE B 441 13.54 14.27 -14.08
CA PHE B 441 13.29 14.92 -15.37
C PHE B 441 12.97 13.90 -16.44
N CYS B 442 13.74 12.81 -16.51
CA CYS B 442 13.52 11.80 -17.54
C CYS B 442 12.14 11.16 -17.38
N GLY B 443 11.78 10.80 -16.14
CA GLY B 443 10.48 10.20 -15.91
C GLY B 443 9.34 11.14 -16.23
N TRP B 444 9.47 12.42 -15.84
CA TRP B 444 8.43 13.40 -16.15
C TRP B 444 8.25 13.55 -17.65
N ILE B 445 9.34 13.64 -18.40
CA ILE B 445 9.21 13.89 -19.83
C ILE B 445 8.71 12.65 -20.57
N VAL B 446 9.09 11.45 -20.14
CA VAL B 446 8.73 10.25 -20.89
C VAL B 446 7.41 9.68 -20.42
N LEU B 447 7.31 9.33 -19.14
CA LEU B 447 6.14 8.65 -18.60
C LEU B 447 5.01 9.60 -18.24
N GLY B 448 5.21 10.90 -18.35
CA GLY B 448 4.19 11.87 -18.02
C GLY B 448 2.89 11.71 -18.80
N PRO B 449 2.97 11.59 -20.13
CA PRO B 449 1.74 11.40 -20.92
C PRO B 449 1.02 10.09 -20.63
N TYR B 450 1.68 9.10 -20.05
CA TYR B 450 1.10 7.78 -19.91
C TYR B 450 0.88 7.32 -18.47
N HIS B 451 1.36 8.06 -17.48
CA HIS B 451 1.27 7.63 -16.09
C HIS B 451 0.63 8.73 -15.25
N VAL B 452 -0.37 8.35 -14.45
CA VAL B 452 -1.03 9.32 -13.59
C VAL B 452 -0.08 9.83 -12.52
N LYS B 453 0.90 9.03 -12.13
CA LYS B 453 1.83 9.42 -11.08
C LYS B 453 2.97 10.29 -11.58
N PHE B 454 3.05 10.54 -12.89
CA PHE B 454 4.14 11.31 -13.47
C PHE B 454 3.64 12.57 -14.18
N ARG B 455 2.46 13.06 -13.80
CA ARG B 455 1.88 14.20 -14.51
C ARG B 455 2.66 15.48 -14.27
N SER B 456 3.07 15.72 -13.02
CA SER B 456 3.78 16.94 -12.66
C SER B 456 5.11 16.59 -12.00
N LEU B 457 6.04 17.56 -12.04
CA LEU B 457 7.38 17.31 -11.53
C LEU B 457 7.37 17.00 -10.04
N SER B 458 6.57 17.73 -9.26
CA SER B 458 6.46 17.42 -7.84
C SER B 458 5.87 16.03 -7.62
N MET B 459 4.89 15.66 -8.44
CA MET B 459 4.34 14.31 -8.36
C MET B 459 5.40 13.27 -8.72
N VAL B 460 6.23 13.54 -9.72
CA VAL B 460 7.31 12.62 -10.07
C VAL B 460 8.26 12.46 -8.90
N SER B 461 8.63 13.57 -8.27
CA SER B 461 9.56 13.50 -7.14
C SER B 461 8.96 12.72 -5.98
N GLU B 462 7.68 12.94 -5.69
CA GLU B 462 7.03 12.19 -4.63
C GLU B 462 6.97 10.70 -4.95
N CYS B 463 6.64 10.35 -6.20
CA CYS B 463 6.59 8.96 -6.60
C CYS B 463 7.95 8.28 -6.46
N LEU B 464 9.01 8.94 -6.93
CA LEU B 464 10.34 8.36 -6.84
C LEU B 464 10.80 8.22 -5.39
N PHE B 465 10.52 9.24 -4.56
CA PHE B 465 10.90 9.18 -3.16
C PHE B 465 10.16 8.05 -2.45
N SER B 466 8.89 7.83 -2.79
CA SER B 466 8.17 6.68 -2.24
C SER B 466 8.75 5.37 -2.74
N LEU B 467 9.18 5.34 -4.01
CA LEU B 467 9.75 4.12 -4.57
C LEU B 467 11.03 3.72 -3.85
N ILE B 468 11.92 4.68 -3.60
CA ILE B 468 13.18 4.32 -2.96
C ILE B 468 12.98 3.83 -1.53
N ASN B 469 11.85 4.18 -0.91
CA ASN B 469 11.53 3.72 0.44
C ASN B 469 10.60 2.51 0.43
N GLY B 470 10.42 1.87 -0.72
CA GLY B 470 9.63 0.66 -0.81
C GLY B 470 8.14 0.84 -0.60
N ASP B 471 7.56 1.84 -1.26
CA ASP B 471 6.13 2.10 -1.16
C ASP B 471 5.56 2.34 -2.55
N ASP B 472 4.38 1.74 -2.80
CA ASP B 472 3.62 1.94 -4.04
C ASP B 472 4.45 1.57 -5.28
N MET B 473 5.15 0.44 -5.21
CA MET B 473 5.97 -0.02 -6.33
C MET B 473 5.14 -0.79 -7.34
N PHE B 474 4.45 -1.84 -6.89
CA PHE B 474 3.64 -2.63 -7.80
C PHE B 474 2.52 -1.81 -8.41
N VAL B 475 2.04 -0.79 -7.71
CA VAL B 475 1.01 0.08 -8.29
C VAL B 475 1.56 0.81 -9.51
N THR B 476 2.79 1.34 -9.41
CA THR B 476 3.42 1.98 -10.55
C THR B 476 3.63 0.99 -11.69
N PHE B 477 4.14 -0.20 -11.38
CA PHE B 477 4.38 -1.19 -12.42
C PHE B 477 3.08 -1.58 -13.12
N ALA B 478 2.02 -1.80 -12.34
CA ALA B 478 0.73 -2.20 -12.90
C ALA B 478 0.09 -1.08 -13.70
N ALA B 479 0.27 0.17 -13.27
CA ALA B 479 -0.23 1.30 -14.05
C ALA B 479 0.46 1.36 -15.40
N MET B 480 1.76 1.11 -15.44
CA MET B 480 2.45 1.09 -16.72
C MET B 480 2.03 -0.11 -17.56
N GLN B 481 1.75 -1.25 -16.92
CA GLN B 481 1.43 -2.47 -17.65
C GLN B 481 0.03 -2.44 -18.24
N ALA B 482 -0.95 -1.92 -17.50
CA ALA B 482 -2.36 -2.08 -17.89
C ALA B 482 -2.64 -1.40 -19.22
N GLN B 483 -2.17 -0.18 -19.40
CA GLN B 483 -2.40 0.56 -20.64
C GLN B 483 -1.35 0.28 -21.70
N GLN B 484 -0.28 -0.44 -21.36
CA GLN B 484 0.85 -0.73 -22.23
C GLN B 484 1.63 0.52 -22.61
N GLY B 485 1.24 1.69 -22.11
CA GLY B 485 1.83 2.93 -22.57
C GLY B 485 1.53 3.27 -24.00
N HIS B 486 0.58 2.57 -24.63
CA HIS B 486 0.20 2.75 -26.03
C HIS B 486 1.39 2.58 -26.98
N SER B 487 2.46 1.95 -26.51
CA SER B 487 3.65 1.71 -27.31
C SER B 487 4.53 0.72 -26.59
N SER B 488 5.06 -0.27 -27.31
CA SER B 488 5.98 -1.22 -26.70
C SER B 488 7.30 -0.57 -26.33
N LEU B 489 7.75 0.40 -27.11
CA LEU B 489 8.99 1.10 -26.79
C LEU B 489 8.87 1.84 -25.46
N VAL B 490 7.74 2.51 -25.23
CA VAL B 490 7.54 3.22 -23.97
C VAL B 490 7.49 2.24 -22.81
N TRP B 491 6.84 1.09 -23.00
CA TRP B 491 6.78 0.09 -21.94
C TRP B 491 8.16 -0.46 -21.61
N LEU B 492 8.96 -0.77 -22.62
CA LEU B 492 10.31 -1.26 -22.38
C LEU B 492 11.15 -0.21 -21.67
N PHE B 493 11.03 1.06 -22.09
CA PHE B 493 11.76 2.13 -21.43
C PHE B 493 11.33 2.26 -19.98
N SER B 494 10.04 2.15 -19.71
CA SER B 494 9.55 2.23 -18.33
C SER B 494 10.11 1.09 -17.49
N GLN B 495 10.15 -0.12 -18.05
CA GLN B 495 10.74 -1.24 -17.34
C GLN B 495 12.20 -0.95 -16.97
N LEU B 496 13.00 -0.54 -17.96
CA LEU B 496 14.40 -0.25 -17.70
C LEU B 496 14.55 0.87 -16.66
N TYR B 497 13.77 1.94 -16.84
CA TYR B 497 13.85 3.10 -15.97
C TYR B 497 13.54 2.72 -14.52
N LEU B 498 12.40 2.06 -14.29
CA LEU B 498 12.00 1.73 -12.93
C LEU B 498 12.95 0.74 -12.29
N TYR B 499 13.31 -0.32 -13.03
CA TYR B 499 14.20 -1.33 -12.45
C TYR B 499 15.56 -0.73 -12.09
N SER B 500 16.15 0.04 -13.01
CA SER B 500 17.46 0.62 -12.74
C SER B 500 17.39 1.60 -11.57
N PHE B 501 16.38 2.45 -11.55
CA PHE B 501 16.28 3.45 -10.47
C PHE B 501 16.12 2.78 -9.12
N ILE B 502 15.16 1.86 -9.01
CA ILE B 502 14.92 1.22 -7.71
C ILE B 502 16.13 0.42 -7.27
N SER B 503 16.71 -0.36 -8.19
CA SER B 503 17.87 -1.17 -7.85
C SER B 503 19.02 -0.32 -7.34
N LEU B 504 19.39 0.71 -8.11
CA LEU B 504 20.50 1.57 -7.70
C LEU B 504 20.22 2.21 -6.35
N PHE B 505 19.07 2.90 -6.22
CA PHE B 505 18.86 3.72 -5.03
C PHE B 505 18.63 2.88 -3.79
N ILE B 506 18.12 1.66 -3.93
CA ILE B 506 17.88 0.83 -2.75
C ILE B 506 19.13 0.04 -2.37
N TYR B 507 19.82 -0.57 -3.33
CA TYR B 507 20.91 -1.48 -3.00
C TYR B 507 22.28 -0.83 -2.97
N MET B 508 22.40 0.45 -3.36
CA MET B 508 23.70 1.11 -3.23
C MET B 508 23.63 2.36 -2.36
N VAL B 509 22.68 3.26 -2.61
CA VAL B 509 22.65 4.53 -1.91
C VAL B 509 22.30 4.34 -0.43
N LEU B 510 21.25 3.56 -0.16
CA LEU B 510 20.87 3.31 1.22
C LEU B 510 21.95 2.54 1.97
N SER B 511 22.57 1.56 1.29
CA SER B 511 23.66 0.81 1.90
C SER B 511 24.84 1.73 2.22
N LEU B 512 25.12 2.70 1.36
CA LEU B 512 26.20 3.64 1.64
C LEU B 512 25.86 4.55 2.80
N PHE B 513 24.59 4.96 2.92
CA PHE B 513 24.18 5.72 4.10
C PHE B 513 24.41 4.92 5.38
N ILE B 514 24.02 3.65 5.35
CA ILE B 514 24.23 2.78 6.51
C ILE B 514 25.72 2.65 6.80
N ALA B 515 26.54 2.51 5.76
CA ALA B 515 27.98 2.39 5.95
C ALA B 515 28.57 3.65 6.56
N LEU B 516 28.13 4.82 6.11
CA LEU B 516 28.62 6.07 6.68
C LEU B 516 28.27 6.17 8.15
N ILE B 517 27.02 5.85 8.51
CA ILE B 517 26.62 5.93 9.91
C ILE B 517 27.41 4.93 10.75
N THR B 518 27.60 3.71 10.24
CA THR B 518 28.36 2.70 10.96
C THR B 518 29.81 3.13 11.17
N GLY B 519 30.42 3.73 10.13
CA GLY B 519 31.78 4.22 10.28
C GLY B 519 31.89 5.32 11.31
N ALA B 520 30.93 6.26 11.30
CA ALA B 520 30.96 7.32 12.31
C ALA B 520 30.81 6.75 13.71
N TYR B 521 29.92 5.77 13.89
CA TYR B 521 29.76 5.13 15.19
C TYR B 521 31.03 4.41 15.61
N ASP B 522 31.71 3.75 14.66
CA ASP B 522 32.96 3.07 14.98
C ASP B 522 34.03 4.06 15.43
N THR B 523 34.11 5.22 14.74
CA THR B 523 35.08 6.23 15.16
C THR B 523 34.76 6.77 16.55
N ILE B 524 33.48 7.01 16.83
CA ILE B 524 33.10 7.53 18.14
C ILE B 524 33.41 6.50 19.23
N LYS B 525 33.09 5.23 18.97
CA LYS B 525 33.23 4.19 19.99
C LYS B 525 34.71 3.92 20.32
N HIS B 526 35.58 4.01 19.31
CA HIS B 526 37.01 3.69 19.47
C HIS B 526 37.82 4.90 19.02
N PRO B 527 38.02 5.89 19.89
CA PRO B 527 38.80 7.09 19.58
C PRO B 527 40.29 6.79 19.45
N GLU C 39 61.83 14.00 -19.55
CA GLU C 39 61.57 13.77 -20.97
C GLU C 39 60.32 14.51 -21.42
N ASP C 40 60.23 14.79 -22.73
CA ASP C 40 59.07 15.47 -23.27
C ASP C 40 57.81 14.63 -23.09
N LEU C 41 57.91 13.32 -23.36
CA LEU C 41 56.75 12.44 -23.21
C LEU C 41 56.26 12.42 -21.76
N ARG C 42 57.19 12.36 -20.80
CA ARG C 42 56.79 12.34 -19.40
C ARG C 42 56.07 13.63 -19.01
N ARG C 43 56.59 14.77 -19.46
CA ARG C 43 55.94 16.04 -19.14
C ARG C 43 54.56 16.14 -19.78
N ARG C 44 54.44 15.74 -21.04
CA ARG C 44 53.14 15.81 -21.71
C ARG C 44 52.13 14.87 -21.06
N LEU C 45 52.56 13.67 -20.67
CA LEU C 45 51.68 12.76 -19.95
C LEU C 45 51.31 13.33 -18.58
N LYS C 46 52.23 14.06 -17.95
CA LYS C 46 51.92 14.69 -16.67
C LYS C 46 50.88 15.78 -16.85
N TYR C 47 50.92 16.50 -17.98
CA TYR C 47 49.85 17.47 -18.26
C TYR C 47 48.50 16.77 -18.37
N PHE C 48 48.48 15.61 -19.01
CA PHE C 48 47.29 14.77 -18.95
C PHE C 48 47.08 14.29 -17.52
N PHE C 49 45.82 14.04 -17.16
CA PHE C 49 45.37 13.52 -15.87
C PHE C 49 45.42 14.56 -14.75
N MET C 50 45.93 15.77 -14.99
CA MET C 50 45.88 16.77 -13.93
C MET C 50 44.47 17.32 -13.78
N SER C 51 44.15 17.73 -12.55
CA SER C 51 42.87 18.35 -12.27
C SER C 51 42.80 19.72 -12.94
N PRO C 52 41.58 20.22 -13.20
CA PRO C 52 41.45 21.56 -13.81
C PRO C 52 42.14 22.64 -13.02
N CYS C 53 42.10 22.57 -11.68
CA CYS C 53 42.79 23.57 -10.87
C CYS C 53 44.30 23.48 -11.08
N ASP C 54 44.84 22.27 -11.18
CA ASP C 54 46.27 22.12 -11.43
C ASP C 54 46.63 22.64 -12.81
N LYS C 55 45.79 22.41 -13.81
CA LYS C 55 46.04 22.95 -15.14
C LYS C 55 46.02 24.47 -15.13
N PHE C 56 45.09 25.06 -14.38
CA PHE C 56 45.05 26.52 -14.25
C PHE C 56 46.30 27.05 -13.57
N ARG C 57 46.78 26.34 -12.55
CA ARG C 57 48.02 26.75 -11.90
C ARG C 57 49.21 26.65 -12.86
N ALA C 58 49.25 25.58 -13.67
CA ALA C 58 50.41 25.34 -14.51
C ALA C 58 50.47 26.30 -15.69
N LYS C 59 49.34 26.53 -16.36
CA LYS C 59 49.34 27.31 -17.60
C LYS C 59 48.45 28.55 -17.57
N GLY C 60 47.65 28.74 -16.53
CA GLY C 60 46.81 29.92 -16.46
C GLY C 60 45.76 30.00 -17.56
N ARG C 61 45.21 28.85 -17.95
CA ARG C 61 44.17 28.80 -18.97
C ARG C 61 42.82 28.65 -18.28
N LYS C 62 41.90 29.56 -18.60
CA LYS C 62 40.59 29.54 -17.98
C LYS C 62 39.83 28.28 -18.39
N PRO C 63 39.28 27.52 -17.44
CA PRO C 63 38.57 26.28 -17.81
C PRO C 63 37.25 26.58 -18.49
N CYS C 64 37.29 26.99 -19.76
CA CYS C 64 36.09 27.35 -20.49
C CYS C 64 35.28 26.14 -20.93
N LYS C 65 35.90 24.97 -21.03
CA LYS C 65 35.14 23.75 -21.35
C LYS C 65 34.16 23.42 -20.22
N LEU C 66 34.59 23.60 -18.98
CA LEU C 66 33.70 23.37 -17.84
C LEU C 66 32.52 24.33 -17.86
N MET C 67 32.78 25.59 -18.15
CA MET C 67 31.69 26.58 -18.26
C MET C 67 30.75 26.23 -19.40
N LEU C 68 31.31 25.76 -20.52
CA LEU C 68 30.47 25.33 -21.64
C LEU C 68 29.58 24.18 -21.25
N GLN C 69 30.10 23.22 -20.49
CA GLN C 69 29.30 22.09 -20.07
C GLN C 69 28.21 22.51 -19.09
N VAL C 70 28.52 23.46 -18.21
CA VAL C 70 27.50 23.98 -17.29
C VAL C 70 26.38 24.67 -18.07
N VAL C 71 26.76 25.48 -19.06
CA VAL C 71 25.78 26.15 -19.91
C VAL C 71 24.93 25.11 -20.64
N LYS C 72 25.57 24.03 -21.11
CA LYS C 72 24.85 22.97 -21.79
C LYS C 72 23.82 22.33 -20.86
N ILE C 73 24.22 22.04 -19.63
CA ILE C 73 23.28 21.47 -18.66
C ILE C 73 22.08 22.39 -18.48
N LEU C 74 22.35 23.68 -18.31
CA LEU C 74 21.27 24.64 -18.09
C LEU C 74 20.32 24.69 -19.27
N VAL C 75 20.86 24.76 -20.49
CA VAL C 75 20.01 24.95 -21.66
C VAL C 75 19.20 23.68 -21.95
N VAL C 76 19.80 22.50 -21.78
CA VAL C 76 19.05 21.28 -22.04
C VAL C 76 17.95 21.10 -21.00
N THR C 77 18.23 21.46 -19.74
CA THR C 77 17.18 21.37 -18.72
C THR C 77 16.03 22.32 -19.04
N VAL C 78 16.34 23.55 -19.44
CA VAL C 78 15.29 24.51 -19.77
C VAL C 78 14.45 24.03 -20.95
N GLN C 79 15.12 23.52 -21.99
CA GLN C 79 14.39 23.02 -23.15
C GLN C 79 13.48 21.86 -22.78
N LEU C 80 13.98 20.94 -21.95
CA LEU C 80 13.16 19.81 -21.53
C LEU C 80 11.95 20.29 -20.72
N ILE C 81 12.15 21.29 -19.86
CA ILE C 81 11.03 21.78 -19.05
C ILE C 81 9.96 22.39 -19.93
N LEU C 82 10.36 23.22 -20.90
CA LEU C 82 9.38 23.84 -21.79
C LEU C 82 8.64 22.79 -22.61
N PHE C 83 9.38 21.82 -23.15
CA PHE C 83 8.75 20.74 -23.91
C PHE C 83 7.76 19.97 -23.05
N GLY C 84 8.13 19.68 -21.80
CA GLY C 84 7.23 18.97 -20.91
C GLY C 84 5.97 19.73 -20.61
N LEU C 85 6.07 21.05 -20.42
CA LEU C 85 4.88 21.84 -20.15
C LEU C 85 3.92 21.84 -21.34
N SER C 86 4.46 22.04 -22.54
CA SER C 86 3.59 22.01 -23.73
C SER C 86 2.95 20.64 -23.91
N ASN C 87 3.73 19.57 -23.73
CA ASN C 87 3.18 18.23 -23.86
C ASN C 87 2.11 17.96 -22.81
N GLN C 88 2.31 18.50 -21.60
CA GLN C 88 1.29 18.35 -20.55
C GLN C 88 -0.02 18.97 -20.98
N LEU C 89 0.04 20.19 -21.54
CA LEU C 89 -1.18 20.83 -22.00
C LEU C 89 -1.89 19.99 -23.07
N VAL C 90 -1.11 19.51 -24.05
CA VAL C 90 -1.71 18.75 -25.14
C VAL C 90 -2.35 17.46 -24.62
N VAL C 91 -1.63 16.76 -23.74
CA VAL C 91 -2.12 15.49 -23.19
C VAL C 91 -3.39 15.71 -22.38
N THR C 92 -3.42 16.77 -21.57
CA THR C 92 -4.62 17.05 -20.79
C THR C 92 -5.82 17.31 -21.69
N PHE C 93 -5.64 18.10 -22.75
CA PHE C 93 -6.74 18.36 -23.66
C PHE C 93 -7.24 17.07 -24.30
N ARG C 94 -6.32 16.24 -24.79
CA ARG C 94 -6.73 14.99 -25.43
C ARG C 94 -7.48 14.08 -24.46
N GLU C 95 -6.98 13.96 -23.23
CA GLU C 95 -7.62 13.06 -22.26
C GLU C 95 -9.01 13.55 -21.90
N GLU C 96 -9.16 14.87 -21.68
CA GLU C 96 -10.48 15.39 -21.34
C GLU C 96 -11.47 15.18 -22.47
N ASN C 97 -11.04 15.41 -23.71
CA ASN C 97 -11.93 15.17 -24.84
C ASN C 97 -12.31 13.70 -24.96
N THR C 98 -11.36 12.80 -24.70
CA THR C 98 -11.67 11.37 -24.77
C THR C 98 -12.66 10.97 -23.69
N ILE C 99 -12.54 11.52 -22.49
CA ILE C 99 -13.50 11.24 -21.44
C ILE C 99 -14.89 11.74 -21.83
N ALA C 100 -14.95 12.94 -22.41
CA ALA C 100 -16.23 13.46 -22.88
C ALA C 100 -16.84 12.55 -23.93
N PHE C 101 -16.03 12.06 -24.86
CA PHE C 101 -16.53 11.16 -25.89
C PHE C 101 -17.06 9.87 -25.28
N ARG C 102 -16.35 9.33 -24.28
CA ARG C 102 -16.79 8.11 -23.62
C ARG C 102 -18.15 8.32 -22.95
N HIS C 103 -18.33 9.47 -22.28
CA HIS C 103 -19.62 9.74 -21.68
C HIS C 103 -20.71 9.98 -22.72
N LEU C 104 -20.34 10.51 -23.88
CA LEU C 104 -21.35 10.84 -24.90
C LEU C 104 -21.83 9.62 -25.66
N PHE C 105 -20.92 8.68 -25.97
CA PHE C 105 -21.24 7.63 -26.93
C PHE C 105 -21.39 6.23 -26.33
N LEU C 106 -20.96 6.00 -25.10
CA LEU C 106 -21.06 4.69 -24.48
C LEU C 106 -22.28 4.64 -23.58
N LEU C 107 -23.19 3.71 -23.87
CA LEU C 107 -24.46 3.63 -23.16
C LEU C 107 -24.23 3.14 -21.73
N GLY C 108 -24.70 3.92 -20.75
CA GLY C 108 -24.55 3.53 -19.36
C GLY C 108 -23.14 3.59 -18.84
N TYR C 109 -22.26 4.38 -19.47
CA TYR C 109 -20.87 4.44 -19.06
C TYR C 109 -20.72 5.19 -17.74
N SER C 110 -19.83 4.68 -16.89
CA SER C 110 -19.49 5.33 -15.63
C SER C 110 -17.97 5.40 -15.51
N ASP C 111 -17.50 6.43 -14.84
CA ASP C 111 -16.06 6.64 -14.68
C ASP C 111 -15.44 5.51 -13.87
N GLY C 112 -14.22 5.13 -14.24
CA GLY C 112 -13.50 4.10 -13.52
C GLY C 112 -13.94 2.69 -13.82
N SER C 113 -14.63 2.46 -14.94
CA SER C 113 -15.13 1.13 -15.28
C SER C 113 -14.75 0.75 -16.71
N ASP C 114 -13.64 1.29 -17.21
CA ASP C 114 -13.24 1.00 -18.58
C ASP C 114 -12.86 -0.46 -18.77
N ASP C 115 -12.18 -1.04 -17.78
CA ASP C 115 -11.70 -2.41 -17.92
C ASP C 115 -12.80 -3.45 -17.81
N THR C 116 -13.91 -3.13 -17.15
CA THR C 116 -15.02 -4.08 -16.99
C THR C 116 -16.22 -3.75 -17.86
N PHE C 117 -16.19 -2.66 -18.62
CA PHE C 117 -17.33 -2.27 -19.45
C PHE C 117 -17.51 -3.30 -20.56
N ALA C 118 -18.63 -4.01 -20.54
CA ALA C 118 -18.87 -5.07 -21.51
C ALA C 118 -20.37 -5.31 -21.63
N ALA C 119 -20.74 -5.97 -22.73
CA ALA C 119 -22.11 -6.39 -22.98
C ALA C 119 -22.20 -7.90 -22.84
N TYR C 120 -23.34 -8.37 -22.33
CA TYR C 120 -23.53 -9.79 -22.04
C TYR C 120 -24.74 -10.41 -22.71
N THR C 121 -25.59 -9.61 -23.36
CA THR C 121 -26.74 -10.13 -24.08
C THR C 121 -26.80 -9.48 -25.46
N GLN C 122 -27.56 -10.11 -26.36
CA GLN C 122 -27.75 -9.56 -27.70
C GLN C 122 -28.45 -8.21 -27.63
N GLU C 123 -29.45 -8.10 -26.75
CA GLU C 123 -30.15 -6.83 -26.59
C GLU C 123 -29.21 -5.74 -26.11
N GLN C 124 -28.33 -6.06 -25.17
CA GLN C 124 -27.38 -5.06 -24.67
C GLN C 124 -26.48 -4.56 -25.79
N LEU C 125 -25.97 -5.47 -26.62
CA LEU C 125 -25.11 -5.08 -27.72
C LEU C 125 -25.87 -4.20 -28.72
N TYR C 126 -27.09 -4.58 -29.06
CA TYR C 126 -27.89 -3.79 -29.99
C TYR C 126 -28.14 -2.39 -29.46
N GLN C 127 -28.52 -2.30 -28.17
CA GLN C 127 -28.78 -0.98 -27.58
C GLN C 127 -27.51 -0.15 -27.53
N ALA C 128 -26.37 -0.76 -27.22
CA ALA C 128 -25.12 0.00 -27.18
C ALA C 128 -24.78 0.57 -28.54
N ILE C 129 -24.86 -0.26 -29.58
CA ILE C 129 -24.53 0.21 -30.93
C ILE C 129 -25.48 1.31 -31.37
N PHE C 130 -26.79 1.08 -31.17
CA PHE C 130 -27.78 2.06 -31.60
C PHE C 130 -27.64 3.37 -30.82
N TYR C 131 -27.34 3.28 -29.52
CA TYR C 131 -27.12 4.48 -28.72
C TYR C 131 -25.92 5.26 -29.23
N ALA C 132 -24.83 4.57 -29.56
CA ALA C 132 -23.66 5.27 -30.08
C ALA C 132 -24.01 6.02 -31.36
N VAL C 133 -24.67 5.34 -32.30
CA VAL C 133 -24.99 5.98 -33.57
C VAL C 133 -25.97 7.13 -33.38
N ASP C 134 -27.00 6.93 -32.55
CA ASP C 134 -27.99 7.97 -32.31
C ASP C 134 -27.37 9.20 -31.65
N GLN C 135 -26.49 8.99 -30.67
CA GLN C 135 -25.80 10.11 -30.06
C GLN C 135 -24.91 10.83 -31.06
N TYR C 136 -24.30 10.09 -31.99
CA TYR C 136 -23.54 10.74 -33.05
C TYR C 136 -24.45 11.62 -33.90
N LEU C 137 -25.65 11.14 -34.22
CA LEU C 137 -26.51 11.85 -35.15
C LEU C 137 -27.10 13.15 -34.57
N ILE C 138 -27.11 13.29 -33.25
CA ILE C 138 -27.67 14.50 -32.63
C ILE C 138 -26.60 15.20 -31.81
N LEU C 139 -25.34 15.04 -32.22
CA LEU C 139 -24.23 15.60 -31.45
C LEU C 139 -24.28 17.11 -31.29
N PRO C 140 -24.54 17.91 -32.34
CA PRO C 140 -24.47 19.37 -32.15
C PRO C 140 -25.41 19.92 -31.11
N GLU C 141 -26.58 19.32 -30.92
CA GLU C 141 -27.58 19.87 -30.01
C GLU C 141 -27.48 19.30 -28.59
N ILE C 142 -26.52 18.42 -28.32
CA ILE C 142 -26.35 17.87 -26.98
C ILE C 142 -24.96 18.08 -26.42
N SER C 143 -23.93 18.23 -27.24
CA SER C 143 -22.56 18.29 -26.75
C SER C 143 -22.25 19.66 -26.15
N LEU C 144 -21.47 19.65 -25.07
CA LEU C 144 -20.98 20.90 -24.48
C LEU C 144 -19.78 21.47 -25.21
N GLY C 145 -19.12 20.67 -26.03
CA GLY C 145 -18.00 21.13 -26.83
C GLY C 145 -18.44 21.35 -28.27
N ARG C 146 -17.75 22.29 -28.93
CA ARG C 146 -18.07 22.63 -30.31
C ARG C 146 -17.32 21.65 -31.21
N TYR C 147 -18.02 20.57 -31.57
CA TYR C 147 -17.48 19.54 -32.45
C TYR C 147 -18.13 19.63 -33.81
N ALA C 148 -17.32 19.51 -34.86
CA ALA C 148 -17.80 19.57 -36.23
C ALA C 148 -17.63 18.22 -36.90
N TYR C 149 -18.62 17.84 -37.70
CA TYR C 149 -18.55 16.60 -38.46
C TYR C 149 -17.44 16.69 -39.50
N VAL C 150 -16.88 15.53 -39.85
CA VAL C 150 -15.83 15.43 -40.85
C VAL C 150 -16.37 14.55 -41.97
N ARG C 151 -16.64 15.17 -43.12
CA ARG C 151 -17.13 14.41 -44.27
C ARG C 151 -16.04 13.51 -44.82
N GLY C 152 -16.41 12.27 -45.13
CA GLY C 152 -15.45 11.30 -45.61
C GLY C 152 -14.52 10.75 -44.55
N GLY C 153 -14.82 10.99 -43.28
CA GLY C 153 -13.99 10.54 -42.17
C GLY C 153 -14.32 9.17 -41.64
N GLY C 154 -15.20 8.41 -42.30
CA GLY C 154 -15.59 7.10 -41.83
C GLY C 154 -14.50 6.05 -41.93
N GLY C 155 -13.38 6.37 -42.58
CA GLY C 155 -12.28 5.45 -42.67
C GLY C 155 -12.19 4.77 -44.03
N PRO C 156 -11.26 3.82 -44.16
CA PRO C 156 -11.11 3.11 -45.44
C PRO C 156 -12.36 2.35 -45.86
N TRP C 157 -13.15 1.86 -44.90
CA TRP C 157 -14.33 1.08 -45.21
C TRP C 157 -15.54 1.95 -45.53
N ALA C 158 -15.41 3.27 -45.48
CA ALA C 158 -16.48 4.18 -45.87
C ALA C 158 -16.23 4.73 -47.27
N ASN C 159 -17.32 4.96 -47.99
CA ASN C 159 -17.27 5.48 -49.36
C ASN C 159 -17.51 6.97 -49.41
N GLY C 160 -17.00 7.71 -48.43
CA GLY C 160 -17.24 9.13 -48.31
C GLY C 160 -18.21 9.51 -47.20
N SER C 161 -18.86 8.52 -46.58
CA SER C 161 -19.74 8.81 -45.46
C SER C 161 -18.92 9.14 -44.21
N ALA C 162 -19.53 9.91 -43.31
CA ALA C 162 -18.82 10.37 -42.13
C ALA C 162 -18.68 9.27 -41.08
N LEU C 163 -19.66 8.39 -40.94
CA LEU C 163 -19.61 7.31 -39.97
C LEU C 163 -19.71 5.97 -40.70
N ALA C 164 -18.88 5.02 -40.27
CA ALA C 164 -18.89 3.66 -40.80
C ALA C 164 -19.21 2.70 -39.65
N LEU C 165 -20.23 1.89 -39.84
CA LEU C 165 -20.64 0.87 -38.87
C LEU C 165 -20.40 -0.49 -39.51
N CYS C 166 -19.30 -1.13 -39.15
CA CYS C 166 -18.85 -2.36 -39.77
C CYS C 166 -18.90 -3.51 -38.77
N GLN C 167 -19.40 -4.66 -39.23
CA GLN C 167 -19.33 -5.89 -38.47
C GLN C 167 -18.52 -6.90 -39.27
N ARG C 168 -17.67 -7.66 -38.57
CA ARG C 168 -16.80 -8.65 -39.20
C ARG C 168 -17.12 -10.02 -38.66
N TYR C 169 -17.26 -10.99 -39.55
CA TYR C 169 -17.61 -12.35 -39.16
C TYR C 169 -16.93 -13.32 -40.12
N TYR C 170 -16.86 -14.57 -39.70
CA TYR C 170 -16.25 -15.61 -40.52
C TYR C 170 -17.10 -15.89 -41.75
N HIS C 171 -16.44 -16.31 -42.83
CA HIS C 171 -17.16 -16.55 -44.08
C HIS C 171 -18.19 -17.65 -43.91
N ARG C 172 -17.82 -18.75 -43.25
CA ARG C 172 -18.74 -19.83 -42.94
C ARG C 172 -18.52 -20.24 -41.50
N GLY C 173 -19.58 -20.21 -40.69
CA GLY C 173 -19.43 -20.38 -39.27
C GLY C 173 -20.44 -21.31 -38.61
N HIS C 174 -20.81 -22.37 -39.32
CA HIS C 174 -21.75 -23.35 -38.76
C HIS C 174 -21.11 -24.06 -37.57
N VAL C 175 -21.55 -23.70 -36.37
CA VAL C 175 -21.03 -24.27 -35.12
C VAL C 175 -22.16 -24.96 -34.39
N ASP C 176 -21.95 -26.22 -34.01
CA ASP C 176 -22.95 -27.03 -33.33
C ASP C 176 -22.32 -27.68 -32.10
N PRO C 177 -22.35 -26.99 -30.95
CA PRO C 177 -21.78 -27.60 -29.74
C PRO C 177 -22.47 -28.90 -29.33
N ALA C 178 -23.77 -29.02 -29.61
CA ALA C 178 -24.49 -30.25 -29.24
C ALA C 178 -24.02 -31.43 -30.07
N ASN C 179 -23.88 -31.25 -31.38
CA ASN C 179 -23.46 -32.33 -32.28
C ASN C 179 -21.96 -32.34 -32.54
N ASP C 180 -21.20 -31.44 -31.91
CA ASP C 180 -19.76 -31.36 -32.08
C ASP C 180 -19.37 -31.16 -33.54
N THR C 181 -19.88 -30.08 -34.12
CA THR C 181 -19.60 -29.70 -35.50
C THR C 181 -18.89 -28.35 -35.53
N PHE C 182 -17.78 -28.27 -36.26
CA PHE C 182 -16.96 -27.08 -36.29
C PHE C 182 -16.63 -26.67 -37.72
N ASP C 183 -17.58 -26.84 -38.64
CA ASP C 183 -17.32 -26.49 -40.03
C ASP C 183 -17.07 -24.99 -40.16
N ILE C 184 -15.81 -24.61 -40.37
CA ILE C 184 -15.38 -23.22 -40.26
C ILE C 184 -14.57 -22.86 -41.50
N ASP C 185 -14.89 -21.74 -42.12
CA ASP C 185 -14.05 -21.15 -43.15
C ASP C 185 -13.38 -19.91 -42.57
N PRO C 186 -12.06 -19.92 -42.36
CA PRO C 186 -11.40 -18.83 -41.62
C PRO C 186 -11.42 -17.49 -42.32
N ARG C 187 -12.01 -17.38 -43.51
CA ARG C 187 -12.09 -16.09 -44.18
C ARG C 187 -13.01 -15.14 -43.41
N VAL C 188 -12.56 -13.90 -43.28
CA VAL C 188 -13.33 -12.87 -42.58
C VAL C 188 -14.08 -12.04 -43.59
N VAL C 189 -15.35 -11.76 -43.30
CA VAL C 189 -16.22 -10.97 -44.17
C VAL C 189 -16.60 -9.70 -43.44
N THR C 190 -16.36 -8.56 -44.08
CA THR C 190 -16.62 -7.25 -43.51
C THR C 190 -17.85 -6.65 -44.18
N ASP C 191 -18.93 -6.50 -43.42
CA ASP C 191 -20.16 -5.89 -43.90
C ASP C 191 -20.30 -4.52 -43.24
N CYS C 192 -20.37 -3.47 -44.05
CA CYS C 192 -20.35 -2.10 -43.55
C CYS C 192 -21.67 -1.40 -43.86
N ILE C 193 -22.03 -0.46 -42.98
CA ILE C 193 -23.19 0.40 -43.17
C ILE C 193 -22.70 1.84 -43.11
N GLN C 194 -23.07 2.64 -44.11
CA GLN C 194 -22.64 4.02 -44.20
C GLN C 194 -23.70 4.93 -43.57
N VAL C 195 -23.26 5.79 -42.66
CA VAL C 195 -24.13 6.72 -41.96
C VAL C 195 -23.62 8.13 -42.20
N ASP C 196 -24.52 9.03 -42.59
CA ASP C 196 -24.17 10.41 -42.84
C ASP C 196 -25.00 11.33 -41.95
N PRO C 197 -24.39 12.32 -41.31
CA PRO C 197 -25.16 13.26 -40.49
C PRO C 197 -26.02 14.15 -41.36
N PRO C 198 -27.11 14.69 -40.82
CA PRO C 198 -27.95 15.60 -41.60
C PRO C 198 -27.19 16.86 -41.99
N ASP C 199 -27.47 17.36 -43.19
CA ASP C 199 -26.82 18.56 -43.68
C ASP C 199 -27.46 19.78 -43.02
N ARG C 200 -26.64 20.56 -42.30
CA ARG C 200 -27.11 21.76 -41.60
C ARG C 200 -28.27 21.47 -40.66
N ALA C 216 -31.87 6.21 -41.51
CA ALA C 216 -32.05 5.30 -40.39
C ALA C 216 -31.92 3.85 -40.83
N SER C 217 -31.21 3.63 -41.94
CA SER C 217 -31.00 2.27 -42.43
C SER C 217 -30.14 1.44 -41.50
N TYR C 218 -29.35 2.09 -40.64
CA TYR C 218 -28.55 1.35 -39.67
C TYR C 218 -29.41 0.67 -38.61
N LYS C 219 -30.67 1.09 -38.47
CA LYS C 219 -31.55 0.44 -37.51
C LYS C 219 -31.86 -1.00 -37.90
N ASN C 220 -31.79 -1.31 -39.20
CA ASN C 220 -32.02 -2.66 -39.68
C ASN C 220 -30.78 -3.54 -39.58
N LEU C 221 -29.78 -3.12 -38.81
CA LEU C 221 -28.57 -3.92 -38.64
C LEU C 221 -28.90 -5.24 -37.99
N THR C 222 -28.37 -6.33 -38.56
CA THR C 222 -28.59 -7.68 -38.05
C THR C 222 -27.22 -8.33 -37.84
N LEU C 223 -26.97 -8.79 -36.63
CA LEU C 223 -25.67 -9.35 -36.29
C LEU C 223 -25.65 -10.86 -36.48
N LYS C 224 -24.43 -11.41 -36.52
CA LYS C 224 -24.21 -12.83 -36.79
C LYS C 224 -23.52 -13.46 -35.59
N PHE C 225 -24.10 -13.28 -34.40
CA PHE C 225 -23.50 -13.64 -33.11
C PHE C 225 -22.77 -14.98 -33.11
N HIS C 226 -23.31 -15.98 -33.79
CA HIS C 226 -22.68 -17.30 -33.78
C HIS C 226 -21.31 -17.27 -34.44
N LYS C 227 -21.09 -16.33 -35.37
CA LYS C 227 -19.81 -16.23 -36.07
C LYS C 227 -19.22 -14.83 -36.01
N LEU C 228 -19.73 -13.98 -35.12
CA LEU C 228 -19.28 -12.60 -35.05
C LEU C 228 -17.85 -12.51 -34.50
N ILE C 229 -17.06 -11.61 -35.08
CA ILE C 229 -15.69 -11.36 -34.64
C ILE C 229 -15.60 -10.04 -33.87
N ASN C 230 -16.03 -8.94 -34.48
CA ASN C 230 -16.10 -7.68 -33.77
C ASN C 230 -17.04 -6.74 -34.53
N VAL C 231 -17.46 -5.68 -33.85
CA VAL C 231 -18.22 -4.59 -34.44
C VAL C 231 -17.48 -3.30 -34.13
N THR C 232 -17.30 -2.46 -35.15
CA THR C 232 -16.53 -1.23 -35.00
C THR C 232 -17.33 -0.05 -35.53
N ILE C 233 -17.08 1.12 -34.96
CA ILE C 233 -17.69 2.37 -35.40
C ILE C 233 -16.58 3.39 -35.57
N HIS C 234 -16.46 3.93 -36.78
CA HIS C 234 -15.44 4.92 -37.10
C HIS C 234 -16.09 6.24 -37.48
N PHE C 235 -15.63 7.32 -36.87
CA PHE C 235 -16.00 8.66 -37.31
C PHE C 235 -14.97 9.63 -36.75
N GLN C 236 -14.95 10.83 -37.34
CA GLN C 236 -13.99 11.85 -36.96
C GLN C 236 -14.72 13.12 -36.54
N LEU C 237 -14.21 13.77 -35.49
CA LEU C 237 -14.71 15.05 -35.03
C LEU C 237 -13.52 16.01 -34.94
N LYS C 238 -13.71 17.22 -35.44
CA LYS C 238 -12.68 18.26 -35.38
C LYS C 238 -13.17 19.42 -34.54
N THR C 239 -12.27 19.97 -33.73
CA THR C 239 -12.60 21.07 -32.84
C THR C 239 -11.40 22.01 -32.77
N ILE C 240 -11.55 23.06 -31.97
CA ILE C 240 -10.52 24.08 -31.80
C ILE C 240 -10.18 24.17 -30.32
N ASN C 241 -8.89 24.13 -30.01
CA ASN C 241 -8.42 24.28 -28.63
C ASN C 241 -8.45 25.77 -28.28
N LEU C 242 -9.47 26.18 -27.54
CA LEU C 242 -9.64 27.61 -27.26
C LEU C 242 -8.63 28.14 -26.25
N GLN C 243 -8.12 27.27 -25.38
CA GLN C 243 -7.06 27.70 -24.46
C GLN C 243 -5.82 28.14 -25.24
N SER C 244 -5.45 27.38 -26.28
CA SER C 244 -4.34 27.79 -27.12
C SER C 244 -4.64 29.10 -27.82
N LEU C 245 -5.88 29.31 -28.23
CA LEU C 245 -6.26 30.55 -28.89
C LEU C 245 -6.08 31.75 -27.95
N ILE C 246 -6.54 31.61 -26.71
CA ILE C 246 -6.52 32.73 -25.79
C ILE C 246 -5.12 32.98 -25.25
N ASN C 247 -4.41 31.92 -24.87
CA ASN C 247 -3.16 32.08 -24.13
C ASN C 247 -1.99 32.39 -25.07
N ASN C 248 -1.66 31.47 -25.96
CA ASN C 248 -0.48 31.60 -26.81
C ASN C 248 -0.82 32.10 -28.21
N GLU C 249 -2.08 32.41 -28.50
CA GLU C 249 -2.52 33.02 -29.75
C GLU C 249 -2.22 32.16 -30.98
N ILE C 250 -1.80 30.91 -30.79
CA ILE C 250 -1.51 30.01 -31.90
C ILE C 250 -2.75 29.15 -32.13
N PRO C 251 -3.41 29.27 -33.29
CA PRO C 251 -4.63 28.48 -33.53
C PRO C 251 -4.31 27.03 -33.82
N ASP C 252 -4.63 26.16 -32.87
CA ASP C 252 -4.47 24.71 -33.02
C ASP C 252 -5.84 24.08 -33.24
N CYS C 253 -6.00 23.37 -34.34
CA CYS C 253 -7.27 22.75 -34.70
C CYS C 253 -7.11 21.23 -34.62
N TYR C 254 -7.73 20.62 -33.62
CA TYR C 254 -7.60 19.19 -33.38
C TYR C 254 -8.55 18.41 -34.27
N THR C 255 -8.17 17.18 -34.59
CA THR C 255 -9.01 16.25 -35.34
C THR C 255 -8.96 14.90 -34.64
N PHE C 256 -10.06 14.52 -34.01
CA PHE C 256 -10.15 13.28 -33.25
C PHE C 256 -10.70 12.17 -34.14
N SER C 257 -9.97 11.06 -34.23
CA SER C 257 -10.45 9.87 -34.91
C SER C 257 -10.96 8.90 -33.84
N ILE C 258 -12.27 8.76 -33.75
CA ILE C 258 -12.92 7.98 -32.69
C ILE C 258 -13.21 6.59 -33.23
N LEU C 259 -12.80 5.57 -32.49
CA LEU C 259 -13.07 4.18 -32.83
C LEU C 259 -13.68 3.49 -31.63
N ILE C 260 -14.90 2.99 -31.79
CA ILE C 260 -15.59 2.22 -30.77
C ILE C 260 -15.57 0.77 -31.18
N THR C 261 -15.05 -0.10 -30.31
CA THR C 261 -14.87 -1.51 -30.61
C THR C 261 -15.75 -2.36 -29.71
N PHE C 262 -16.47 -3.29 -30.32
CA PHE C 262 -17.23 -4.32 -29.61
C PHE C 262 -16.54 -5.64 -29.93
N ASP C 263 -15.60 -6.04 -29.09
CA ASP C 263 -14.68 -7.12 -29.40
C ASP C 263 -15.26 -8.46 -28.99
N ASN C 264 -15.36 -9.39 -29.94
CA ASN C 264 -15.80 -10.75 -29.69
C ASN C 264 -14.74 -11.77 -30.10
N LYS C 265 -13.47 -11.36 -30.12
CA LYS C 265 -12.41 -12.27 -30.55
C LYS C 265 -12.24 -13.44 -29.59
N ALA C 266 -12.59 -13.25 -28.32
CA ALA C 266 -12.47 -14.34 -27.35
C ALA C 266 -13.56 -15.38 -27.52
N HIS C 267 -14.73 -14.99 -28.06
CA HIS C 267 -15.87 -15.89 -28.23
C HIS C 267 -16.25 -16.56 -26.92
N SER C 268 -16.24 -15.78 -25.83
CA SER C 268 -16.47 -16.30 -24.50
C SER C 268 -17.82 -15.89 -23.92
N GLY C 269 -18.70 -15.30 -24.73
CA GLY C 269 -19.99 -14.85 -24.25
C GLY C 269 -20.00 -13.50 -23.59
N ARG C 270 -18.84 -12.87 -23.43
CA ARG C 270 -18.73 -11.53 -22.86
C ARG C 270 -17.98 -10.66 -23.86
N ILE C 271 -18.61 -9.56 -24.27
CA ILE C 271 -18.04 -8.70 -25.31
C ILE C 271 -17.63 -7.37 -24.68
N PRO C 272 -16.34 -7.15 -24.46
CA PRO C 272 -15.90 -5.84 -23.94
C PRO C 272 -16.13 -4.73 -24.95
N ILE C 273 -16.37 -3.54 -24.44
CA ILE C 273 -16.64 -2.36 -25.26
C ILE C 273 -15.58 -1.31 -24.94
N ARG C 274 -14.96 -0.78 -26.00
CA ARG C 274 -13.85 0.14 -25.86
C ARG C 274 -14.07 1.36 -26.73
N LEU C 275 -13.54 2.49 -26.29
CA LEU C 275 -13.51 3.71 -27.08
C LEU C 275 -12.07 4.22 -27.10
N GLU C 276 -11.53 4.41 -28.30
CA GLU C 276 -10.17 4.89 -28.48
C GLU C 276 -10.17 6.08 -29.43
N THR C 277 -9.22 6.98 -29.23
CA THR C 277 -9.10 8.19 -30.03
C THR C 277 -7.68 8.34 -30.55
N LYS C 278 -7.57 8.84 -31.78
CA LYS C 278 -6.30 9.26 -32.35
C LYS C 278 -6.43 10.71 -32.76
N THR C 279 -5.41 11.50 -32.44
CA THR C 279 -5.47 12.95 -32.61
C THR C 279 -4.45 13.39 -33.65
N HIS C 280 -4.89 14.25 -34.57
CA HIS C 280 -4.01 14.86 -35.56
C HIS C 280 -4.06 16.37 -35.36
N ILE C 281 -2.99 16.93 -34.83
CA ILE C 281 -2.90 18.37 -34.60
C ILE C 281 -2.60 19.04 -35.94
N GLN C 282 -3.17 20.23 -36.14
CA GLN C 282 -2.98 20.94 -37.39
C GLN C 282 -3.20 22.42 -37.16
N GLU C 283 -2.24 23.24 -37.56
CA GLU C 283 -2.45 24.68 -37.57
C GLU C 283 -3.53 25.03 -38.59
N CYS C 284 -4.47 25.87 -38.20
CA CYS C 284 -5.58 26.27 -39.04
C CYS C 284 -5.56 27.76 -39.27
N LYS C 285 -5.72 28.16 -40.53
CA LYS C 285 -5.63 29.56 -40.95
C LYS C 285 -6.68 30.42 -40.25
N SER C 296 10.41 32.73 -33.96
CA SER C 296 9.83 32.34 -32.68
C SER C 296 10.91 32.03 -31.66
N PHE C 297 10.60 32.27 -30.38
CA PHE C 297 11.58 32.03 -29.32
C PHE C 297 11.91 30.55 -29.20
N ARG C 298 10.91 29.68 -29.40
CA ARG C 298 11.14 28.25 -29.24
C ARG C 298 12.16 27.73 -30.26
N LEU C 299 12.01 28.13 -31.52
CA LEU C 299 12.93 27.67 -32.55
C LEU C 299 14.34 28.22 -32.32
N LEU C 300 14.44 29.48 -31.92
CA LEU C 300 15.75 30.06 -31.65
C LEU C 300 16.43 29.35 -30.49
N PHE C 301 15.67 29.04 -29.43
CA PHE C 301 16.25 28.32 -28.30
C PHE C 301 16.67 26.91 -28.70
N ASP C 302 15.89 26.25 -29.56
CA ASP C 302 16.28 24.94 -30.05
C ASP C 302 17.58 25.02 -30.84
N VAL C 303 17.72 26.05 -31.68
CA VAL C 303 18.95 26.25 -32.43
C VAL C 303 20.12 26.50 -31.49
N VAL C 304 19.90 27.28 -30.44
CA VAL C 304 20.95 27.55 -29.46
C VAL C 304 21.39 26.25 -28.78
N VAL C 305 20.41 25.42 -28.39
CA VAL C 305 20.72 24.14 -27.76
C VAL C 305 21.53 23.26 -28.72
N ILE C 306 21.12 23.22 -29.98
CA ILE C 306 21.84 22.40 -30.96
C ILE C 306 23.27 22.88 -31.13
N LEU C 307 23.47 24.21 -31.20
CA LEU C 307 24.81 24.75 -31.36
C LEU C 307 25.68 24.46 -30.15
N THR C 308 25.13 24.61 -28.94
CA THR C 308 25.90 24.33 -27.74
C THR C 308 26.29 22.86 -27.67
N CYS C 309 25.35 21.96 -27.99
CA CYS C 309 25.66 20.53 -27.99
C CYS C 309 26.70 20.18 -29.03
N SER C 310 26.62 20.80 -30.21
CA SER C 310 27.60 20.54 -31.26
C SER C 310 28.99 21.01 -30.84
N LEU C 311 29.08 22.19 -30.23
CA LEU C 311 30.38 22.67 -29.76
C LEU C 311 30.95 21.76 -28.68
N SER C 312 30.11 21.33 -27.73
CA SER C 312 30.58 20.42 -26.70
C SER C 312 31.06 19.10 -27.30
N PHE C 313 30.31 18.58 -28.28
CA PHE C 313 30.70 17.34 -28.94
C PHE C 313 32.04 17.50 -29.65
N LEU C 314 32.24 18.61 -30.34
CA LEU C 314 33.51 18.85 -31.03
C LEU C 314 34.67 18.89 -30.05
N LEU C 315 34.50 19.65 -28.95
CA LEU C 315 35.58 19.76 -27.98
C LEU C 315 35.89 18.41 -27.32
N CYS C 316 34.86 17.66 -26.96
CA CYS C 316 35.09 16.37 -26.32
C CYS C 316 35.73 15.37 -27.28
N ALA C 317 35.31 15.38 -28.55
CA ALA C 317 35.93 14.51 -29.54
C ALA C 317 37.39 14.86 -29.75
N ARG C 318 37.72 16.15 -29.80
CA ARG C 318 39.11 16.56 -29.94
C ARG C 318 39.93 16.12 -28.74
N SER C 319 39.38 16.25 -27.52
CA SER C 319 40.08 15.80 -26.34
C SER C 319 40.32 14.29 -26.36
N LEU C 320 39.30 13.53 -26.79
CA LEU C 320 39.45 12.09 -26.88
C LEU C 320 40.52 11.71 -27.91
N LEU C 321 40.56 12.42 -29.04
CA LEU C 321 41.59 12.16 -30.04
C LEU C 321 42.97 12.46 -29.49
N ARG C 322 43.12 13.56 -28.75
CA ARG C 322 44.41 13.87 -28.15
C ARG C 322 44.83 12.81 -27.16
N GLY C 323 43.88 12.32 -26.35
CA GLY C 323 44.19 11.25 -25.42
C GLY C 323 44.61 9.97 -26.12
N PHE C 324 43.94 9.64 -27.23
CA PHE C 324 44.32 8.46 -28.01
C PHE C 324 45.72 8.61 -28.58
N LEU C 325 46.06 9.80 -29.08
CA LEU C 325 47.41 10.04 -29.60
C LEU C 325 48.45 9.90 -28.50
N LEU C 326 48.16 10.43 -27.31
CA LEU C 326 49.08 10.30 -26.19
C LEU C 326 49.26 8.83 -25.80
N GLN C 327 48.16 8.06 -25.79
CA GLN C 327 48.27 6.63 -25.51
C GLN C 327 49.12 5.93 -26.53
N ASN C 328 48.95 6.26 -27.82
CA ASN C 328 49.75 5.64 -28.86
C ASN C 328 51.23 5.98 -28.69
N GLU C 329 51.54 7.24 -28.38
CA GLU C 329 52.93 7.62 -28.15
C GLU C 329 53.52 6.86 -26.96
N PHE C 330 52.76 6.76 -25.87
CA PHE C 330 53.25 6.04 -24.69
C PHE C 330 53.50 4.57 -25.00
N VAL C 331 52.58 3.93 -25.72
CA VAL C 331 52.75 2.50 -25.98
C VAL C 331 53.91 2.25 -26.94
N VAL C 332 54.06 3.09 -27.98
CA VAL C 332 55.17 2.87 -28.90
C VAL C 332 56.50 3.17 -28.23
N PHE C 333 56.52 4.08 -27.26
CA PHE C 333 57.75 4.32 -26.53
C PHE C 333 58.07 3.16 -25.58
N MET C 334 57.05 2.65 -24.87
CA MET C 334 57.31 1.65 -23.84
C MET C 334 57.63 0.29 -24.43
N TRP C 335 56.90 -0.12 -25.48
CA TRP C 335 57.14 -1.44 -26.06
C TRP C 335 58.49 -1.52 -26.75
N ARG C 336 58.98 -0.41 -27.29
CA ARG C 336 60.23 -0.42 -28.06
C ARG C 336 61.42 -0.04 -27.20
N ARG C 337 61.41 1.16 -26.61
CA ARG C 337 62.55 1.61 -25.82
C ARG C 337 62.74 0.76 -24.57
N ARG C 338 61.65 0.43 -23.88
CA ARG C 338 61.74 -0.38 -22.66
C ARG C 338 61.57 -1.86 -22.92
N GLY C 339 61.01 -2.24 -24.06
CA GLY C 339 60.89 -3.65 -24.40
C GLY C 339 59.69 -4.34 -23.78
N ARG C 340 59.31 -3.93 -22.57
CA ARG C 340 58.23 -4.59 -21.86
C ARG C 340 56.89 -4.33 -22.54
N GLU C 341 56.09 -5.39 -22.66
CA GLU C 341 54.76 -5.27 -23.25
C GLU C 341 53.75 -4.84 -22.20
N ILE C 342 52.90 -3.89 -22.56
CA ILE C 342 51.89 -3.37 -21.66
C ILE C 342 50.55 -4.01 -21.98
N SER C 343 49.63 -3.94 -21.02
CA SER C 343 48.35 -4.60 -21.13
C SER C 343 47.28 -3.66 -21.69
N LEU C 344 46.08 -4.22 -21.89
CA LEU C 344 44.97 -3.43 -22.41
C LEU C 344 44.41 -2.47 -21.37
N TRP C 345 44.58 -2.79 -20.08
CA TRP C 345 44.11 -1.89 -19.04
C TRP C 345 44.88 -0.57 -19.06
N GLU C 346 46.17 -0.61 -19.41
CA GLU C 346 46.92 0.61 -19.60
C GLU C 346 46.36 1.43 -20.75
N ARG C 347 45.85 0.77 -21.80
CA ARG C 347 45.15 1.49 -22.85
C ARG C 347 43.86 2.12 -22.34
N LEU C 348 43.08 1.35 -21.58
CA LEU C 348 41.80 1.85 -21.10
C LEU C 348 41.96 2.99 -20.10
N GLU C 349 43.10 3.04 -19.40
CA GLU C 349 43.34 4.12 -18.47
C GLU C 349 43.41 5.47 -19.17
N PHE C 350 43.83 5.51 -20.43
CA PHE C 350 43.99 6.76 -21.16
C PHE C 350 42.68 7.35 -21.64
N VAL C 351 41.60 6.57 -21.67
CA VAL C 351 40.31 7.08 -22.10
C VAL C 351 39.61 7.73 -20.92
N ASN C 352 38.75 8.71 -21.22
CA ASN C 352 37.97 9.42 -20.21
C ASN C 352 36.51 9.05 -20.39
N GLY C 353 35.98 8.29 -19.44
CA GLY C 353 34.58 7.87 -19.52
C GLY C 353 33.62 9.03 -19.48
N TRP C 354 33.97 10.09 -18.76
CA TRP C 354 33.11 11.27 -18.71
C TRP C 354 32.95 11.89 -20.08
N TYR C 355 34.01 11.89 -20.90
CA TYR C 355 33.90 12.41 -22.26
C TYR C 355 33.00 11.54 -23.12
N ILE C 356 33.04 10.22 -22.92
CA ILE C 356 32.14 9.34 -23.63
C ILE C 356 30.70 9.63 -23.25
N LEU C 357 30.44 9.83 -21.95
CA LEU C 357 29.11 10.20 -21.51
C LEU C 357 28.67 11.52 -22.13
N LEU C 358 29.58 12.49 -22.19
CA LEU C 358 29.24 13.80 -22.74
C LEU C 358 28.91 13.72 -24.23
N VAL C 359 29.70 12.97 -25.00
CA VAL C 359 29.42 12.88 -26.43
C VAL C 359 28.13 12.11 -26.68
N THR C 360 27.88 11.07 -25.88
CA THR C 360 26.60 10.36 -26.00
C THR C 360 25.43 11.28 -25.72
N SER C 361 25.53 12.09 -24.66
CA SER C 361 24.46 13.03 -24.35
C SER C 361 24.30 14.07 -25.44
N ASP C 362 25.42 14.52 -26.02
CA ASP C 362 25.33 15.50 -27.12
C ASP C 362 24.62 14.92 -28.32
N VAL C 363 24.95 13.68 -28.71
CA VAL C 363 24.30 13.07 -29.86
C VAL C 363 22.82 12.88 -29.58
N LEU C 364 22.47 12.39 -28.39
CA LEU C 364 21.07 12.20 -28.05
C LEU C 364 20.31 13.52 -28.06
N THR C 365 20.91 14.57 -27.50
CA THR C 365 20.26 15.87 -27.47
C THR C 365 20.07 16.44 -28.86
N ILE C 366 21.07 16.28 -29.73
CA ILE C 366 20.95 16.81 -31.09
C ILE C 366 19.83 16.09 -31.84
N SER C 367 19.78 14.76 -31.74
CA SER C 367 18.72 14.02 -32.41
C SER C 367 17.35 14.40 -31.86
N GLY C 368 17.24 14.49 -30.53
CA GLY C 368 15.97 14.85 -29.93
C GLY C 368 15.52 16.26 -30.29
N THR C 369 16.48 17.19 -30.39
CA THR C 369 16.14 18.56 -30.74
C THR C 369 15.69 18.66 -32.19
N VAL C 370 16.33 17.91 -33.09
CA VAL C 370 15.86 17.87 -34.48
C VAL C 370 14.44 17.33 -34.54
N MET C 371 14.19 16.23 -33.82
CA MET C 371 12.84 15.67 -33.80
C MET C 371 11.84 16.64 -33.20
N LYS C 372 12.22 17.37 -32.16
CA LYS C 372 11.31 18.32 -31.53
C LYS C 372 11.02 19.50 -32.45
N ILE C 373 12.03 19.95 -33.21
CA ILE C 373 11.80 20.99 -34.20
C ILE C 373 10.82 20.51 -35.25
N GLY C 374 10.99 19.27 -35.72
CA GLY C 374 10.03 18.71 -36.66
C GLY C 374 8.63 18.61 -36.09
N ILE C 375 8.52 18.25 -34.81
CA ILE C 375 7.23 18.05 -34.18
C ILE C 375 6.51 19.39 -34.00
N GLU C 376 7.24 20.41 -33.52
CA GLU C 376 6.62 21.70 -33.23
C GLU C 376 6.13 22.41 -34.48
N ALA C 377 6.54 21.95 -35.67
CA ALA C 377 6.04 22.48 -36.93
C ALA C 377 4.87 21.65 -37.48
N LYS C 378 4.34 20.73 -36.67
CA LYS C 378 3.24 19.85 -37.08
C LYS C 378 3.62 19.05 -38.33
N ASN C 379 4.68 18.25 -38.19
CA ASN C 379 5.17 17.43 -39.29
C ASN C 379 5.46 15.98 -38.92
N LEU C 380 5.65 15.66 -37.64
CA LEU C 380 6.00 14.30 -37.24
C LEU C 380 4.97 13.67 -36.33
N ALA C 381 4.55 14.36 -35.28
CA ALA C 381 3.57 13.86 -34.30
C ALA C 381 4.04 12.58 -33.62
N SER C 382 5.34 12.32 -33.58
CA SER C 382 5.91 11.15 -32.93
C SER C 382 6.65 11.62 -31.67
N TYR C 383 5.90 11.77 -30.58
CA TYR C 383 6.46 12.32 -29.35
C TYR C 383 7.29 11.32 -28.57
N ASP C 384 7.05 10.02 -28.73
CA ASP C 384 7.66 9.02 -27.85
C ASP C 384 9.18 9.00 -28.00
N VAL C 385 9.67 8.88 -29.23
CA VAL C 385 11.11 8.76 -29.45
C VAL C 385 11.83 10.05 -29.06
N CYS C 386 11.26 11.20 -29.44
CA CYS C 386 11.87 12.48 -29.09
C CYS C 386 11.93 12.66 -27.58
N SER C 387 10.84 12.34 -26.89
CA SER C 387 10.82 12.45 -25.43
C SER C 387 11.84 11.53 -24.79
N ILE C 388 11.96 10.29 -25.30
CA ILE C 388 12.91 9.36 -24.73
C ILE C 388 14.33 9.87 -24.91
N LEU C 389 14.65 10.37 -26.11
CA LEU C 389 16.00 10.89 -26.36
C LEU C 389 16.31 12.08 -25.45
N LEU C 390 15.37 13.03 -25.35
CA LEU C 390 15.61 14.22 -24.55
C LEU C 390 15.76 13.87 -23.07
N GLY C 391 14.90 13.00 -22.57
CA GLY C 391 14.99 12.61 -21.17
C GLY C 391 16.28 11.88 -20.85
N THR C 392 16.68 10.96 -21.73
CA THR C 392 17.94 10.25 -21.50
C THR C 392 19.12 11.21 -21.52
N SER C 393 19.13 12.17 -22.44
CA SER C 393 20.22 13.14 -22.48
C SER C 393 20.26 14.00 -21.22
N THR C 394 19.11 14.45 -20.75
CA THR C 394 19.06 15.26 -19.53
C THR C 394 19.56 14.46 -18.34
N LEU C 395 19.12 13.20 -18.23
CA LEU C 395 19.61 12.35 -17.16
C LEU C 395 21.12 12.17 -17.25
N LEU C 396 21.64 12.01 -18.46
CA LEU C 396 23.07 11.81 -18.64
C LEU C 396 23.87 13.04 -18.19
N VAL C 397 23.41 14.24 -18.53
CA VAL C 397 24.17 15.42 -18.12
C VAL C 397 24.09 15.63 -16.61
N TRP C 398 22.91 15.39 -16.03
CA TRP C 398 22.80 15.54 -14.58
C TRP C 398 23.63 14.50 -13.86
N VAL C 399 23.84 13.32 -14.46
CA VAL C 399 24.78 12.36 -13.91
C VAL C 399 26.21 12.86 -14.10
N GLY C 400 26.50 13.49 -15.24
CA GLY C 400 27.84 13.99 -15.51
C GLY C 400 28.29 15.07 -14.55
N VAL C 401 27.36 15.74 -13.88
CA VAL C 401 27.70 16.68 -12.80
C VAL C 401 28.60 16.01 -11.74
N ILE C 402 28.51 14.68 -11.64
CA ILE C 402 29.34 13.95 -10.69
C ILE C 402 30.82 14.15 -10.98
N ARG C 403 31.19 14.40 -12.24
CA ARG C 403 32.58 14.66 -12.55
C ARG C 403 33.08 15.92 -11.85
N TYR C 404 32.27 16.98 -11.87
CA TYR C 404 32.62 18.17 -11.09
C TYR C 404 32.69 17.85 -9.61
N LEU C 405 31.76 17.02 -9.13
CA LEU C 405 31.80 16.68 -7.71
C LEU C 405 33.05 15.89 -7.33
N THR C 406 33.65 15.16 -8.28
CA THR C 406 34.79 14.31 -8.00
C THR C 406 36.10 15.07 -7.79
N PHE C 407 36.14 16.37 -8.06
CA PHE C 407 37.39 17.11 -7.94
C PHE C 407 37.75 17.45 -6.50
N PHE C 408 36.86 17.19 -5.55
CA PHE C 408 37.12 17.42 -4.14
C PHE C 408 37.17 16.08 -3.42
N HIS C 409 38.21 15.88 -2.61
CA HIS C 409 38.48 14.55 -2.06
C HIS C 409 37.38 14.08 -1.12
N LYS C 410 36.70 15.01 -0.44
CA LYS C 410 35.63 14.62 0.48
C LYS C 410 34.49 13.92 -0.25
N TYR C 411 34.09 14.46 -1.41
CA TYR C 411 33.09 13.80 -2.24
C TYR C 411 33.68 12.62 -2.99
N ASN C 412 34.95 12.73 -3.38
CA ASN C 412 35.61 11.65 -4.09
C ASN C 412 35.69 10.39 -3.25
N ILE C 413 35.71 10.51 -1.92
CA ILE C 413 35.70 9.33 -1.07
C ILE C 413 34.45 8.51 -1.33
N LEU C 414 33.28 9.15 -1.30
CA LEU C 414 32.02 8.43 -1.53
C LEU C 414 31.93 7.93 -2.96
N ILE C 415 32.34 8.75 -3.93
CA ILE C 415 32.26 8.33 -5.33
C ILE C 415 33.15 7.12 -5.59
N ALA C 416 34.38 7.15 -5.05
CA ALA C 416 35.28 6.01 -5.20
C ALA C 416 34.78 4.79 -4.45
N THR C 417 34.11 4.99 -3.31
CA THR C 417 33.49 3.86 -2.63
C THR C 417 32.46 3.17 -3.52
N LEU C 418 31.59 3.96 -4.16
CA LEU C 418 30.63 3.38 -5.09
C LEU C 418 31.33 2.69 -6.26
N ARG C 419 32.38 3.32 -6.79
CA ARG C 419 33.07 2.76 -7.96
C ARG C 419 33.73 1.43 -7.63
N VAL C 420 34.38 1.32 -6.46
CA VAL C 420 35.03 0.07 -6.10
C VAL C 420 34.04 -0.97 -5.57
N ALA C 421 32.84 -0.55 -5.17
CA ALA C 421 31.81 -1.52 -4.80
C ALA C 421 31.07 -2.07 -6.01
N LEU C 422 31.04 -1.34 -7.12
CA LEU C 422 30.26 -1.75 -8.28
C LEU C 422 30.57 -3.16 -8.80
N PRO C 423 31.83 -3.58 -8.95
CA PRO C 423 32.06 -4.93 -9.52
C PRO C 423 31.50 -6.07 -8.68
N SER C 424 31.75 -6.06 -7.37
CA SER C 424 31.21 -7.11 -6.51
C SER C 424 29.69 -7.07 -6.46
N VAL C 425 29.11 -5.86 -6.52
CA VAL C 425 27.65 -5.75 -6.56
C VAL C 425 27.10 -6.39 -7.84
N MET C 426 27.76 -6.14 -8.97
CA MET C 426 27.32 -6.76 -10.22
C MET C 426 27.45 -8.27 -10.17
N ARG C 427 28.54 -8.76 -9.58
CA ARG C 427 28.72 -10.21 -9.46
C ARG C 427 27.63 -10.83 -8.58
N PHE C 428 27.30 -10.17 -7.47
CA PHE C 428 26.22 -10.67 -6.61
C PHE C 428 24.87 -10.61 -7.32
N CYS C 429 24.66 -9.59 -8.15
CA CYS C 429 23.44 -9.53 -8.94
C CYS C 429 23.36 -10.70 -9.91
N CYS C 430 24.48 -11.05 -10.54
CA CYS C 430 24.51 -12.23 -11.40
C CYS C 430 24.20 -13.49 -10.59
N CYS C 431 24.74 -13.58 -9.37
CA CYS C 431 24.49 -14.75 -8.53
C CYS C 431 23.02 -14.87 -8.18
N VAL C 432 22.36 -13.76 -7.82
CA VAL C 432 20.97 -13.82 -7.37
C VAL C 432 19.96 -13.81 -8.51
N ALA C 433 20.39 -13.45 -9.72
CA ALA C 433 19.45 -13.39 -10.84
C ALA C 433 18.90 -14.77 -11.19
N VAL C 434 19.71 -15.82 -11.06
CA VAL C 434 19.24 -17.14 -11.40
C VAL C 434 18.18 -17.62 -10.40
N ILE C 435 18.38 -17.35 -9.11
CA ILE C 435 17.37 -17.68 -8.11
C ILE C 435 16.10 -16.89 -8.37
N TYR C 436 16.24 -15.61 -8.68
CA TYR C 436 15.08 -14.77 -8.97
C TYR C 436 14.31 -15.30 -10.17
N LEU C 437 15.01 -15.71 -11.22
CA LEU C 437 14.36 -16.23 -12.42
C LEU C 437 13.66 -17.56 -12.14
N GLY C 438 14.31 -18.44 -11.37
CA GLY C 438 13.66 -19.69 -11.01
C GLY C 438 12.38 -19.47 -10.22
N TYR C 439 12.42 -18.55 -9.25
CA TYR C 439 11.21 -18.21 -8.51
C TYR C 439 10.14 -17.62 -9.41
N CYS C 440 10.55 -16.78 -10.37
CA CYS C 440 9.59 -16.20 -11.30
C CYS C 440 8.89 -17.28 -12.11
N PHE C 441 9.67 -18.22 -12.66
CA PHE C 441 9.08 -19.28 -13.47
C PHE C 441 8.15 -20.16 -12.64
N CYS C 442 8.58 -20.53 -11.43
CA CYS C 442 7.76 -21.38 -10.59
C CYS C 442 6.45 -20.69 -10.22
N GLY C 443 6.54 -19.42 -9.82
CA GLY C 443 5.33 -18.69 -9.47
C GLY C 443 4.39 -18.51 -10.63
N TRP C 444 4.94 -18.20 -11.81
CA TRP C 444 4.10 -18.05 -13.00
C TRP C 444 3.38 -19.35 -13.33
N ILE C 445 4.08 -20.48 -13.28
CA ILE C 445 3.46 -21.73 -13.68
C ILE C 445 2.44 -22.21 -12.64
N VAL C 446 2.70 -21.98 -11.36
CA VAL C 446 1.82 -22.53 -10.33
C VAL C 446 0.70 -21.57 -9.98
N LEU C 447 1.06 -20.36 -9.54
CA LEU C 447 0.07 -19.41 -9.05
C LEU C 447 -0.60 -18.61 -10.15
N GLY C 448 -0.19 -18.78 -11.41
CA GLY C 448 -0.76 -18.05 -12.51
C GLY C 448 -2.26 -18.24 -12.68
N PRO C 449 -2.73 -19.49 -12.68
CA PRO C 449 -4.18 -19.71 -12.81
C PRO C 449 -5.00 -19.18 -11.65
N TYR C 450 -4.39 -18.92 -10.49
CA TYR C 450 -5.14 -18.57 -9.30
C TYR C 450 -4.88 -17.18 -8.76
N HIS C 451 -3.90 -16.45 -9.29
CA HIS C 451 -3.52 -15.15 -8.76
C HIS C 451 -3.53 -14.12 -9.88
N VAL C 452 -4.19 -12.98 -9.62
CA VAL C 452 -4.23 -11.91 -10.61
C VAL C 452 -2.85 -11.31 -10.82
N LYS C 453 -1.99 -11.36 -9.80
CA LYS C 453 -0.66 -10.78 -9.90
C LYS C 453 0.34 -11.69 -10.59
N PHE C 454 -0.03 -12.92 -10.94
CA PHE C 454 0.87 -13.88 -11.54
C PHE C 454 0.41 -14.31 -12.93
N ARG C 455 -0.39 -13.49 -13.61
CA ARG C 455 -0.94 -13.88 -14.89
C ARG C 455 0.14 -13.96 -15.97
N SER C 456 1.04 -13.00 -16.01
CA SER C 456 2.08 -12.94 -17.03
C SER C 456 3.46 -12.88 -16.36
N LEU C 457 4.48 -13.27 -17.12
CA LEU C 457 5.83 -13.36 -16.58
C LEU C 457 6.34 -11.99 -16.13
N SER C 458 6.09 -10.95 -16.92
CA SER C 458 6.48 -9.61 -16.51
C SER C 458 5.74 -9.18 -15.25
N MET C 459 4.46 -9.54 -15.15
CA MET C 459 3.70 -9.26 -13.93
C MET C 459 4.28 -10.01 -12.74
N VAL C 460 4.69 -11.27 -12.94
CA VAL C 460 5.32 -12.04 -11.87
C VAL C 460 6.60 -11.37 -11.41
N SER C 461 7.43 -10.92 -12.36
CA SER C 461 8.67 -10.26 -12.02
C SER C 461 8.43 -8.98 -11.25
N GLU C 462 7.44 -8.19 -11.69
CA GLU C 462 7.11 -6.96 -10.98
C GLU C 462 6.62 -7.24 -9.57
N CYS C 463 5.76 -8.26 -9.41
CA CYS C 463 5.25 -8.61 -8.10
C CYS C 463 6.37 -9.05 -7.16
N LEU C 464 7.29 -9.89 -7.65
CA LEU C 464 8.37 -10.36 -6.80
C LEU C 464 9.33 -9.22 -6.45
N PHE C 465 9.62 -8.35 -7.41
CA PHE C 465 10.49 -7.21 -7.14
C PHE C 465 9.88 -6.27 -6.11
N SER C 466 8.56 -6.07 -6.18
CA SER C 466 7.89 -5.28 -5.15
C SER C 466 7.92 -5.99 -3.81
N LEU C 467 7.81 -7.32 -3.82
CA LEU C 467 7.83 -8.09 -2.58
C LEU C 467 9.16 -7.95 -1.86
N ILE C 468 10.27 -8.06 -2.60
CA ILE C 468 11.57 -8.00 -1.93
C ILE C 468 11.85 -6.62 -1.37
N ASN C 469 11.16 -5.58 -1.86
CA ASN C 469 11.29 -4.23 -1.34
C ASN C 469 10.20 -3.87 -0.36
N GLY C 470 9.45 -4.86 0.14
CA GLY C 470 8.45 -4.64 1.15
C GLY C 470 7.23 -3.84 0.70
N ASP C 471 6.68 -4.19 -0.46
CA ASP C 471 5.49 -3.53 -0.97
C ASP C 471 4.48 -4.56 -1.45
N ASP C 472 3.21 -4.32 -1.11
CA ASP C 472 2.09 -5.15 -1.57
C ASP C 472 2.26 -6.62 -1.17
N MET C 473 2.66 -6.84 0.07
CA MET C 473 2.87 -8.21 0.56
C MET C 473 1.56 -8.81 1.06
N PHE C 474 0.89 -8.11 1.98
CA PHE C 474 -0.36 -8.63 2.52
C PHE C 474 -1.43 -8.73 1.44
N VAL C 475 -1.37 -7.89 0.42
CA VAL C 475 -2.32 -7.98 -0.68
C VAL C 475 -2.16 -9.31 -1.41
N THR C 476 -0.91 -9.72 -1.67
CA THR C 476 -0.65 -11.01 -2.28
C THR C 476 -1.12 -12.15 -1.39
N PHE C 477 -0.80 -12.08 -0.10
CA PHE C 477 -1.21 -13.14 0.82
C PHE C 477 -2.74 -13.25 0.88
N ALA C 478 -3.43 -12.11 0.96
CA ALA C 478 -4.89 -12.12 1.05
C ALA C 478 -5.52 -12.58 -0.25
N ALA C 479 -4.92 -12.24 -1.39
CA ALA C 479 -5.43 -12.74 -2.67
C ALA C 479 -5.34 -14.26 -2.72
N MET C 480 -4.24 -14.82 -2.23
CA MET C 480 -4.14 -16.28 -2.20
C MET C 480 -5.10 -16.88 -1.19
N GLN C 481 -5.34 -16.19 -0.08
CA GLN C 481 -6.18 -16.74 0.98
C GLN C 481 -7.66 -16.72 0.62
N ALA C 482 -8.14 -15.64 0.00
CA ALA C 482 -9.57 -15.43 -0.16
C ALA C 482 -10.20 -16.52 -1.00
N GLN C 483 -9.59 -16.86 -2.13
CA GLN C 483 -10.12 -17.89 -3.01
C GLN C 483 -9.66 -19.29 -2.64
N GLN C 484 -8.73 -19.42 -1.70
CA GLN C 484 -8.12 -20.67 -1.26
C GLN C 484 -7.32 -21.33 -2.38
N GLY C 485 -7.20 -20.70 -3.55
CA GLY C 485 -6.59 -21.34 -4.69
C GLY C 485 -7.35 -22.53 -5.22
N HIS C 486 -8.59 -22.73 -4.77
CA HIS C 486 -9.44 -23.85 -5.16
C HIS C 486 -8.80 -25.20 -4.86
N SER C 487 -7.79 -25.22 -3.99
CA SER C 487 -7.10 -26.44 -3.60
C SER C 487 -6.23 -26.13 -2.39
N SER C 488 -6.26 -27.02 -1.39
CA SER C 488 -5.41 -26.84 -0.22
C SER C 488 -3.94 -27.03 -0.56
N LEU C 489 -3.63 -27.92 -1.51
CA LEU C 489 -2.25 -28.13 -1.91
C LEU C 489 -1.67 -26.85 -2.53
N VAL C 490 -2.45 -26.18 -3.38
CA VAL C 490 -1.98 -24.94 -3.99
C VAL C 490 -1.77 -23.87 -2.93
N TRP C 491 -2.68 -23.79 -1.95
CA TRP C 491 -2.53 -22.81 -0.89
C TRP C 491 -1.29 -23.06 -0.06
N LEU C 492 -1.04 -24.32 0.31
CA LEU C 492 0.16 -24.65 1.07
C LEU C 492 1.42 -24.34 0.28
N PHE C 493 1.41 -24.66 -1.02
CA PHE C 493 2.56 -24.33 -1.85
C PHE C 493 2.78 -22.83 -1.93
N SER C 494 1.69 -22.05 -2.04
CA SER C 494 1.82 -20.61 -2.08
C SER C 494 2.41 -20.07 -0.79
N GLN C 495 1.96 -20.62 0.34
CA GLN C 495 2.53 -20.22 1.63
C GLN C 495 4.03 -20.46 1.65
N LEU C 496 4.45 -21.69 1.33
CA LEU C 496 5.87 -22.01 1.34
C LEU C 496 6.65 -21.13 0.38
N TYR C 497 6.12 -20.95 -0.84
CA TYR C 497 6.78 -20.17 -1.88
C TYR C 497 7.00 -18.74 -1.42
N LEU C 498 5.93 -18.07 -0.98
CA LEU C 498 6.03 -16.66 -0.61
C LEU C 498 6.92 -16.47 0.61
N TYR C 499 6.72 -17.30 1.64
CA TYR C 499 7.52 -17.14 2.85
C TYR C 499 9.00 -17.36 2.57
N SER C 500 9.34 -18.44 1.85
CA SER C 500 10.74 -18.71 1.55
C SER C 500 11.35 -17.61 0.71
N PHE C 501 10.63 -17.16 -0.34
CA PHE C 501 11.19 -16.14 -1.21
C PHE C 501 11.44 -14.84 -0.47
N ILE C 502 10.43 -14.35 0.26
CA ILE C 502 10.57 -13.08 0.97
C ILE C 502 11.66 -13.19 2.02
N SER C 503 11.65 -14.26 2.80
CA SER C 503 12.64 -14.43 3.86
C SER C 503 14.06 -14.41 3.29
N LEU C 504 14.31 -15.26 2.29
CA LEU C 504 15.64 -15.32 1.71
C LEU C 504 16.06 -13.96 1.16
N PHE C 505 15.24 -13.39 0.27
CA PHE C 505 15.70 -12.20 -0.45
C PHE C 505 15.80 -10.97 0.45
N ILE C 506 15.02 -10.91 1.52
CA ILE C 506 15.10 -9.75 2.40
C ILE C 506 16.19 -9.91 3.45
N TYR C 507 16.29 -11.08 4.10
CA TYR C 507 17.19 -11.22 5.22
C TYR C 507 18.57 -11.75 4.84
N MET C 508 18.81 -12.14 3.59
CA MET C 508 20.15 -12.54 3.21
C MET C 508 20.71 -11.70 2.06
N VAL C 509 19.95 -11.54 0.97
CA VAL C 509 20.49 -10.87 -0.21
C VAL C 509 20.71 -9.38 0.06
N LEU C 510 19.72 -8.71 0.64
CA LEU C 510 19.86 -7.30 0.95
C LEU C 510 20.95 -7.06 1.98
N SER C 511 21.02 -7.94 2.98
CA SER C 511 22.08 -7.83 3.98
C SER C 511 23.45 -8.00 3.36
N LEU C 512 23.58 -8.90 2.37
CA LEU C 512 24.86 -9.07 1.70
C LEU C 512 25.21 -7.86 0.84
N PHE C 513 24.21 -7.23 0.22
CA PHE C 513 24.48 -5.99 -0.50
C PHE C 513 25.01 -4.92 0.45
N ILE C 514 24.37 -4.79 1.62
CA ILE C 514 24.83 -3.83 2.63
C ILE C 514 26.25 -4.16 3.06
N ALA C 515 26.55 -5.46 3.26
CA ALA C 515 27.88 -5.87 3.68
C ALA C 515 28.92 -5.53 2.62
N LEU C 516 28.59 -5.76 1.34
CA LEU C 516 29.53 -5.42 0.27
C LEU C 516 29.82 -3.92 0.25
N ILE C 517 28.77 -3.10 0.36
CA ILE C 517 28.98 -1.65 0.35
C ILE C 517 29.80 -1.22 1.56
N THR C 518 29.51 -1.78 2.72
CA THR C 518 30.25 -1.43 3.93
C THR C 518 31.72 -1.83 3.82
N GLY C 519 31.99 -3.00 3.25
CA GLY C 519 33.37 -3.42 3.05
C GLY C 519 34.11 -2.52 2.09
N ALA C 520 33.46 -2.12 0.99
CA ALA C 520 34.10 -1.21 0.06
C ALA C 520 34.40 0.13 0.72
N TYR C 521 33.46 0.64 1.52
CA TYR C 521 33.69 1.88 2.24
C TYR C 521 34.83 1.75 3.24
N ASP C 522 34.92 0.61 3.91
CA ASP C 522 36.02 0.39 4.85
C ASP C 522 37.36 0.36 4.13
N THR C 523 37.43 -0.28 2.96
CA THR C 523 38.67 -0.29 2.19
C THR C 523 39.05 1.12 1.75
N ILE C 524 38.07 1.90 1.28
CA ILE C 524 38.37 3.26 0.84
C ILE C 524 38.84 4.12 2.00
N LYS C 525 38.18 4.00 3.16
CA LYS C 525 38.49 4.87 4.29
C LYS C 525 39.87 4.56 4.87
N HIS C 526 40.27 3.29 4.87
CA HIS C 526 41.53 2.86 5.46
C HIS C 526 42.35 2.12 4.40
N PRO C 527 43.08 2.85 3.56
CA PRO C 527 43.91 2.26 2.51
C PRO C 527 45.13 1.53 3.08
N GLU D 39 50.59 -42.75 -3.51
CA GLU D 39 49.74 -43.95 -3.49
C GLU D 39 48.60 -43.84 -4.49
N ASP D 40 48.08 -45.00 -4.90
CA ASP D 40 46.97 -45.02 -5.85
C ASP D 40 45.73 -44.36 -5.26
N LEU D 41 45.43 -44.65 -3.98
CA LEU D 41 44.27 -44.05 -3.35
C LEU D 41 44.40 -42.54 -3.28
N ARG D 42 45.58 -42.04 -2.94
CA ARG D 42 45.77 -40.59 -2.86
C ARG D 42 45.56 -39.93 -4.22
N ARG D 43 46.10 -40.54 -5.28
CA ARG D 43 45.92 -39.97 -6.62
C ARG D 43 44.46 -39.99 -7.04
N ARG D 44 43.77 -41.10 -6.80
CA ARG D 44 42.36 -41.20 -7.18
C ARG D 44 41.51 -40.20 -6.40
N LEU D 45 41.79 -40.04 -5.11
CA LEU D 45 41.09 -39.02 -4.33
C LEU D 45 41.42 -37.62 -4.82
N LYS D 46 42.64 -37.40 -5.29
CA LYS D 46 43.00 -36.11 -5.84
C LYS D 46 42.24 -35.84 -7.13
N TYR D 47 42.00 -36.87 -7.94
CA TYR D 47 41.15 -36.70 -9.11
C TYR D 47 39.75 -36.26 -8.70
N PHE D 48 39.21 -36.84 -7.64
CA PHE D 48 37.99 -36.31 -7.05
C PHE D 48 38.27 -34.92 -6.47
N PHE D 49 37.23 -34.09 -6.44
CA PHE D 49 37.22 -32.73 -5.90
C PHE D 49 37.94 -31.72 -6.79
N MET D 50 38.55 -32.13 -7.90
CA MET D 50 39.15 -31.12 -8.78
C MET D 50 38.06 -30.41 -9.58
N SER D 51 38.34 -29.16 -9.92
CA SER D 51 37.44 -28.38 -10.75
C SER D 51 37.41 -28.95 -12.17
N PRO D 52 36.33 -28.69 -12.92
CA PRO D 52 36.28 -29.19 -14.30
C PRO D 52 37.44 -28.73 -15.16
N CYS D 53 37.90 -27.49 -14.97
CA CYS D 53 39.07 -27.01 -15.72
C CYS D 53 40.31 -27.83 -15.37
N ASP D 54 40.49 -28.14 -14.09
CA ASP D 54 41.63 -28.96 -13.68
C ASP D 54 41.53 -30.36 -14.26
N LYS D 55 40.33 -30.93 -14.29
CA LYS D 55 40.15 -32.24 -14.91
C LYS D 55 40.47 -32.20 -16.40
N PHE D 56 40.06 -31.14 -17.08
CA PHE D 56 40.39 -30.99 -18.49
C PHE D 56 41.89 -30.87 -18.70
N ARG D 57 42.57 -30.13 -17.83
CA ARG D 57 44.02 -30.04 -17.91
C ARG D 57 44.68 -31.40 -17.67
N ALA D 58 44.16 -32.17 -16.70
CA ALA D 58 44.82 -33.41 -16.32
C ALA D 58 44.61 -34.50 -17.37
N LYS D 59 43.40 -34.66 -17.87
CA LYS D 59 43.07 -35.77 -18.75
C LYS D 59 42.56 -35.37 -20.13
N GLY D 60 42.30 -34.10 -20.37
CA GLY D 60 41.83 -33.69 -21.68
C GLY D 60 40.48 -34.26 -22.06
N ARG D 61 39.59 -34.41 -21.10
CA ARG D 61 38.25 -34.92 -21.34
C ARG D 61 37.28 -33.76 -21.40
N LYS D 62 36.53 -33.67 -22.49
CA LYS D 62 35.60 -32.56 -22.67
C LYS D 62 34.49 -32.65 -21.63
N PRO D 63 34.20 -31.57 -20.90
CA PRO D 63 33.15 -31.63 -19.87
C PRO D 63 31.77 -31.71 -20.49
N CYS D 64 31.40 -32.89 -21.00
CA CYS D 64 30.11 -33.07 -21.66
C CYS D 64 28.96 -33.15 -20.67
N LYS D 65 29.21 -33.51 -19.40
CA LYS D 65 28.15 -33.49 -18.41
C LYS D 65 27.64 -32.08 -18.16
N LEU D 66 28.55 -31.10 -18.14
CA LEU D 66 28.16 -29.71 -17.96
C LEU D 66 27.29 -29.24 -19.13
N MET D 67 27.69 -29.61 -20.36
CA MET D 67 26.89 -29.25 -21.53
C MET D 67 25.52 -29.92 -21.48
N LEU D 68 25.49 -31.17 -21.03
CA LEU D 68 24.20 -31.86 -20.89
C LEU D 68 23.31 -31.15 -19.90
N GLN D 69 23.86 -30.69 -18.78
CA GLN D 69 23.06 -29.98 -17.79
C GLN D 69 22.57 -28.63 -18.33
N VAL D 70 23.40 -27.94 -19.11
CA VAL D 70 22.96 -26.69 -19.72
C VAL D 70 21.81 -26.95 -20.69
N VAL D 71 21.93 -28.00 -21.51
CA VAL D 71 20.86 -28.37 -22.42
C VAL D 71 19.60 -28.71 -21.65
N LYS D 72 19.75 -29.41 -20.52
CA LYS D 72 18.60 -29.74 -19.69
C LYS D 72 17.91 -28.50 -19.17
N ILE D 73 18.69 -27.52 -18.69
CA ILE D 73 18.11 -26.26 -18.23
C ILE D 73 17.31 -25.60 -19.34
N LEU D 74 17.89 -25.54 -20.54
CA LEU D 74 17.23 -24.90 -21.66
C LEU D 74 15.92 -25.59 -22.00
N VAL D 75 15.94 -26.93 -22.09
CA VAL D 75 14.76 -27.66 -22.55
C VAL D 75 13.65 -27.60 -21.50
N VAL D 76 14.00 -27.70 -20.22
CA VAL D 76 12.96 -27.64 -19.19
C VAL D 76 12.35 -26.24 -19.13
N THR D 77 13.17 -25.20 -19.31
CA THR D 77 12.62 -23.85 -19.33
C THR D 77 11.67 -23.66 -20.50
N VAL D 78 12.05 -24.16 -21.69
CA VAL D 78 11.19 -24.02 -22.86
C VAL D 78 9.87 -24.76 -22.66
N GLN D 79 9.95 -25.99 -22.15
CA GLN D 79 8.74 -26.76 -21.90
C GLN D 79 7.82 -26.06 -20.92
N LEU D 80 8.40 -25.52 -19.83
CA LEU D 80 7.58 -24.81 -18.86
C LEU D 80 6.93 -23.58 -19.47
N ILE D 81 7.64 -22.85 -20.33
CA ILE D 81 7.08 -21.66 -20.95
C ILE D 81 5.90 -22.03 -21.84
N LEU D 82 6.06 -23.06 -22.66
CA LEU D 82 4.97 -23.47 -23.55
C LEU D 82 3.76 -23.94 -22.75
N PHE D 83 3.99 -24.73 -21.70
CA PHE D 83 2.90 -25.19 -20.85
C PHE D 83 2.19 -24.01 -20.21
N GLY D 84 2.95 -23.02 -19.75
CA GLY D 84 2.34 -21.86 -19.13
C GLY D 84 1.49 -21.05 -20.09
N LEU D 85 1.95 -20.91 -21.33
CA LEU D 85 1.16 -20.17 -22.31
C LEU D 85 -0.16 -20.87 -22.61
N SER D 86 -0.11 -22.20 -22.82
CA SER D 86 -1.35 -22.92 -23.08
C SER D 86 -2.31 -22.85 -21.88
N ASN D 87 -1.76 -23.01 -20.67
CA ASN D 87 -2.60 -22.92 -19.48
C ASN D 87 -3.19 -21.53 -19.32
N GLN D 88 -2.43 -20.48 -19.69
CA GLN D 88 -2.95 -19.13 -19.64
C GLN D 88 -4.16 -18.98 -20.55
N LEU D 89 -4.07 -19.50 -21.77
CA LEU D 89 -5.20 -19.42 -22.68
C LEU D 89 -6.43 -20.13 -22.10
N VAL D 90 -6.24 -21.34 -21.59
CA VAL D 90 -7.37 -22.10 -21.06
C VAL D 90 -8.00 -21.39 -19.87
N VAL D 91 -7.17 -20.87 -18.96
CA VAL D 91 -7.67 -20.18 -17.78
C VAL D 91 -8.43 -18.94 -18.16
N THR D 92 -7.92 -18.17 -19.12
CA THR D 92 -8.61 -16.96 -19.55
C THR D 92 -9.99 -17.29 -20.12
N PHE D 93 -10.06 -18.34 -20.97
CA PHE D 93 -11.36 -18.73 -21.52
C PHE D 93 -12.34 -19.11 -20.42
N ARG D 94 -11.88 -19.94 -19.47
CA ARG D 94 -12.77 -20.37 -18.40
C ARG D 94 -13.26 -19.19 -17.56
N GLU D 95 -12.36 -18.27 -17.21
CA GLU D 95 -12.73 -17.14 -16.38
C GLU D 95 -13.73 -16.23 -17.09
N GLU D 96 -13.49 -15.96 -18.39
CA GLU D 96 -14.42 -15.11 -19.13
C GLU D 96 -15.80 -15.75 -19.22
N ASN D 97 -15.85 -17.06 -19.48
CA ASN D 97 -17.15 -17.73 -19.53
C ASN D 97 -17.85 -17.70 -18.18
N THR D 98 -17.09 -17.86 -17.08
CA THR D 98 -17.70 -17.81 -15.77
C THR D 98 -18.26 -16.43 -15.46
N ILE D 99 -17.55 -15.37 -15.86
CA ILE D 99 -18.07 -14.02 -15.67
C ILE D 99 -19.35 -13.82 -16.46
N ALA D 100 -19.38 -14.31 -17.71
CA ALA D 100 -20.59 -14.21 -18.51
C ALA D 100 -21.75 -14.93 -17.85
N PHE D 101 -21.50 -16.13 -17.30
CA PHE D 101 -22.55 -16.87 -16.60
C PHE D 101 -23.05 -16.10 -15.39
N ARG D 102 -22.14 -15.49 -14.64
CA ARG D 102 -22.55 -14.71 -13.47
C ARG D 102 -23.44 -13.55 -13.87
N HIS D 103 -23.10 -12.86 -14.95
CA HIS D 103 -23.96 -11.77 -15.42
C HIS D 103 -25.29 -12.28 -15.97
N LEU D 104 -25.30 -13.49 -16.53
CA LEU D 104 -26.52 -14.01 -17.15
C LEU D 104 -27.52 -14.53 -16.11
N PHE D 105 -27.04 -15.19 -15.05
CA PHE D 105 -27.92 -15.95 -14.18
C PHE D 105 -28.12 -15.35 -12.79
N LEU D 106 -27.31 -14.40 -12.37
CA LEU D 106 -27.44 -13.81 -11.05
C LEU D 106 -28.19 -12.49 -11.15
N LEU D 107 -29.31 -12.39 -10.44
CA LEU D 107 -30.18 -11.23 -10.54
C LEU D 107 -29.53 -10.02 -9.88
N GLY D 108 -29.39 -8.94 -10.63
CA GLY D 108 -28.79 -7.72 -10.10
C GLY D 108 -27.31 -7.82 -9.83
N TYR D 109 -26.61 -8.74 -10.49
CA TYR D 109 -25.19 -8.93 -10.24
C TYR D 109 -24.38 -7.77 -10.81
N SER D 110 -23.36 -7.36 -10.06
CA SER D 110 -22.42 -6.35 -10.50
C SER D 110 -21.00 -6.85 -10.25
N ASP D 111 -20.08 -6.42 -11.12
CA ASP D 111 -18.70 -6.86 -11.03
C ASP D 111 -18.07 -6.37 -9.71
N GLY D 112 -17.20 -7.21 -9.15
CA GLY D 112 -16.50 -6.85 -7.93
C GLY D 112 -17.33 -6.95 -6.67
N SER D 113 -18.43 -7.70 -6.69
CA SER D 113 -19.30 -7.83 -5.52
C SER D 113 -19.60 -9.29 -5.21
N ASP D 114 -18.69 -10.19 -5.57
CA ASP D 114 -18.93 -11.62 -5.36
C ASP D 114 -18.98 -11.96 -3.87
N ASP D 115 -18.12 -11.33 -3.06
CA ASP D 115 -18.04 -11.67 -1.66
C ASP D 115 -19.21 -11.13 -0.84
N THR D 116 -19.87 -10.08 -1.31
CA THR D 116 -20.99 -9.50 -0.58
C THR D 116 -22.35 -9.79 -1.22
N PHE D 117 -22.38 -10.49 -2.35
CA PHE D 117 -23.63 -10.79 -3.03
C PHE D 117 -24.46 -11.74 -2.17
N ALA D 118 -25.61 -11.27 -1.70
CA ALA D 118 -26.44 -12.07 -0.80
C ALA D 118 -27.88 -11.58 -0.87
N ALA D 119 -28.78 -12.44 -0.41
CA ALA D 119 -30.20 -12.12 -0.28
C ALA D 119 -30.55 -11.97 1.19
N TYR D 120 -31.47 -11.05 1.47
CA TYR D 120 -31.83 -10.72 2.85
C TYR D 120 -33.31 -10.86 3.14
N THR D 121 -34.15 -11.09 2.15
CA THR D 121 -35.57 -11.29 2.36
C THR D 121 -36.03 -12.52 1.59
N GLN D 122 -37.20 -13.04 1.97
CA GLN D 122 -37.76 -14.18 1.25
C GLN D 122 -38.08 -13.83 -0.19
N GLU D 123 -38.61 -12.62 -0.41
CA GLU D 123 -38.90 -12.17 -1.77
C GLU D 123 -37.62 -12.10 -2.61
N GLN D 124 -36.53 -11.59 -2.03
CA GLN D 124 -35.28 -11.52 -2.78
C GLN D 124 -34.80 -12.90 -3.20
N LEU D 125 -34.87 -13.87 -2.28
CA LEU D 125 -34.45 -15.23 -2.61
C LEU D 125 -35.33 -15.82 -3.71
N TYR D 126 -36.65 -15.64 -3.61
CA TYR D 126 -37.55 -16.17 -4.63
C TYR D 126 -37.25 -15.56 -5.98
N GLN D 127 -37.08 -14.23 -6.03
CA GLN D 127 -36.78 -13.58 -7.30
C GLN D 127 -35.46 -14.03 -7.87
N ALA D 128 -34.45 -14.22 -7.02
CA ALA D 128 -33.15 -14.68 -7.51
C ALA D 128 -33.26 -16.06 -8.13
N ILE D 129 -33.92 -16.99 -7.44
CA ILE D 129 -34.05 -18.35 -7.96
C ILE D 129 -34.83 -18.35 -9.27
N PHE D 130 -35.97 -17.64 -9.28
CA PHE D 130 -36.81 -17.63 -10.47
C PHE D 130 -36.10 -16.95 -11.64
N TYR D 131 -35.34 -15.89 -11.37
CA TYR D 131 -34.57 -15.24 -12.42
C TYR D 131 -33.52 -16.17 -13.01
N ALA D 132 -32.83 -16.93 -12.15
CA ALA D 132 -31.84 -17.87 -12.66
C ALA D 132 -32.49 -18.89 -13.58
N VAL D 133 -33.60 -19.49 -13.14
CA VAL D 133 -34.24 -20.52 -13.95
C VAL D 133 -34.79 -19.93 -15.23
N ASP D 134 -35.43 -18.76 -15.16
CA ASP D 134 -36.00 -18.13 -16.35
C ASP D 134 -34.92 -17.77 -17.35
N GLN D 135 -33.79 -17.23 -16.89
CA GLN D 135 -32.68 -16.93 -17.80
C GLN D 135 -32.13 -18.21 -18.42
N TYR D 136 -32.11 -19.31 -17.66
CA TYR D 136 -31.72 -20.58 -18.26
C TYR D 136 -32.67 -20.98 -19.37
N LEU D 137 -33.97 -20.79 -19.16
CA LEU D 137 -34.95 -21.29 -20.13
C LEU D 137 -34.96 -20.51 -21.44
N ILE D 138 -34.42 -19.28 -21.46
CA ILE D 138 -34.42 -18.49 -22.69
C ILE D 138 -32.99 -18.17 -23.09
N LEU D 139 -32.06 -19.05 -22.73
CA LEU D 139 -30.64 -18.79 -22.98
C LEU D 139 -30.29 -18.61 -24.45
N PRO D 140 -30.76 -19.46 -25.38
CA PRO D 140 -30.32 -19.30 -26.78
C PRO D 140 -30.63 -17.95 -27.40
N GLU D 141 -31.72 -17.31 -27.01
CA GLU D 141 -32.14 -16.07 -27.65
C GLU D 141 -31.61 -14.83 -26.95
N ILE D 142 -30.85 -14.97 -25.87
CA ILE D 142 -30.29 -13.83 -25.18
C ILE D 142 -28.77 -13.87 -25.06
N SER D 143 -28.14 -15.04 -25.08
CA SER D 143 -26.72 -15.14 -24.82
C SER D 143 -25.91 -14.70 -26.04
N LEU D 144 -24.78 -14.03 -25.78
CA LEU D 144 -23.85 -13.68 -26.85
C LEU D 144 -22.95 -14.83 -27.24
N GLY D 145 -22.84 -15.85 -26.40
CA GLY D 145 -22.06 -17.03 -26.71
C GLY D 145 -22.96 -18.17 -27.16
N ARG D 146 -22.41 -19.04 -28.01
CA ARG D 146 -23.17 -20.18 -28.53
C ARG D 146 -23.07 -21.31 -27.51
N TYR D 147 -24.06 -21.37 -26.63
CA TYR D 147 -24.14 -22.40 -25.60
C TYR D 147 -25.25 -23.38 -25.96
N ALA D 148 -24.97 -24.66 -25.78
CA ALA D 148 -25.91 -25.73 -26.07
C ALA D 148 -26.32 -26.42 -24.78
N TYR D 149 -27.61 -26.75 -24.68
CA TYR D 149 -28.11 -27.49 -23.53
C TYR D 149 -27.50 -28.89 -23.50
N VAL D 150 -27.38 -29.45 -22.30
CA VAL D 150 -26.87 -30.79 -22.10
C VAL D 150 -27.97 -31.60 -21.45
N ARG D 151 -28.55 -32.54 -22.21
CA ARG D 151 -29.60 -33.39 -21.68
C ARG D 151 -29.04 -34.35 -20.63
N GLY D 152 -29.77 -34.50 -19.53
CA GLY D 152 -29.29 -35.34 -18.45
C GLY D 152 -28.16 -34.75 -17.62
N GLY D 153 -27.88 -33.46 -17.79
CA GLY D 153 -26.81 -32.78 -17.08
C GLY D 153 -27.19 -32.18 -15.76
N GLY D 154 -28.40 -32.44 -15.27
CA GLY D 154 -28.84 -31.86 -14.01
C GLY D 154 -28.14 -32.41 -12.78
N GLY D 155 -27.32 -33.45 -12.93
CA GLY D 155 -26.57 -33.99 -11.83
C GLY D 155 -27.18 -35.27 -11.28
N PRO D 156 -26.61 -35.78 -10.18
CA PRO D 156 -27.14 -37.02 -9.59
C PRO D 156 -28.57 -36.90 -9.13
N TRP D 157 -29.01 -35.71 -8.72
CA TRP D 157 -30.37 -35.51 -8.22
C TRP D 157 -31.39 -35.32 -9.32
N ALA D 158 -30.96 -35.32 -10.58
CA ALA D 158 -31.86 -35.22 -11.72
C ALA D 158 -32.08 -36.60 -12.34
N ASN D 159 -33.28 -36.82 -12.85
CA ASN D 159 -33.67 -38.09 -13.48
C ASN D 159 -33.57 -38.01 -14.99
N GLY D 160 -32.57 -37.32 -15.51
CA GLY D 160 -32.43 -37.09 -16.94
C GLY D 160 -32.79 -35.69 -17.38
N SER D 161 -33.32 -34.87 -16.49
CA SER D 161 -33.60 -33.48 -16.83
C SER D 161 -32.32 -32.67 -16.88
N ALA D 162 -32.34 -31.59 -17.66
CA ALA D 162 -31.14 -30.79 -17.86
C ALA D 162 -30.83 -29.90 -16.65
N LEU D 163 -31.86 -29.39 -15.97
CA LEU D 163 -31.68 -28.54 -14.81
C LEU D 163 -32.33 -29.18 -13.59
N ALA D 164 -31.62 -29.12 -12.46
CA ALA D 164 -32.13 -29.62 -11.19
C ALA D 164 -32.18 -28.45 -10.20
N LEU D 165 -33.35 -28.22 -9.62
CA LEU D 165 -33.55 -27.18 -8.62
C LEU D 165 -33.88 -27.87 -7.31
N CYS D 166 -32.89 -27.99 -6.44
CA CYS D 166 -33.01 -28.76 -5.21
C CYS D 166 -32.91 -27.84 -3.99
N GLN D 167 -33.78 -28.05 -3.02
CA GLN D 167 -33.69 -27.41 -1.72
C GLN D 167 -33.50 -28.48 -0.65
N ARG D 168 -32.64 -28.19 0.31
CA ARG D 168 -32.31 -29.13 1.38
C ARG D 168 -32.69 -28.51 2.71
N TYR D 169 -33.37 -29.28 3.55
CA TYR D 169 -33.82 -28.80 4.85
C TYR D 169 -33.80 -29.95 5.83
N TYR D 170 -33.85 -29.61 7.12
CA TYR D 170 -33.85 -30.62 8.17
C TYR D 170 -35.16 -31.40 8.15
N HIS D 171 -35.09 -32.66 8.58
CA HIS D 171 -36.27 -33.52 8.57
C HIS D 171 -37.37 -32.96 9.45
N ARG D 172 -37.01 -32.51 10.65
CA ARG D 172 -37.95 -31.87 11.56
C ARG D 172 -37.27 -30.64 12.14
N GLY D 173 -37.89 -29.48 11.99
CA GLY D 173 -37.24 -28.23 12.31
C GLY D 173 -38.08 -27.25 13.10
N HIS D 174 -38.93 -27.74 13.99
CA HIS D 174 -39.76 -26.86 14.81
C HIS D 174 -38.86 -26.05 15.74
N VAL D 175 -38.71 -24.75 15.43
CA VAL D 175 -37.87 -23.85 16.20
C VAL D 175 -38.76 -22.71 16.73
N ASP D 176 -38.68 -22.47 18.03
CA ASP D 176 -39.49 -21.45 18.70
C ASP D 176 -38.59 -20.59 19.56
N PRO D 177 -38.01 -19.53 19.01
CA PRO D 177 -37.16 -18.64 19.84
C PRO D 177 -37.90 -18.00 21.00
N ALA D 178 -39.20 -17.73 20.85
CA ALA D 178 -39.96 -17.11 21.94
C ALA D 178 -40.12 -18.08 23.11
N ASN D 179 -40.47 -19.33 22.83
CA ASN D 179 -40.69 -20.33 23.87
C ASN D 179 -39.45 -21.17 24.15
N ASP D 180 -38.33 -20.91 23.47
CA ASP D 180 -37.09 -21.64 23.67
C ASP D 180 -37.27 -23.14 23.40
N THR D 181 -37.72 -23.45 22.19
CA THR D 181 -37.93 -24.83 21.75
C THR D 181 -37.01 -25.11 20.56
N PHE D 182 -36.29 -26.23 20.63
CA PHE D 182 -35.31 -26.59 19.62
C PHE D 182 -35.48 -28.02 19.15
N ASP D 183 -36.73 -28.48 19.04
CA ASP D 183 -36.98 -29.85 18.61
C ASP D 183 -36.48 -30.05 17.19
N ILE D 184 -35.35 -30.74 17.04
CA ILE D 184 -34.64 -30.81 15.78
C ILE D 184 -34.31 -32.27 15.48
N ASP D 185 -34.60 -32.70 14.24
CA ASP D 185 -34.13 -33.97 13.73
C ASP D 185 -33.02 -33.70 12.72
N PRO D 186 -31.77 -34.04 13.02
CA PRO D 186 -30.65 -33.62 12.14
C PRO D 186 -30.66 -34.24 10.76
N ARG D 187 -31.62 -35.09 10.42
CA ARG D 187 -31.68 -35.66 9.09
C ARG D 187 -31.98 -34.57 8.06
N VAL D 188 -31.27 -34.62 6.94
CA VAL D 188 -31.45 -33.66 5.85
C VAL D 188 -32.35 -34.28 4.79
N VAL D 189 -33.30 -33.49 4.31
CA VAL D 189 -34.26 -33.92 3.29
C VAL D 189 -34.03 -33.10 2.04
N THR D 190 -33.82 -33.77 0.91
CA THR D 190 -33.55 -33.12 -0.36
C THR D 190 -34.78 -33.23 -1.25
N ASP D 191 -35.41 -32.11 -1.54
CA ASP D 191 -36.56 -32.03 -2.42
C ASP D 191 -36.13 -31.36 -3.72
N CYS D 192 -36.29 -32.06 -4.84
CA CYS D 192 -35.78 -31.60 -6.12
C CYS D 192 -36.92 -31.34 -7.09
N ILE D 193 -36.70 -30.39 -7.99
CA ILE D 193 -37.62 -30.07 -9.08
C ILE D 193 -36.85 -30.21 -10.39
N GLN D 194 -37.41 -30.97 -11.33
CA GLN D 194 -36.75 -31.20 -12.60
C GLN D 194 -37.24 -30.20 -13.63
N VAL D 195 -36.31 -29.53 -14.30
CA VAL D 195 -36.61 -28.53 -15.31
C VAL D 195 -35.94 -28.94 -16.61
N ASP D 196 -36.70 -28.92 -17.71
CA ASP D 196 -36.19 -29.28 -19.01
C ASP D 196 -36.39 -28.13 -19.98
N PRO D 197 -35.38 -27.77 -20.77
CA PRO D 197 -35.54 -26.71 -21.75
C PRO D 197 -36.45 -27.14 -22.88
N PRO D 198 -37.10 -26.20 -23.56
CA PRO D 198 -37.96 -26.56 -24.68
C PRO D 198 -37.15 -27.21 -25.80
N ASP D 199 -37.76 -28.19 -26.46
CA ASP D 199 -37.11 -28.89 -27.56
C ASP D 199 -37.16 -28.02 -28.82
N ARG D 200 -35.99 -27.68 -29.34
CA ARG D 200 -35.86 -26.85 -30.54
C ARG D 200 -36.61 -25.52 -30.38
N ALA D 216 -43.46 -24.99 -16.28
CA ALA D 216 -43.38 -23.90 -15.31
C ALA D 216 -43.76 -24.37 -13.91
N SER D 217 -43.60 -25.68 -13.66
CA SER D 217 -43.91 -26.22 -12.36
C SER D 217 -42.94 -25.73 -11.28
N TYR D 218 -41.76 -25.26 -11.68
CA TYR D 218 -40.82 -24.69 -10.71
C TYR D 218 -41.33 -23.39 -10.11
N LYS D 219 -42.31 -22.74 -10.74
CA LYS D 219 -42.86 -21.51 -10.20
C LYS D 219 -43.60 -21.76 -8.89
N ASN D 220 -44.12 -22.98 -8.69
CA ASN D 220 -44.81 -23.35 -7.46
C ASN D 220 -43.85 -23.77 -6.35
N LEU D 221 -42.57 -23.47 -6.50
CA LEU D 221 -41.58 -23.80 -5.47
C LEU D 221 -41.92 -23.09 -4.17
N THR D 222 -41.90 -23.83 -3.07
CA THR D 222 -42.17 -23.29 -1.75
C THR D 222 -41.03 -23.66 -0.82
N LEU D 223 -40.42 -22.66 -0.20
CA LEU D 223 -39.25 -22.88 0.63
C LEU D 223 -39.64 -23.08 2.09
N LYS D 224 -38.69 -23.61 2.85
CA LYS D 224 -38.90 -23.96 4.25
C LYS D 224 -37.95 -23.16 5.13
N PHE D 225 -37.95 -21.83 4.95
CA PHE D 225 -37.00 -20.89 5.54
C PHE D 225 -36.63 -21.20 6.98
N HIS D 226 -37.60 -21.62 7.80
CA HIS D 226 -37.31 -21.87 9.21
C HIS D 226 -36.35 -23.04 9.39
N LYS D 227 -36.31 -23.96 8.43
CA LYS D 227 -35.42 -25.12 8.51
C LYS D 227 -34.56 -25.28 7.25
N LEU D 228 -34.49 -24.25 6.41
CA LEU D 228 -33.75 -24.38 5.15
C LEU D 228 -32.25 -24.45 5.40
N ILE D 229 -31.57 -25.29 4.62
CA ILE D 229 -30.12 -25.43 4.69
C ILE D 229 -29.44 -24.74 3.50
N ASN D 230 -29.82 -25.13 2.28
CA ASN D 230 -29.35 -24.43 1.09
C ASN D 230 -30.28 -24.75 -0.08
N VAL D 231 -30.15 -23.94 -1.13
CA VAL D 231 -30.83 -24.16 -2.39
C VAL D 231 -29.77 -24.16 -3.48
N THR D 232 -29.82 -25.15 -4.36
CA THR D 232 -28.82 -25.32 -5.40
C THR D 232 -29.48 -25.47 -6.75
N ILE D 233 -28.77 -25.03 -7.79
CA ILE D 233 -29.22 -25.17 -9.18
C ILE D 233 -28.07 -25.77 -9.97
N HIS D 234 -28.32 -26.93 -10.60
CA HIS D 234 -27.32 -27.62 -11.39
C HIS D 234 -27.77 -27.69 -12.84
N PHE D 235 -26.88 -27.30 -13.75
CA PHE D 235 -27.10 -27.54 -15.17
C PHE D 235 -25.76 -27.45 -15.87
N GLN D 236 -25.71 -27.98 -17.09
CA GLN D 236 -24.47 -28.00 -17.87
C GLN D 236 -24.69 -27.32 -19.21
N LEU D 237 -23.67 -26.56 -19.63
CA LEU D 237 -23.65 -25.92 -20.94
C LEU D 237 -22.36 -26.30 -21.64
N LYS D 238 -22.46 -26.68 -22.91
CA LYS D 238 -21.30 -27.03 -23.70
C LYS D 238 -21.14 -26.05 -24.86
N THR D 239 -19.90 -25.67 -25.14
CA THR D 239 -19.61 -24.71 -26.19
C THR D 239 -18.31 -25.12 -26.87
N ILE D 240 -17.89 -24.32 -27.85
CA ILE D 240 -16.69 -24.58 -28.62
C ILE D 240 -15.79 -23.35 -28.50
N ASN D 241 -14.51 -23.59 -28.18
CA ASN D 241 -13.52 -22.52 -28.11
C ASN D 241 -13.09 -22.18 -29.53
N LEU D 242 -13.62 -21.08 -30.06
CA LEU D 242 -13.36 -20.74 -31.46
C LEU D 242 -11.94 -20.23 -31.67
N GLN D 243 -11.32 -19.65 -30.65
CA GLN D 243 -9.92 -19.24 -30.77
C GLN D 243 -9.03 -20.43 -31.04
N SER D 244 -9.27 -21.53 -30.33
CA SER D 244 -8.52 -22.76 -30.59
C SER D 244 -8.78 -23.27 -32.00
N LEU D 245 -10.01 -23.13 -32.48
CA LEU D 245 -10.33 -23.58 -33.84
C LEU D 245 -9.55 -22.78 -34.87
N ILE D 246 -9.50 -21.46 -34.70
CA ILE D 246 -8.88 -20.60 -35.71
C ILE D 246 -7.36 -20.68 -35.63
N ASN D 247 -6.81 -20.63 -34.41
CA ASN D 247 -5.36 -20.47 -34.26
C ASN D 247 -4.62 -21.78 -34.42
N ASN D 248 -4.87 -22.75 -33.55
CA ASN D 248 -4.13 -24.00 -33.53
C ASN D 248 -4.87 -25.14 -34.22
N GLU D 249 -6.04 -24.89 -34.79
CA GLU D 249 -6.80 -25.85 -35.59
C GLU D 249 -7.20 -27.10 -34.81
N ILE D 250 -7.02 -27.12 -33.49
CA ILE D 250 -7.39 -28.25 -32.66
C ILE D 250 -8.77 -27.98 -32.09
N PRO D 251 -9.80 -28.75 -32.45
CA PRO D 251 -11.15 -28.50 -31.94
C PRO D 251 -11.29 -28.91 -30.49
N ASP D 252 -11.40 -27.92 -29.61
CA ASP D 252 -11.63 -28.14 -28.19
C ASP D 252 -13.08 -27.78 -27.85
N CYS D 253 -13.81 -28.73 -27.30
CA CYS D 253 -15.22 -28.55 -26.97
C CYS D 253 -15.37 -28.56 -25.45
N TYR D 254 -15.67 -27.40 -24.88
CA TYR D 254 -15.77 -27.25 -23.44
C TYR D 254 -17.14 -27.69 -22.94
N THR D 255 -17.18 -28.15 -21.70
CA THR D 255 -18.43 -28.50 -21.03
C THR D 255 -18.41 -27.89 -19.63
N PHE D 256 -19.23 -26.87 -19.42
CA PHE D 256 -19.26 -26.16 -18.15
C PHE D 256 -20.36 -26.75 -17.26
N SER D 257 -19.99 -27.14 -16.05
CA SER D 257 -20.93 -27.58 -15.04
C SER D 257 -21.18 -26.41 -14.09
N ILE D 258 -22.35 -25.79 -14.20
CA ILE D 258 -22.67 -24.59 -13.47
C ILE D 258 -23.46 -24.96 -12.22
N LEU D 259 -23.01 -24.46 -11.07
CA LEU D 259 -23.69 -24.69 -9.79
C LEU D 259 -23.92 -23.34 -9.12
N ILE D 260 -25.18 -23.01 -8.89
CA ILE D 260 -25.56 -21.79 -8.18
C ILE D 260 -26.02 -22.19 -6.79
N THR D 261 -25.40 -21.62 -5.76
CA THR D 261 -25.66 -21.98 -4.38
C THR D 261 -26.28 -20.81 -3.64
N PHE D 262 -27.37 -21.08 -2.92
CA PHE D 262 -27.99 -20.13 -2.00
C PHE D 262 -27.79 -20.72 -0.60
N ASP D 263 -26.69 -20.34 0.05
CA ASP D 263 -26.23 -21.01 1.25
C ASP D 263 -26.89 -20.40 2.49
N ASN D 264 -27.55 -21.25 3.27
CA ASN D 264 -28.13 -20.85 4.55
C ASN D 264 -27.57 -21.66 5.71
N LYS D 265 -26.36 -22.20 5.57
CA LYS D 265 -25.78 -23.03 6.61
C LYS D 265 -25.50 -22.23 7.88
N ALA D 266 -25.28 -20.92 7.75
CA ALA D 266 -25.03 -20.09 8.92
C ALA D 266 -26.30 -19.82 9.71
N HIS D 267 -27.45 -19.83 9.05
CA HIS D 267 -28.74 -19.54 9.69
C HIS D 267 -28.71 -18.19 10.40
N SER D 268 -28.11 -17.20 9.75
CA SER D 268 -27.91 -15.88 10.34
C SER D 268 -28.79 -14.81 9.72
N GLY D 269 -29.77 -15.19 8.90
CA GLY D 269 -30.64 -14.24 8.27
C GLY D 269 -30.09 -13.60 7.01
N ARG D 270 -28.85 -13.92 6.63
CA ARG D 270 -28.24 -13.43 5.41
C ARG D 270 -27.77 -14.63 4.60
N ILE D 271 -28.26 -14.74 3.37
CA ILE D 271 -27.98 -15.91 2.54
C ILE D 271 -27.08 -15.51 1.38
N PRO D 272 -25.79 -15.81 1.43
CA PRO D 272 -24.90 -15.50 0.30
C PRO D 272 -25.26 -16.33 -0.92
N ILE D 273 -25.02 -15.74 -2.10
CA ILE D 273 -25.33 -16.37 -3.37
C ILE D 273 -24.03 -16.51 -4.16
N ARG D 274 -23.77 -17.72 -4.66
CA ARG D 274 -22.53 -18.04 -5.33
C ARG D 274 -22.80 -18.73 -6.65
N LEU D 275 -21.91 -18.52 -7.61
CA LEU D 275 -21.92 -19.25 -8.87
C LEU D 275 -20.54 -19.86 -9.08
N GLU D 276 -20.49 -21.16 -9.28
CA GLU D 276 -19.24 -21.87 -9.50
C GLU D 276 -19.35 -22.73 -10.75
N THR D 277 -18.23 -22.91 -11.43
CA THR D 277 -18.18 -23.68 -12.67
C THR D 277 -17.08 -24.73 -12.59
N LYS D 278 -17.35 -25.89 -13.17
CA LYS D 278 -16.36 -26.93 -13.38
C LYS D 278 -16.32 -27.25 -14.88
N THR D 279 -15.11 -27.35 -15.42
CA THR D 279 -14.92 -27.47 -16.86
C THR D 279 -14.32 -28.82 -17.19
N HIS D 280 -14.88 -29.49 -18.19
CA HIS D 280 -14.36 -30.74 -18.72
C HIS D 280 -13.99 -30.52 -20.19
N ILE D 281 -12.71 -30.46 -20.47
CA ILE D 281 -12.22 -30.28 -21.84
C ILE D 281 -12.33 -31.61 -22.56
N GLN D 282 -12.66 -31.56 -23.85
CA GLN D 282 -12.83 -32.78 -24.64
C GLN D 282 -12.62 -32.46 -26.11
N GLU D 283 -11.74 -33.21 -26.75
CA GLU D 283 -11.62 -33.11 -28.20
C GLU D 283 -12.91 -33.61 -28.85
N CYS D 284 -13.41 -32.85 -29.81
CA CYS D 284 -14.65 -33.17 -30.49
C CYS D 284 -14.39 -33.39 -31.98
N LYS D 285 -14.94 -34.47 -32.52
CA LYS D 285 -14.73 -34.86 -33.90
C LYS D 285 -15.21 -33.79 -34.89
N SER D 296 3.03 -34.93 -33.21
CA SER D 296 2.93 -33.53 -32.81
C SER D 296 4.24 -33.04 -32.20
N PHE D 297 4.52 -31.74 -32.37
CA PHE D 297 5.76 -31.18 -31.84
C PHE D 297 5.78 -31.21 -30.32
N ARG D 298 4.62 -30.99 -29.68
CA ARG D 298 4.58 -30.96 -28.22
C ARG D 298 4.97 -32.30 -27.63
N LEU D 299 4.43 -33.39 -28.16
CA LEU D 299 4.74 -34.72 -27.64
C LEU D 299 6.21 -35.07 -27.88
N LEU D 300 6.74 -34.74 -29.06
CA LEU D 300 8.14 -35.01 -29.34
C LEU D 300 9.06 -34.23 -28.40
N PHE D 301 8.72 -32.96 -28.13
CA PHE D 301 9.53 -32.17 -27.22
C PHE D 301 9.43 -32.72 -25.79
N ASP D 302 8.26 -33.19 -25.39
CA ASP D 302 8.13 -33.81 -24.07
C ASP D 302 9.00 -35.06 -23.98
N VAL D 303 9.02 -35.87 -25.05
CA VAL D 303 9.86 -37.06 -25.07
C VAL D 303 11.34 -36.67 -24.98
N VAL D 304 11.72 -35.61 -25.70
CA VAL D 304 13.10 -35.13 -25.65
C VAL D 304 13.48 -34.70 -24.24
N VAL D 305 12.58 -33.96 -23.58
CA VAL D 305 12.83 -33.52 -22.22
C VAL D 305 12.98 -34.73 -21.29
N ILE D 306 12.11 -35.73 -21.45
CA ILE D 306 12.19 -36.92 -20.61
C ILE D 306 13.51 -37.64 -20.82
N LEU D 307 13.94 -37.77 -22.08
CA LEU D 307 15.19 -38.46 -22.36
C LEU D 307 16.38 -37.72 -21.78
N THR D 308 16.40 -36.38 -21.93
CA THR D 308 17.50 -35.60 -21.38
C THR D 308 17.56 -35.71 -19.86
N CYS D 309 16.40 -35.64 -19.20
CA CYS D 309 16.36 -35.76 -17.75
C CYS D 309 16.81 -37.15 -17.31
N SER D 310 16.40 -38.19 -18.05
CA SER D 310 16.81 -39.55 -17.69
C SER D 310 18.32 -39.71 -17.83
N LEU D 311 18.90 -39.18 -18.92
CA LEU D 311 20.35 -39.27 -19.10
C LEU D 311 21.09 -38.53 -17.98
N SER D 312 20.61 -37.33 -17.64
CA SER D 312 21.25 -36.58 -16.56
C SER D 312 21.14 -37.33 -15.23
N PHE D 313 19.98 -37.93 -14.97
CA PHE D 313 19.80 -38.71 -13.74
C PHE D 313 20.76 -39.89 -13.71
N LEU D 314 20.90 -40.60 -14.83
CA LEU D 314 21.81 -41.74 -14.87
C LEU D 314 23.25 -41.31 -14.60
N LEU D 315 23.70 -40.23 -15.26
CA LEU D 315 25.07 -39.77 -15.07
C LEU D 315 25.30 -39.33 -13.62
N CYS D 316 24.36 -38.57 -13.06
CA CYS D 316 24.54 -38.10 -11.68
C CYS D 316 24.52 -39.24 -10.68
N ALA D 317 23.65 -40.23 -10.90
CA ALA D 317 23.63 -41.40 -10.01
C ALA D 317 24.93 -42.18 -10.10
N ARG D 318 25.48 -42.34 -11.31
CA ARG D 318 26.75 -43.03 -11.45
C ARG D 318 27.87 -42.27 -10.74
N SER D 319 27.88 -40.94 -10.86
CA SER D 319 28.88 -40.14 -10.17
C SER D 319 28.74 -40.27 -8.65
N LEU D 320 27.51 -40.26 -8.15
CA LEU D 320 27.28 -40.43 -6.71
C LEU D 320 27.76 -41.80 -6.24
N LEU D 321 27.50 -42.84 -7.03
CA LEU D 321 27.97 -44.17 -6.68
C LEU D 321 29.50 -44.23 -6.64
N ARG D 322 30.15 -43.60 -7.62
CA ARG D 322 31.61 -43.57 -7.62
C ARG D 322 32.15 -42.83 -6.40
N GLY D 323 31.52 -41.72 -6.03
CA GLY D 323 31.93 -41.01 -4.83
C GLY D 323 31.74 -41.84 -3.57
N PHE D 324 30.63 -42.58 -3.49
CA PHE D 324 30.41 -43.45 -2.34
C PHE D 324 31.47 -44.55 -2.26
N LEU D 325 31.83 -45.13 -3.42
CA LEU D 325 32.89 -46.14 -3.43
C LEU D 325 34.22 -45.56 -2.99
N LEU D 326 34.54 -44.34 -3.45
CA LEU D 326 35.78 -43.70 -3.03
C LEU D 326 35.77 -43.43 -1.52
N GLN D 327 34.62 -42.99 -0.99
CA GLN D 327 34.52 -42.78 0.45
C GLN D 327 34.74 -44.08 1.21
N ASN D 328 34.15 -45.17 0.73
CA ASN D 328 34.32 -46.46 1.39
C ASN D 328 35.78 -46.90 1.36
N GLU D 329 36.46 -46.73 0.23
CA GLU D 329 37.87 -47.08 0.15
C GLU D 329 38.69 -46.24 1.12
N PHE D 330 38.43 -44.93 1.18
CA PHE D 330 39.16 -44.06 2.08
C PHE D 330 38.95 -44.46 3.53
N VAL D 331 37.71 -44.76 3.91
CA VAL D 331 37.44 -45.07 5.31
C VAL D 331 38.04 -46.42 5.69
N VAL D 332 37.96 -47.42 4.80
CA VAL D 332 38.53 -48.72 5.14
C VAL D 332 40.06 -48.64 5.17
N PHE D 333 40.65 -47.74 4.38
CA PHE D 333 42.10 -47.58 4.47
C PHE D 333 42.50 -46.85 5.74
N MET D 334 41.77 -45.80 6.11
CA MET D 334 42.18 -44.96 7.24
C MET D 334 41.93 -45.66 8.57
N TRP D 335 40.79 -46.33 8.73
CA TRP D 335 40.48 -46.95 10.00
C TRP D 335 41.40 -48.14 10.28
N ARG D 336 41.86 -48.82 9.24
CA ARG D 336 42.67 -50.02 9.42
C ARG D 336 44.17 -49.72 9.37
N ARG D 337 44.64 -49.16 8.24
CA ARG D 337 46.07 -48.90 8.10
C ARG D 337 46.55 -47.84 9.10
N ARG D 338 45.78 -46.77 9.27
CA ARG D 338 46.16 -45.71 10.19
C ARG D 338 45.59 -45.88 11.59
N GLY D 339 44.55 -46.70 11.74
CA GLY D 339 44.00 -46.98 13.05
C GLY D 339 43.03 -45.94 13.57
N ARG D 340 43.25 -44.67 13.20
CA ARG D 340 42.42 -43.59 13.70
C ARG D 340 41.02 -43.67 13.13
N GLU D 341 40.01 -43.46 13.99
CA GLU D 341 38.63 -43.47 13.56
C GLU D 341 38.23 -42.09 13.04
N ILE D 342 37.53 -42.07 11.92
CA ILE D 342 37.10 -40.84 11.29
C ILE D 342 35.63 -40.58 11.63
N SER D 343 35.21 -39.34 11.47
CA SER D 343 33.87 -38.92 11.86
C SER D 343 32.91 -38.99 10.68
N LEU D 344 31.64 -38.70 10.97
CA LEU D 344 30.61 -38.72 9.94
C LEU D 344 30.73 -37.53 9.00
N TRP D 345 31.31 -36.42 9.46
CA TRP D 345 31.51 -35.27 8.60
C TRP D 345 32.47 -35.59 7.46
N GLU D 346 33.46 -36.43 7.71
CA GLU D 346 34.33 -36.89 6.64
C GLU D 346 33.56 -37.71 5.62
N ARG D 347 32.55 -38.47 6.06
CA ARG D 347 31.66 -39.14 5.12
C ARG D 347 30.85 -38.15 4.31
N LEU D 348 30.29 -37.14 4.98
CA LEU D 348 29.43 -36.18 4.29
C LEU D 348 30.23 -35.32 3.31
N GLU D 349 31.52 -35.15 3.55
CA GLU D 349 32.35 -34.38 2.63
C GLU D 349 32.41 -35.04 1.25
N PHE D 350 32.32 -36.36 1.19
CA PHE D 350 32.45 -37.08 -0.08
C PHE D 350 31.20 -36.98 -0.96
N VAL D 351 30.06 -36.57 -0.41
CA VAL D 351 28.85 -36.45 -1.20
C VAL D 351 28.82 -35.08 -1.86
N ASN D 352 28.16 -34.99 -3.01
CA ASN D 352 28.02 -33.75 -3.76
C ASN D 352 26.55 -33.32 -3.70
N GLY D 353 26.28 -32.24 -2.96
CA GLY D 353 24.92 -31.77 -2.83
C GLY D 353 24.32 -31.32 -4.16
N TRP D 354 25.16 -30.79 -5.05
CA TRP D 354 24.67 -30.39 -6.36
C TRP D 354 24.11 -31.58 -7.13
N TYR D 355 24.74 -32.74 -7.01
CA TYR D 355 24.23 -33.94 -7.67
C TYR D 355 22.89 -34.37 -7.08
N ILE D 356 22.72 -34.22 -5.76
CA ILE D 356 21.43 -34.51 -5.13
C ILE D 356 20.36 -33.58 -5.68
N LEU D 357 20.68 -32.29 -5.79
CA LEU D 357 19.76 -31.33 -6.37
C LEU D 357 19.40 -31.72 -7.80
N LEU D 358 20.40 -32.13 -8.58
CA LEU D 358 20.17 -32.48 -9.98
C LEU D 358 19.28 -33.71 -10.11
N VAL D 359 19.52 -34.75 -9.29
CA VAL D 359 18.69 -35.94 -9.40
C VAL D 359 17.26 -35.66 -8.91
N THR D 360 17.11 -34.83 -7.88
CA THR D 360 15.77 -34.44 -7.44
C THR D 360 15.04 -33.70 -8.55
N SER D 361 15.72 -32.75 -9.21
CA SER D 361 15.10 -32.02 -10.31
C SER D 361 14.74 -32.95 -11.46
N ASP D 362 15.62 -33.93 -11.75
CA ASP D 362 15.33 -34.88 -12.82
C ASP D 362 14.08 -35.71 -12.51
N VAL D 363 13.97 -36.20 -11.27
CA VAL D 363 12.80 -37.00 -10.90
C VAL D 363 11.54 -36.16 -10.99
N LEU D 364 11.60 -34.92 -10.46
CA LEU D 364 10.43 -34.05 -10.51
C LEU D 364 10.03 -33.73 -11.95
N THR D 365 11.02 -33.46 -12.81
CA THR D 365 10.73 -33.15 -14.21
C THR D 365 10.14 -34.34 -14.93
N ILE D 366 10.65 -35.54 -14.67
CA ILE D 366 10.12 -36.74 -15.33
C ILE D 366 8.67 -36.97 -14.93
N SER D 367 8.39 -36.89 -13.62
CA SER D 367 7.02 -37.07 -13.17
C SER D 367 6.09 -36.00 -13.76
N GLY D 368 6.53 -34.74 -13.75
CA GLY D 368 5.71 -33.68 -14.28
C GLY D 368 5.49 -33.81 -15.78
N THR D 369 6.49 -34.29 -16.51
CA THR D 369 6.35 -34.45 -17.95
C THR D 369 5.40 -35.60 -18.27
N VAL D 370 5.45 -36.69 -17.49
CA VAL D 370 4.48 -37.76 -17.68
C VAL D 370 3.08 -37.26 -17.43
N MET D 371 2.89 -36.50 -16.35
CA MET D 371 1.58 -35.94 -16.05
C MET D 371 1.12 -34.98 -17.14
N LYS D 372 2.03 -34.17 -17.68
CA LYS D 372 1.67 -33.22 -18.72
C LYS D 372 1.30 -33.93 -20.02
N ILE D 373 2.00 -35.02 -20.34
CA ILE D 373 1.64 -35.83 -21.49
C ILE D 373 0.25 -36.40 -21.32
N GLY D 374 -0.05 -36.91 -20.12
CA GLY D 374 -1.41 -37.39 -19.86
C GLY D 374 -2.45 -36.30 -19.96
N ILE D 375 -2.12 -35.09 -19.51
CA ILE D 375 -3.08 -34.00 -19.52
C ILE D 375 -3.35 -33.53 -20.94
N GLU D 376 -2.30 -33.36 -21.74
CA GLU D 376 -2.46 -32.85 -23.10
C GLU D 376 -3.23 -33.79 -24.01
N ALA D 377 -3.43 -35.03 -23.61
CA ALA D 377 -4.27 -35.97 -24.34
C ALA D 377 -5.70 -36.02 -23.82
N LYS D 378 -6.06 -35.08 -22.94
CA LYS D 378 -7.39 -35.01 -22.32
C LYS D 378 -7.72 -36.31 -21.59
N ASN D 379 -6.89 -36.62 -20.59
CA ASN D 379 -7.05 -37.84 -19.80
C ASN D 379 -6.97 -37.62 -18.30
N LEU D 380 -6.37 -36.55 -17.82
CA LEU D 380 -6.18 -36.34 -16.39
C LEU D 380 -6.90 -35.09 -15.88
N ALA D 381 -6.71 -33.94 -16.54
CA ALA D 381 -7.30 -32.66 -16.14
C ALA D 381 -6.90 -32.24 -14.74
N SER D 382 -5.77 -32.74 -14.23
CA SER D 382 -5.25 -32.38 -12.91
C SER D 382 -4.01 -31.53 -13.12
N TYR D 383 -4.21 -30.22 -13.29
CA TYR D 383 -3.12 -29.32 -13.60
C TYR D 383 -2.27 -28.95 -12.38
N ASP D 384 -2.84 -29.02 -11.18
CA ASP D 384 -2.16 -28.47 -10.00
C ASP D 384 -0.86 -29.22 -9.71
N VAL D 385 -0.94 -30.55 -9.61
CA VAL D 385 0.24 -31.33 -9.23
C VAL D 385 1.31 -31.24 -10.31
N CYS D 386 0.90 -31.36 -11.58
CA CYS D 386 1.86 -31.27 -12.67
C CYS D 386 2.54 -29.92 -12.70
N SER D 387 1.77 -28.83 -12.52
CA SER D 387 2.35 -27.50 -12.52
C SER D 387 3.32 -27.34 -11.34
N ILE D 388 2.95 -27.86 -10.17
CA ILE D 388 3.83 -27.74 -9.01
C ILE D 388 5.15 -28.47 -9.26
N LEU D 389 5.07 -29.69 -9.79
CA LEU D 389 6.28 -30.46 -10.07
C LEU D 389 7.17 -29.74 -11.07
N LEU D 390 6.57 -29.27 -12.17
CA LEU D 390 7.38 -28.62 -13.22
C LEU D 390 8.00 -27.33 -12.70
N GLY D 391 7.25 -26.53 -11.96
CA GLY D 391 7.79 -25.29 -11.43
C GLY D 391 8.90 -25.52 -10.43
N THR D 392 8.73 -26.51 -9.55
CA THR D 392 9.78 -26.81 -8.58
C THR D 392 11.04 -27.29 -9.29
N SER D 393 10.89 -28.13 -10.33
CA SER D 393 12.06 -28.60 -11.06
C SER D 393 12.79 -27.46 -11.76
N THR D 394 12.03 -26.55 -12.40
CA THR D 394 12.66 -25.42 -13.07
C THR D 394 13.39 -24.53 -12.08
N LEU D 395 12.77 -24.26 -10.92
CA LEU D 395 13.44 -23.50 -9.88
C LEU D 395 14.71 -24.19 -9.43
N LEU D 396 14.67 -25.51 -9.28
CA LEU D 396 15.84 -26.25 -8.83
C LEU D 396 16.99 -26.16 -9.83
N VAL D 397 16.71 -26.27 -11.13
CA VAL D 397 17.80 -26.20 -12.11
C VAL D 397 18.37 -24.77 -12.18
N TRP D 398 17.49 -23.77 -12.11
CA TRP D 398 17.99 -22.40 -12.14
C TRP D 398 18.81 -22.08 -10.89
N VAL D 399 18.49 -22.72 -9.77
CA VAL D 399 19.34 -22.63 -8.58
C VAL D 399 20.66 -23.37 -8.82
N GLY D 400 20.60 -24.52 -9.49
CA GLY D 400 21.79 -25.29 -9.74
C GLY D 400 22.82 -24.60 -10.61
N VAL D 401 22.39 -23.59 -11.37
CA VAL D 401 23.32 -22.74 -12.12
C VAL D 401 24.39 -22.15 -11.20
N ILE D 402 24.06 -22.03 -9.91
CA ILE D 402 25.03 -21.50 -8.94
C ILE D 402 26.28 -22.37 -8.88
N ARG D 403 26.16 -23.66 -9.17
CA ARG D 403 27.35 -24.52 -9.18
C ARG D 403 28.34 -24.06 -10.24
N TYR D 404 27.85 -23.74 -11.44
CA TYR D 404 28.71 -23.15 -12.46
C TYR D 404 29.29 -21.83 -11.99
N LEU D 405 28.47 -21.02 -11.31
CA LEU D 405 28.98 -19.74 -10.83
C LEU D 405 30.08 -19.92 -9.78
N THR D 406 30.08 -21.03 -9.05
CA THR D 406 31.03 -21.25 -7.97
C THR D 406 32.44 -21.56 -8.43
N PHE D 407 32.66 -21.82 -9.72
CA PHE D 407 33.99 -22.22 -10.19
C PHE D 407 34.94 -21.04 -10.31
N PHE D 408 34.47 -19.82 -10.14
CA PHE D 408 35.31 -18.63 -10.18
C PHE D 408 35.34 -18.00 -8.79
N HIS D 409 36.55 -17.68 -8.31
CA HIS D 409 36.71 -17.30 -6.92
C HIS D 409 36.00 -16.00 -6.58
N LYS D 410 35.86 -15.10 -7.55
CA LYS D 410 35.19 -13.83 -7.29
C LYS D 410 33.73 -14.04 -6.90
N TYR D 411 33.02 -14.94 -7.62
CA TYR D 411 31.66 -15.29 -7.24
C TYR D 411 31.64 -16.23 -6.05
N ASN D 412 32.65 -17.10 -5.95
CA ASN D 412 32.73 -18.03 -4.84
C ASN D 412 32.85 -17.31 -3.51
N ILE D 413 33.41 -16.10 -3.50
CA ILE D 413 33.49 -15.33 -2.26
C ILE D 413 32.09 -15.06 -1.73
N LEU D 414 31.19 -14.56 -2.58
CA LEU D 414 29.82 -14.27 -2.14
C LEU D 414 29.07 -15.55 -1.81
N ILE D 415 29.24 -16.59 -2.62
CA ILE D 415 28.52 -17.83 -2.37
C ILE D 415 28.95 -18.45 -1.04
N ALA D 416 30.27 -18.45 -0.77
CA ALA D 416 30.77 -18.96 0.50
C ALA D 416 30.35 -18.09 1.66
N THR D 417 30.24 -16.77 1.45
CA THR D 417 29.71 -15.90 2.50
C THR D 417 28.29 -16.32 2.88
N LEU D 418 27.43 -16.54 1.88
CA LEU D 418 26.09 -17.01 2.17
C LEU D 418 26.11 -18.37 2.87
N ARG D 419 26.97 -19.28 2.41
CA ARG D 419 27.01 -20.62 2.98
C ARG D 419 27.43 -20.60 4.44
N VAL D 420 28.45 -19.80 4.78
CA VAL D 420 28.90 -19.74 6.16
C VAL D 420 27.99 -18.87 7.03
N ALA D 421 27.17 -18.01 6.43
CA ALA D 421 26.19 -17.27 7.21
C ALA D 421 24.93 -18.08 7.49
N LEU D 422 24.63 -19.08 6.66
CA LEU D 422 23.38 -19.83 6.79
C LEU D 422 23.16 -20.44 8.18
N PRO D 423 24.12 -21.09 8.84
CA PRO D 423 23.82 -21.72 10.13
C PRO D 423 23.40 -20.74 11.22
N SER D 424 24.14 -19.63 11.38
CA SER D 424 23.76 -18.65 12.38
C SER D 424 22.44 -17.99 12.05
N VAL D 425 22.15 -17.79 10.76
CA VAL D 425 20.86 -17.24 10.35
C VAL D 425 19.74 -18.18 10.75
N MET D 426 19.93 -19.49 10.52
CA MET D 426 18.91 -20.46 10.93
C MET D 426 18.72 -20.48 12.44
N ARG D 427 19.81 -20.40 13.19
CA ARG D 427 19.71 -20.36 14.65
C ARG D 427 18.95 -19.12 15.12
N PHE D 428 19.24 -17.97 14.52
CA PHE D 428 18.50 -16.76 14.88
C PHE D 428 17.03 -16.87 14.50
N CYS D 429 16.74 -17.53 13.37
CA CYS D 429 15.35 -17.76 13.00
C CYS D 429 14.64 -18.60 14.04
N CYS D 430 15.31 -19.65 14.53
CA CYS D 430 14.75 -20.45 15.61
C CYS D 430 14.52 -19.61 16.86
N CYS D 431 15.45 -18.70 17.17
CA CYS D 431 15.30 -17.85 18.34
C CYS D 431 14.10 -16.93 18.21
N VAL D 432 13.89 -16.33 17.04
CA VAL D 432 12.83 -15.35 16.86
C VAL D 432 11.48 -15.99 16.55
N ALA D 433 11.45 -17.26 16.16
CA ALA D 433 10.20 -17.91 15.81
C ALA D 433 9.26 -18.01 17.01
N VAL D 434 9.82 -18.23 18.21
CA VAL D 434 8.97 -18.37 19.39
C VAL D 434 8.31 -17.04 19.73
N ILE D 435 9.06 -15.94 19.64
CA ILE D 435 8.48 -14.62 19.86
C ILE D 435 7.40 -14.33 18.81
N TYR D 436 7.70 -14.66 17.55
CA TYR D 436 6.73 -14.45 16.48
C TYR D 436 5.44 -15.24 16.74
N LEU D 437 5.57 -16.49 17.17
CA LEU D 437 4.40 -17.31 17.44
C LEU D 437 3.61 -16.80 18.63
N GLY D 438 4.29 -16.36 19.68
CA GLY D 438 3.59 -15.78 20.82
C GLY D 438 2.81 -14.53 20.43
N TYR D 439 3.42 -13.67 19.63
CA TYR D 439 2.71 -12.49 19.14
C TYR D 439 1.52 -12.89 18.27
N CYS D 440 1.69 -13.90 17.43
CA CYS D 440 0.59 -14.36 16.59
C CYS D 440 -0.58 -14.84 17.43
N PHE D 441 -0.31 -15.67 18.44
CA PHE D 441 -1.38 -16.18 19.29
C PHE D 441 -2.08 -15.04 20.04
N CYS D 442 -1.30 -14.13 20.61
CA CYS D 442 -1.90 -13.02 21.35
C CYS D 442 -2.76 -12.15 20.46
N GLY D 443 -2.25 -11.81 19.27
CA GLY D 443 -3.04 -10.99 18.36
C GLY D 443 -4.30 -11.67 17.89
N TRP D 444 -4.20 -12.97 17.59
CA TRP D 444 -5.38 -13.72 17.16
C TRP D 444 -6.44 -13.74 18.26
N ILE D 445 -6.03 -13.99 19.50
CA ILE D 445 -7.02 -14.12 20.57
C ILE D 445 -7.62 -12.76 20.94
N VAL D 446 -6.84 -11.69 20.88
CA VAL D 446 -7.35 -10.40 21.36
C VAL D 446 -7.99 -9.61 20.22
N LEU D 447 -7.24 -9.35 19.16
CA LEU D 447 -7.73 -8.48 18.09
C LEU D 447 -8.58 -9.22 17.07
N GLY D 448 -8.74 -10.53 17.20
CA GLY D 448 -9.53 -11.30 16.27
C GLY D 448 -10.98 -10.86 16.14
N PRO D 449 -11.67 -10.68 17.27
CA PRO D 449 -13.06 -10.21 17.19
C PRO D 449 -13.23 -8.81 16.63
N TYR D 450 -12.17 -8.00 16.60
CA TYR D 450 -12.31 -6.59 16.23
C TYR D 450 -11.55 -6.20 14.97
N HIS D 451 -10.72 -7.07 14.40
CA HIS D 451 -9.89 -6.73 13.26
C HIS D 451 -10.12 -7.73 12.15
N VAL D 452 -10.35 -7.22 10.93
CA VAL D 452 -10.56 -8.10 9.78
C VAL D 452 -9.27 -8.85 9.44
N LYS D 453 -8.12 -8.27 9.76
CA LYS D 453 -6.84 -8.88 9.44
C LYS D 453 -6.41 -9.93 10.45
N PHE D 454 -7.16 -10.10 11.55
CA PHE D 454 -6.79 -11.04 12.61
C PHE D 454 -7.83 -12.12 12.80
N ARG D 455 -8.63 -12.41 11.77
CA ARG D 455 -9.73 -13.37 11.93
C ARG D 455 -9.20 -14.79 12.12
N SER D 456 -8.19 -15.18 11.35
CA SER D 456 -7.65 -16.53 11.40
C SER D 456 -6.16 -16.48 11.67
N LEU D 457 -5.63 -17.60 12.17
CA LEU D 457 -4.22 -17.64 12.58
C LEU D 457 -3.29 -17.43 11.39
N SER D 458 -3.61 -18.04 10.24
CA SER D 458 -2.80 -17.80 9.05
C SER D 458 -2.88 -16.35 8.61
N MET D 459 -4.07 -15.74 8.72
CA MET D 459 -4.20 -14.32 8.42
C MET D 459 -3.37 -13.47 9.38
N VAL D 460 -3.36 -13.84 10.67
CA VAL D 460 -2.55 -13.11 11.64
C VAL D 460 -1.08 -13.21 11.27
N SER D 461 -0.62 -14.41 10.91
CA SER D 461 0.78 -14.60 10.55
C SER D 461 1.14 -13.77 9.31
N GLU D 462 0.27 -13.77 8.31
CA GLU D 462 0.51 -12.97 7.11
C GLU D 462 0.56 -11.49 7.43
N CYS D 463 -0.37 -11.02 8.27
CA CYS D 463 -0.38 -9.61 8.65
C CYS D 463 0.90 -9.21 9.38
N LEU D 464 1.33 -10.04 10.34
CA LEU D 464 2.55 -9.70 11.09
C LEU D 464 3.78 -9.75 10.19
N PHE D 465 3.85 -10.74 9.30
CA PHE D 465 4.99 -10.85 8.39
C PHE D 465 5.04 -9.64 7.46
N SER D 466 3.89 -9.17 7.00
CA SER D 466 3.85 -7.95 6.20
C SER D 466 4.27 -6.74 7.03
N LEU D 467 3.86 -6.71 8.30
CA LEU D 467 4.20 -5.59 9.17
C LEU D 467 5.70 -5.47 9.37
N ILE D 468 6.38 -6.60 9.62
CA ILE D 468 7.82 -6.53 9.87
C ILE D 468 8.59 -6.10 8.63
N ASN D 469 8.01 -6.27 7.45
CA ASN D 469 8.63 -5.83 6.21
C ASN D 469 8.12 -4.48 5.73
N GLY D 470 7.43 -3.74 6.60
CA GLY D 470 6.98 -2.40 6.28
C GLY D 470 5.89 -2.31 5.23
N ASP D 471 4.86 -3.15 5.35
CA ASP D 471 3.75 -3.13 4.42
C ASP D 471 2.42 -3.17 5.19
N ASP D 472 1.47 -2.35 4.73
CA ASP D 472 0.11 -2.33 5.28
C ASP D 472 0.10 -2.06 6.78
N MET D 473 0.91 -1.08 7.21
CA MET D 473 0.98 -0.72 8.62
C MET D 473 -0.12 0.26 9.01
N PHE D 474 -0.21 1.38 8.29
CA PHE D 474 -1.23 2.38 8.60
C PHE D 474 -2.62 1.82 8.38
N VAL D 475 -2.78 0.86 7.48
CA VAL D 475 -4.10 0.25 7.28
C VAL D 475 -4.51 -0.49 8.54
N THR D 476 -3.60 -1.25 9.15
CA THR D 476 -3.88 -1.93 10.41
C THR D 476 -4.21 -0.93 11.51
N PHE D 477 -3.39 0.12 11.63
CA PHE D 477 -3.63 1.12 12.67
C PHE D 477 -4.99 1.79 12.49
N ALA D 478 -5.33 2.16 11.25
CA ALA D 478 -6.60 2.83 10.99
C ALA D 478 -7.79 1.89 11.18
N ALA D 479 -7.61 0.61 10.85
CA ALA D 479 -8.68 -0.35 11.13
C ALA D 479 -8.95 -0.47 12.62
N MET D 480 -7.90 -0.47 13.43
CA MET D 480 -8.11 -0.50 14.87
C MET D 480 -8.71 0.81 15.37
N GLN D 481 -8.33 1.94 14.75
CA GLN D 481 -8.79 3.24 15.24
C GLN D 481 -10.25 3.52 14.89
N ALA D 482 -10.68 3.14 13.68
CA ALA D 482 -11.97 3.58 13.19
C ALA D 482 -13.11 3.06 14.04
N GLN D 483 -13.08 1.77 14.39
CA GLN D 483 -14.13 1.17 15.20
C GLN D 483 -13.87 1.32 16.70
N GLN D 484 -12.70 1.80 17.10
CA GLN D 484 -12.26 1.94 18.48
C GLN D 484 -12.11 0.58 19.17
N GLY D 485 -12.34 -0.52 18.46
CA GLY D 485 -12.38 -1.81 19.10
C GLY D 485 -13.53 -2.01 20.06
N HIS D 486 -14.50 -1.10 20.05
CA HIS D 486 -15.66 -1.12 20.95
C HIS D 486 -15.26 -1.12 22.42
N SER D 487 -14.02 -0.74 22.72
CA SER D 487 -13.52 -0.67 24.08
C SER D 487 -12.20 0.09 24.06
N SER D 488 -12.02 1.00 25.03
CA SER D 488 -10.77 1.73 25.13
C SER D 488 -9.63 0.82 25.57
N LEU D 489 -9.92 -0.18 26.41
CA LEU D 489 -8.88 -1.11 26.84
C LEU D 489 -8.33 -1.90 25.65
N VAL D 490 -9.21 -2.35 24.76
CA VAL D 490 -8.77 -3.09 23.58
C VAL D 490 -7.93 -2.19 22.67
N TRP D 491 -8.34 -0.93 22.52
CA TRP D 491 -7.58 0.00 21.68
C TRP D 491 -6.20 0.25 22.25
N LEU D 492 -6.11 0.47 23.57
CA LEU D 492 -4.80 0.68 24.20
C LEU D 492 -3.92 -0.55 24.06
N PHE D 493 -4.51 -1.74 24.25
CA PHE D 493 -3.74 -2.97 24.08
C PHE D 493 -3.25 -3.11 22.65
N SER D 494 -4.10 -2.76 21.66
CA SER D 494 -3.68 -2.84 20.27
C SER D 494 -2.53 -1.88 19.99
N GLN D 495 -2.61 -0.68 20.54
CA GLN D 495 -1.51 0.28 20.38
C GLN D 495 -0.21 -0.32 20.92
N LEU D 496 -0.23 -0.80 22.16
CA LEU D 496 0.98 -1.37 22.76
C LEU D 496 1.48 -2.56 21.95
N TYR D 497 0.57 -3.45 21.57
CA TYR D 497 0.92 -4.65 20.83
C TYR D 497 1.60 -4.31 19.50
N LEU D 498 0.97 -3.46 18.70
CA LEU D 498 1.50 -3.15 17.38
C LEU D 498 2.82 -2.40 17.49
N TYR D 499 2.88 -1.39 18.36
CA TYR D 499 4.10 -0.60 18.47
C TYR D 499 5.27 -1.46 18.95
N SER D 500 5.05 -2.26 19.99
CA SER D 500 6.13 -3.10 20.51
C SER D 500 6.58 -4.12 19.47
N PHE D 501 5.63 -4.77 18.79
CA PHE D 501 6.00 -5.80 17.82
C PHE D 501 6.80 -5.19 16.67
N ILE D 502 6.29 -4.11 16.07
CA ILE D 502 6.97 -3.52 14.92
C ILE D 502 8.34 -3.00 15.33
N SER D 503 8.40 -2.28 16.47
CA SER D 503 9.67 -1.72 16.91
C SER D 503 10.70 -2.81 17.13
N LEU D 504 10.36 -3.84 17.90
CA LEU D 504 11.30 -4.91 18.17
C LEU D 504 11.76 -5.57 16.88
N PHE D 505 10.81 -6.04 16.06
CA PHE D 505 11.19 -6.88 14.93
C PHE D 505 11.88 -6.09 13.83
N ILE D 506 11.64 -4.79 13.72
CA ILE D 506 12.30 -4.00 12.69
C ILE D 506 13.65 -3.48 13.16
N TYR D 507 13.74 -2.95 14.37
CA TYR D 507 14.97 -2.28 14.80
C TYR D 507 15.94 -3.20 15.55
N MET D 508 15.57 -4.44 15.86
CA MET D 508 16.53 -5.34 16.47
C MET D 508 16.76 -6.61 15.65
N VAL D 509 15.70 -7.29 15.24
CA VAL D 509 15.85 -8.59 14.58
C VAL D 509 16.48 -8.42 13.20
N LEU D 510 15.96 -7.47 12.41
CA LEU D 510 16.52 -7.24 11.08
C LEU D 510 17.95 -6.73 11.17
N SER D 511 18.22 -5.85 12.13
CA SER D 511 19.57 -5.36 12.33
C SER D 511 20.53 -6.49 12.70
N LEU D 512 20.06 -7.46 13.51
CA LEU D 512 20.90 -8.59 13.86
C LEU D 512 21.13 -9.50 12.67
N PHE D 513 20.13 -9.66 11.80
CA PHE D 513 20.36 -10.41 10.56
C PHE D 513 21.44 -9.74 9.71
N ILE D 514 21.36 -8.42 9.57
CA ILE D 514 22.36 -7.68 8.83
C ILE D 514 23.74 -7.86 9.48
N ALA D 515 23.80 -7.80 10.81
CA ALA D 515 25.06 -7.97 11.51
C ALA D 515 25.65 -9.36 11.29
N LEU D 516 24.82 -10.39 11.32
CA LEU D 516 25.30 -11.74 11.07
C LEU D 516 25.88 -11.86 9.66
N ILE D 517 25.17 -11.34 8.66
CA ILE D 517 25.65 -11.42 7.29
C ILE D 517 26.96 -10.65 7.15
N THR D 518 27.03 -9.45 7.75
CA THR D 518 28.25 -8.66 7.66
C THR D 518 29.42 -9.36 8.33
N GLY D 519 29.19 -10.00 9.47
CA GLY D 519 30.25 -10.74 10.13
C GLY D 519 30.74 -11.91 9.30
N ALA D 520 29.81 -12.64 8.69
CA ALA D 520 30.22 -13.75 7.82
C ALA D 520 31.03 -13.25 6.64
N TYR D 521 30.61 -12.13 6.04
CA TYR D 521 31.38 -11.56 4.94
C TYR D 521 32.76 -11.11 5.38
N ASP D 522 32.85 -10.55 6.58
CA ASP D 522 34.15 -10.13 7.10
C ASP D 522 35.07 -11.34 7.32
N THR D 523 34.53 -12.43 7.85
CA THR D 523 35.34 -13.64 8.01
C THR D 523 35.81 -14.19 6.67
N ILE D 524 34.91 -14.21 5.68
CA ILE D 524 35.30 -14.72 4.37
C ILE D 524 36.37 -13.84 3.73
N LYS D 525 36.21 -12.51 3.83
CA LYS D 525 37.12 -11.59 3.16
C LYS D 525 38.51 -11.63 3.78
N HIS D 526 38.60 -11.80 5.10
CA HIS D 526 39.86 -11.78 5.83
C HIS D 526 40.01 -13.08 6.60
N PRO D 527 40.49 -14.14 5.95
CA PRO D 527 40.70 -15.45 6.59
C PRO D 527 41.85 -15.43 7.59
C1 NAG E . -29.06 11.06 22.45
C2 NAG E . -28.04 10.02 22.90
C3 NAG E . -28.06 9.88 24.42
C4 NAG E . -27.94 11.24 25.11
C5 NAG E . -28.96 12.20 24.50
C6 NAG E . -28.89 13.61 25.07
C7 NAG E . -27.51 8.10 21.42
C8 NAG E . -26.25 8.84 21.04
N2 NAG E . -28.30 8.73 22.30
O3 NAG E . -27.02 9.00 24.77
O4 NAG E . -28.22 11.06 26.48
O5 NAG E . -28.78 12.27 23.11
O6 NAG E . -27.67 14.20 24.71
O7 NAG E . -27.76 7.01 20.95
C1 NAG E . -27.01 10.89 27.24
C2 NAG E . -27.21 11.53 28.63
C3 NAG E . -26.08 11.16 29.58
C4 NAG E . -25.84 9.65 29.59
C5 NAG E . -25.58 9.22 28.15
C6 NAG E . -25.26 7.74 27.99
C7 NAG E . -28.39 13.69 28.74
C8 NAG E . -28.21 15.17 28.54
N2 NAG E . -27.29 12.95 28.50
O3 NAG E . -26.43 11.63 30.86
O4 NAG E . -24.74 9.41 30.43
O5 NAG E . -26.72 9.51 27.39
O6 NAG E . -26.42 6.98 28.27
O7 NAG E . -29.46 13.20 29.10
C1 NAG F . -14.74 32.40 -14.28
C2 NAG F . -13.88 32.39 -13.02
C3 NAG F . -13.32 33.78 -12.75
C4 NAG F . -12.65 34.38 -13.99
C5 NAG F . -13.59 34.25 -15.19
C6 NAG F . -13.01 34.75 -16.48
C7 NAG F . -14.40 30.81 -11.19
C8 NAG F . -13.27 29.95 -11.70
N2 NAG F . -14.63 31.94 -11.88
O3 NAG F . -12.46 33.67 -11.65
O4 NAG F . -12.40 35.75 -13.72
O5 NAG F . -13.97 32.90 -15.34
O6 NAG F . -11.92 33.94 -16.86
O7 NAG F . -15.05 30.47 -10.23
C1 NAG F . -11.05 35.95 -13.24
C2 NAG F . -10.55 37.30 -13.78
C3 NAG F . -9.25 37.72 -13.11
C4 NAG F . -9.36 37.61 -11.60
C5 NAG F . -9.79 36.18 -11.26
C6 NAG F . -9.88 35.90 -9.77
C7 NAG F . -11.10 37.91 -16.11
C8 NAG F . -10.70 37.67 -17.54
N2 NAG F . -10.37 37.23 -15.20
O3 NAG F . -8.95 39.03 -13.52
O4 NAG F . -8.10 37.93 -11.07
O5 NAG F . -11.05 35.95 -11.84
O6 NAG F . -10.97 36.62 -9.23
O7 NAG F . -12.02 38.66 -15.82
C1 NAG G . -11.75 -6.78 -35.87
C2 NAG G . -10.49 -5.97 -35.57
C3 NAG G . -9.58 -5.93 -36.80
C4 NAG G . -9.34 -7.32 -37.38
C5 NAG G . -10.68 -8.03 -37.55
C6 NAG G . -10.56 -9.46 -38.04
C7 NAG G . -10.57 -4.11 -33.95
C8 NAG G . -9.95 -5.03 -32.95
N2 NAG G . -10.80 -4.62 -35.16
O3 NAG G . -8.40 -5.28 -36.42
O4 NAG G . -8.71 -7.18 -38.63
O5 NAG G . -11.37 -8.05 -36.31
O6 NAG G . -9.91 -10.25 -37.07
O7 NAG G . -10.86 -2.95 -33.65
C1 NAG G . -7.28 -7.28 -38.52
C2 NAG G . -6.76 -7.96 -39.80
C3 NAG G . -5.23 -7.87 -39.89
C4 NAG G . -4.75 -6.44 -39.65
C5 NAG G . -5.31 -5.97 -38.31
C6 NAG G . -4.88 -4.58 -37.91
C7 NAG G . -8.02 -9.86 -40.72
C8 NAG G . -8.27 -11.34 -40.54
N2 NAG G . -7.16 -9.34 -39.83
O3 NAG G . -4.84 -8.35 -41.15
O4 NAG G . -3.35 -6.46 -39.67
O5 NAG G . -6.72 -5.99 -38.38
O6 NAG G . -5.48 -3.64 -38.77
O7 NAG G . -8.56 -9.22 -41.61
C1 NAG H . -26.09 -28.10 0.86
C2 NAG H . -24.67 -28.34 0.34
C3 NAG H . -24.33 -29.83 0.37
C4 NAG H . -24.64 -30.46 1.72
C5 NAG H . -26.06 -30.08 2.14
C6 NAG H . -26.46 -30.59 3.51
C7 NAG H . -23.70 -26.79 -1.33
C8 NAG H . -22.94 -26.14 -0.20
N2 NAG H . -24.49 -27.83 -0.99
O3 NAG H . -22.99 -29.94 0.00
O4 NAG H . -24.54 -31.85 1.58
O5 NAG H . -26.20 -28.67 2.14
O6 NAG H . -25.67 -29.97 4.49
O7 NAG H . -23.58 -26.39 -2.49
C1 NAG H . -23.24 -32.34 1.97
C2 NAG H . -23.42 -33.72 2.61
C3 NAG H . -22.07 -34.43 2.81
C4 NAG H . -21.25 -34.39 1.53
C5 NAG H . -21.11 -32.93 1.10
C6 NAG H . -20.27 -32.73 -0.14
C7 NAG H . -25.33 -34.07 4.13
C8 NAG H . -25.81 -33.83 5.54
N2 NAG H . -24.09 -33.61 3.87
O3 NAG H . -22.33 -35.74 3.24
O4 NAG H . -20.01 -34.97 1.82
O5 NAG H . -22.41 -32.43 0.84
O6 NAG H . -20.94 -33.25 -1.26
O7 NAG H . -26.02 -34.66 3.31
C1 PIO I . 12.08 -28.66 44.35
O1 PIO I . 10.70 -28.91 44.55
P1 PIO I . 10.02 -30.41 44.62
C2 PIO I . 12.58 -29.14 42.97
O2 PIO I . 12.45 -30.54 42.86
C3 PIO I . 14.06 -28.80 42.79
O3 PIO I . 14.51 -29.34 41.57
C4 PIO I . 14.91 -29.37 43.93
O4 PIO I . 16.28 -29.05 43.77
P4 PIO I . 16.80 -27.59 43.22
C5 PIO I . 14.41 -28.89 45.30
O5 PIO I . 15.17 -29.46 46.36
P5 PIO I . 15.64 -31.04 46.36
C6 PIO I . 12.92 -29.22 45.51
O6 PIO I . 12.49 -28.66 46.72
O11 PIO I . 9.28 -30.56 45.93
O12 PIO I . 11.06 -31.50 44.50
O13 PIO I . 8.94 -30.57 43.37
C1A PIO I . 10.52 -33.59 41.96
O1A PIO I . 10.69 -34.04 43.04
C1B PIO I . 7.26 -32.38 38.61
O1B PIO I . 7.47 -31.28 38.22
C1C PIO I . 8.11 -31.69 43.33
C2A PIO I . 11.09 -34.29 40.73
C2B PIO I . 6.36 -33.32 37.82
C2C PIO I . 8.44 -32.52 42.09
O2C PIO I . 9.81 -32.39 41.80
C3A PIO I . 11.23 -35.80 41.00
C3B PIO I . 5.53 -32.51 36.82
C3C PIO I . 7.63 -32.00 40.90
O3C PIO I . 7.86 -32.83 39.79
O41 PIO I . 18.22 -27.38 43.66
O42 PIO I . 16.75 -27.57 41.71
O43 PIO I . 15.94 -26.47 43.78
C4A PIO I . 9.85 -36.46 41.01
C4B PIO I . 6.10 -32.67 35.42
O51 PIO I . 16.93 -31.19 45.59
O52 PIO I . 14.57 -31.92 45.74
O53 PIO I . 15.85 -31.49 47.78
C5A PIO I . 9.00 -35.94 39.86
C5B PIO I . 6.01 -34.13 34.99
C6A PIO I . 8.33 -37.11 39.15
C6B PIO I . 6.68 -34.30 33.63
C7A PIO I . 7.97 -36.70 37.72
C7B PIO I . 6.69 -35.78 33.26
C8A PIO I . 6.94 -37.66 37.14
C8B PIO I . 5.33 -36.18 32.70
O1 FO4 J . -0.74 11.13 22.56
N FO4 J . -2.34 9.67 21.95
C1 FO4 J . -2.86 7.57 24.05
O5 FO4 J . -5.88 12.90 21.23
P FO4 J . -5.72 11.47 20.78
O3 FO4 J . -4.93 11.15 19.57
O4 FO4 J . -7.25 10.89 20.66
C42 FO4 J . -7.47 9.60 20.12
C43 FO4 J . -8.82 9.08 20.54
N1 FO4 J . -8.94 7.61 20.85
C46 FO4 J . -10.37 7.34 21.16
C45 FO4 J . -8.13 7.21 22.04
C44 FO4 J . -8.55 6.77 19.68
O2 FO4 J . -5.25 10.54 22.05
C41 FO4 J . -4.19 10.98 22.88
C16 FO4 J . -3.18 9.85 23.09
C FO4 J . -3.86 8.49 23.43
O FO4 J . -4.95 8.66 24.27
C2 FO4 J . -2.37 6.47 23.48
C3 FO4 J . -1.38 5.55 24.11
C4 FO4 J . -0.23 5.23 23.15
C5 FO4 J . 0.40 3.86 23.37
C6 FO4 J . 1.91 3.89 23.59
C7 FO4 J . 2.58 2.54 23.40
C8 FO4 J . 4.07 2.69 23.08
C9 FO4 J . 4.90 1.51 23.55
C10 FO4 J . 5.89 1.05 22.49
C11 FO4 J . 7.12 0.32 23.05
C12 FO4 J . 8.32 0.23 22.11
C13 FO4 J . 9.20 1.49 22.01
C14 FO4 J . 8.76 2.54 20.99
C15 FO4 J . 9.57 3.83 21.11
C17 FO4 J . -1.18 10.32 21.75
C18 FO4 J . -0.44 9.99 20.47
C19 FO4 J . 1.03 9.68 20.71
C20 FO4 J . 1.28 8.23 21.11
C21 FO4 J . 2.73 7.82 20.95
C22 FO4 J . 2.96 6.33 21.19
C23 FO4 J . 4.41 5.93 21.04
C24 FO4 J . 4.97 6.13 19.64
C25 FO4 J . 6.40 5.63 19.49
C26 FO4 J . 7.02 5.91 18.13
C27 FO4 J . 8.52 5.65 18.05
C28 FO4 J . 9.14 6.12 16.75
C29 FO4 J . 10.53 5.57 16.48
C30 FO4 J . 11.38 5.48 17.75
C31 FO4 J . 12.55 4.57 17.56
C32 FO4 J . 12.57 3.25 17.77
C33 FO4 J . 11.42 2.40 18.21
C34 FO4 J . 11.80 1.46 19.35
C35 FO4 J . 12.73 0.31 18.98
C36 FO4 J . 13.28 -0.47 20.17
C37 FO4 J . 12.48 -1.74 20.43
C38 FO4 J . 12.84 -2.46 21.73
C39 FO4 J . 11.89 -3.59 22.10
C40 FO4 J . 10.44 -3.14 22.18
O1 FO4 K . 10.63 21.02 -8.82
N FO4 K . 8.64 21.09 -7.77
C1 FO4 K . 8.55 23.21 -5.61
O5 FO4 K . 5.90 21.92 -11.68
P FO4 K . 5.54 21.42 -10.30
O3 FO4 K . 5.71 19.98 -9.95
O4 FO4 K . 4.02 21.92 -10.04
C42 FO4 K . 3.33 21.51 -8.87
C43 FO4 K . 2.18 22.43 -8.59
N1 FO4 K . 1.87 22.75 -7.14
C46 FO4 K . 0.65 23.61 -7.14
C45 FO4 K . 2.97 23.50 -6.49
C44 FO4 K . 1.57 21.51 -6.36
O2 FO4 K . 6.27 22.39 -9.18
C41 FO4 K . 7.65 22.71 -9.31
C16 FO4 K . 8.38 22.50 -8.00
C FO4 K . 7.61 23.06 -6.77
O FO4 K . 7.00 24.27 -7.07
C2 FO4 K . 8.52 22.48 -4.51
C3 FO4 K . 9.46 22.64 -3.35
C4 FO4 K . 10.04 21.30 -2.91
C5 FO4 K . 10.39 21.24 -1.43
C6 FO4 K . 11.84 20.83 -1.15
C7 FO4 K . 12.07 20.37 0.28
C8 FO4 K . 13.30 19.47 0.39
C9 FO4 K . 13.97 19.56 1.76
C10 FO4 K . 14.34 18.18 2.31
C11 FO4 K . 15.50 18.18 3.29
C12 FO4 K . 16.18 16.83 3.52
C13 FO4 K . 17.21 16.41 2.46
C14 FO4 K . 16.64 15.66 1.25
C15 FO4 K . 17.69 15.45 0.16
C17 FO4 K . 9.74 20.46 -8.19
C18 FO4 K . 9.82 18.98 -7.85
C19 FO4 K . 11.17 18.60 -7.24
C20 FO4 K . 11.23 18.85 -5.74
C21 FO4 K . 12.37 18.12 -5.07
C22 FO4 K . 12.35 18.23 -3.55
C23 FO4 K . 13.51 17.50 -2.89
C24 FO4 K . 13.50 16.00 -3.12
C25 FO4 K . 14.61 15.28 -2.37
C26 FO4 K . 14.69 13.78 -2.66
C27 FO4 K . 15.94 13.11 -2.11
C28 FO4 K . 16.08 11.66 -2.58
C29 FO4 K . 17.11 10.85 -1.80
C30 FO4 K . 18.34 11.65 -1.41
C31 FO4 K . 19.12 11.01 -0.31
C32 FO4 K . 18.93 11.18 0.99
C33 FO4 K . 17.89 12.04 1.64
C34 FO4 K . 18.47 12.92 2.75
C35 FO4 K . 18.91 12.19 4.01
C36 FO4 K . 19.70 13.04 5.00
C37 FO4 K . 18.81 13.61 6.10
C38 FO4 K . 19.50 14.63 7.00
C39 FO4 K . 18.54 15.34 7.95
C40 FO4 K . 17.37 16.01 7.23
C1 PIO L . 22.01 35.38 34.61
O1 PIO L . 20.80 36.12 34.60
P1 PIO L . 19.89 36.44 35.95
C2 PIO L . 21.81 33.92 35.04
O2 PIO L . 21.35 33.84 36.37
C3 PIO L . 23.14 33.15 34.99
O3 PIO L . 22.93 31.85 35.48
C4 PIO L . 24.22 33.84 35.81
O4 PIO L . 25.45 33.15 35.75
P4 PIO L . 26.01 32.45 34.37
C5 PIO L . 24.42 35.31 35.38
O5 PIO L . 25.39 35.96 36.18
P5 PIO L . 25.46 35.75 37.82
C6 PIO L . 23.10 36.09 35.43
O6 PIO L . 23.31 37.39 34.91
O11 PIO L . 19.71 37.93 36.08
O12 PIO L . 20.54 35.90 37.20
O13 PIO L . 18.41 35.74 35.76
C1A PIO L . 18.61 33.78 38.88
O1A PIO L . 19.08 34.69 39.47
C1B PIO L . 14.64 32.04 36.75
O1B PIO L . 14.92 31.62 35.69
C1C PIO L . 17.40 36.03 36.70
C2A PIO L . 18.47 32.41 39.57
C2B PIO L . 13.32 31.67 37.41
C2C PIO L . 17.04 34.75 37.45
O2C PIO L . 18.17 33.93 37.57
C3A PIO L . 18.39 32.59 41.08
C3B PIO L . 12.36 31.11 36.35
C3C PIO L . 15.95 33.99 36.67
O3C PIO L . 15.54 32.88 37.41
O41 PIO L . 27.51 32.27 34.48
O42 PIO L . 25.37 31.09 34.19
O43 PIO L . 25.71 33.31 33.17
C4A PIO L . 17.01 33.15 41.47
C4B PIO L . 12.28 29.59 36.49
O51 PIO L . 26.28 34.53 38.14
O52 PIO L . 24.07 35.60 38.42
O53 PIO L . 26.12 36.96 38.43
C5A PIO L . 15.91 32.44 40.69
C5B PIO L . 11.71 29.23 37.86
C6A PIO L . 14.78 32.06 41.63
C6B PIO L . 11.74 27.72 38.03
C7A PIO L . 13.99 30.90 41.01
C7B PIO L . 11.29 27.35 39.45
C8A PIO L . 12.63 30.78 41.69
C8B PIO L . 9.76 27.38 39.51
O1 FO4 M . 10.58 -12.16 -19.31
N FO4 M . 9.24 -10.39 -19.67
C1 FO4 M . 10.47 -8.36 -21.53
O5 FO4 M . 5.43 -12.86 -21.37
P FO4 M . 5.55 -11.45 -20.83
O3 FO4 M . 5.53 -11.21 -19.36
O4 FO4 M . 4.40 -10.59 -21.59
C42 FO4 M . 4.14 -9.25 -21.21
C43 FO4 M . 3.43 -8.50 -22.31
N1 FO4 M . 3.79 -7.06 -22.54
C46 FO4 M . 2.90 -6.56 -23.61
C45 FO4 M . 5.20 -6.90 -22.99
C44 FO4 M . 3.57 -6.25 -21.31
O2 FO4 M . 6.84 -10.72 -21.52
C41 FO4 M . 8.09 -11.39 -21.58
C16 FO4 M . 9.21 -10.49 -21.10
C FO4 M . 9.13 -9.04 -21.69
O FO4 M . 8.74 -9.05 -23.02
C2 FO4 M . 10.71 -7.35 -20.73
C3 FO4 M . 12.05 -6.68 -20.59
C4 FO4 M . 12.44 -6.51 -19.12
C5 FO4 M . 13.33 -5.31 -18.85
C6 FO4 M . 14.64 -5.64 -18.14
C7 FO4 M . 15.31 -4.43 -17.51
C8 FO4 M . 16.25 -4.83 -16.38
C9 FO4 M . 17.42 -3.85 -16.20
C10 FO4 M . 17.66 -3.52 -14.74
C11 FO4 M . 19.09 -3.08 -14.41
C12 FO4 M . 19.50 -3.16 -12.94
C13 FO4 M . 19.89 -4.55 -12.43
C14 FO4 M . 18.75 -5.44 -11.93
C15 FO4 M . 19.22 -6.85 -11.63
C17 FO4 M . 9.91 -11.24 -18.87
C18 FO4 M . 9.80 -10.97 -17.38
C19 FO4 M . 11.16 -10.96 -16.69
C20 FO4 M . 11.86 -9.62 -16.78
C21 FO4 M . 12.99 -9.46 -15.77
C22 FO4 M . 13.60 -8.07 -15.74
C23 FO4 M . 14.73 -7.94 -14.73
C24 FO4 M . 14.30 -8.16 -13.29
C25 FO4 M . 15.43 -7.93 -12.30
C26 FO4 M . 15.07 -8.24 -10.85
C27 FO4 M . 16.26 -8.25 -9.90
C28 FO4 M . 15.87 -8.75 -8.51
C29 FO4 M . 16.92 -8.45 -7.44
C30 FO4 M . 18.35 -8.61 -7.95
C31 FO4 M . 19.35 -7.92 -7.06
C32 FO4 M . 19.73 -6.64 -7.14
C33 FO4 M . 19.24 -5.62 -8.12
C34 FO4 M . 20.39 -4.84 -8.76
C35 FO4 M . 21.11 -3.87 -7.83
C36 FO4 M . 22.39 -3.28 -8.42
C37 FO4 M . 22.15 -1.90 -9.04
C38 FO4 M . 23.33 -1.34 -9.81
C39 FO4 M . 23.01 -0.08 -10.60
C40 FO4 M . 21.84 -0.26 -11.56
C1 PIO N . 40.97 23.08 -26.92
O1 PIO N . 40.04 23.57 -27.87
P1 PIO N . 39.82 25.17 -28.24
C2 PIO N . 40.64 23.55 -25.49
O2 PIO N . 40.73 24.94 -25.38
C3 PIO N . 41.63 22.94 -24.48
O3 PIO N . 41.37 23.47 -23.20
C4 PIO N . 43.08 23.27 -24.88
O4 PIO N . 44.01 22.71 -23.97
P4 PIO N . 43.80 21.21 -23.30
C5 PIO N . 43.40 22.82 -26.31
O5 PIO N . 44.72 23.15 -26.67
P5 PIO N . 45.39 24.63 -26.30
C6 PIO N . 42.41 23.40 -27.32
O6 PIO N . 42.67 22.85 -28.59
O11 PIO N . 40.04 25.38 -29.72
O12 PIO N . 40.78 26.05 -27.47
O13 PIO N . 38.28 25.60 -27.86
C1A PIO N . 39.25 28.35 -25.60
O1A PIO N . 40.11 28.70 -26.34
C1B PIO N . 34.50 28.00 -24.88
O1B PIO N . 34.23 26.91 -24.52
C1C PIO N . 37.81 26.86 -28.24
C2A PIO N . 39.11 29.01 -24.23
C2B PIO N . 33.49 29.13 -24.72
C2C PIO N . 37.49 27.69 -26.99
O2C PIO N . 38.38 27.32 -25.97
C3A PIO N . 39.66 30.44 -24.27
C3B PIO N . 32.10 28.54 -24.45
C3C PIO N . 36.06 27.41 -26.54
O3C PIO N . 35.75 28.24 -25.46
O41 PIO N . 45.15 20.71 -22.83
O42 PIO N . 42.88 21.29 -22.11
O43 PIO N . 43.25 20.25 -24.32
C4A PIO N . 38.71 31.35 -25.06
C4B PIO N . 31.76 28.68 -22.97
O51 PIO N . 45.98 24.58 -24.91
O52 PIO N . 44.35 25.73 -26.37
O53 PIO N . 46.48 24.93 -27.30
C5A PIO N . 37.26 31.08 -24.66
C5B PIO N . 31.70 30.16 -22.60
C6A PIO N . 36.53 32.40 -24.40
C6B PIO N . 31.47 30.30 -21.10
C7A PIO N . 35.34 32.14 -23.48
C7B PIO N . 31.54 31.77 -20.69
C8A PIO N . 34.37 33.31 -23.56
C8B PIO N . 30.21 32.45 -21.02
O1 FO4 O . -0.75 -22.06 12.07
N FO4 O . -1.71 -21.83 10.04
C1 FO4 O . -0.92 -24.01 8.12
O5 FO4 O . -6.32 -21.87 11.54
P FO4 O . -5.70 -21.40 10.25
O3 FO4 O . -5.09 -20.05 10.15
O4 FO4 O . -6.84 -21.63 9.11
C42 FO4 O . -6.62 -21.16 7.79
C43 FO4 O . -7.54 -21.86 6.81
N1 FO4 O . -6.99 -22.21 5.46
C46 FO4 O . -8.10 -22.82 4.69
C45 FO4 O . -5.87 -23.20 5.52
C44 FO4 O . -6.53 -20.99 4.73
O2 FO4 O . -4.66 -22.55 9.71
C41 FO4 O . -3.71 -23.13 10.60
C16 FO4 O . -2.32 -23.13 9.98
C FO4 O . -2.31 -23.62 8.51
O FO4 O . -3.20 -24.67 8.31
C2 FO4 O . -0.15 -23.36 7.25
C3 FO4 O . 1.24 -23.77 6.86
C4 FO4 O . 2.21 -22.58 6.93
C5 FO4 O . 3.37 -22.68 5.95
C6 FO4 O . 4.74 -22.58 6.60
C7 FO4 O . 5.85 -22.25 5.61
C8 FO4 O . 7.05 -21.61 6.30
C9 FO4 O . 8.37 -21.90 5.59
C10 FO4 O . 9.24 -20.66 5.45
C11 FO4 O . 10.73 -20.94 5.33
C12 FO4 O . 11.66 -19.76 5.63
C13 FO4 O . 11.91 -19.46 7.10
C14 FO4 O . 10.90 -18.55 7.80
C15 FO4 O . 11.13 -18.48 9.30
C17 FO4 O . -0.98 -21.38 11.07
C18 FO4 O . -0.43 -19.97 10.94
C19 FO4 O . 1.05 -19.88 11.25
C20 FO4 O . 1.94 -20.25 10.06
C21 FO4 O . 3.37 -19.77 10.24
C22 FO4 O . 4.22 -19.97 9.00
C23 FO4 O . 5.66 -19.52 9.18
C24 FO4 O . 5.80 -18.02 9.46
C25 FO4 O . 7.25 -17.57 9.55
C26 FO4 O . 7.43 -16.10 9.92
C27 FO4 O . 8.86 -15.72 10.25
C28 FO4 O . 8.96 -14.30 10.81
C29 FO4 O . 10.38 -13.74 10.83
C30 FO4 O . 11.43 -14.79 11.20
C31 FO4 O . 12.81 -14.36 10.81
C32 FO4 O . 13.39 -14.58 9.63
C33 FO4 O . 12.79 -15.26 8.44
C34 FO4 O . 13.74 -16.31 7.84
C35 FO4 O . 14.96 -15.75 7.12
C36 FO4 O . 16.00 -16.80 6.74
C37 FO4 O . 15.84 -17.25 5.29
C38 FO4 O . 16.71 -18.43 4.90
C39 FO4 O . 16.39 -19.01 3.53
C40 FO4 O . 14.93 -19.41 3.38
C1 PIO P . 31.01 -40.95 -17.16
O1 PIO P . 29.91 -41.45 -17.92
P1 PIO P . 29.93 -41.68 -19.55
C2 PIO P . 31.39 -39.51 -17.53
O2 PIO P . 31.81 -39.43 -18.87
C3 PIO P . 32.54 -39.00 -16.66
O3 PIO P . 32.92 -37.72 -17.10
C4 PIO P . 33.75 -39.94 -16.73
O4 PIO P . 34.81 -39.49 -15.92
P4 PIO P . 34.56 -38.81 -14.43
C5 PIO P . 33.38 -41.38 -16.37
O5 PIO P . 34.48 -42.25 -16.47
P5 PIO P . 35.55 -42.16 -17.74
C6 PIO P . 32.22 -41.90 -17.23
O6 PIO P . 31.83 -43.18 -16.76
O11 PIO P . 29.59 -43.12 -19.85
O12 PIO P . 31.28 -41.35 -20.14
O13 PIO P . 28.80 -40.70 -20.23
C1A PIO P . 31.15 -39.00 -22.51
O1A PIO P . 31.69 -40.03 -22.76
C1B PIO P . 27.10 -36.43 -23.02
O1B PIO P . 26.77 -35.99 -21.97
C1C PIO P . 28.50 -40.85 -21.59
C2A PIO P . 31.71 -37.69 -23.05
C2B PIO P . 26.52 -35.86 -24.31
C2C PIO P . 28.89 -39.57 -22.34
O2C PIO P . 30.00 -39.00 -21.71
C3A PIO P . 32.49 -37.94 -24.34
C3B PIO P . 25.25 -35.07 -23.98
C3C PIO P . 27.72 -38.58 -22.30
O3C PIO P . 28.05 -37.46 -23.07
O41 PIO P . 35.84 -38.93 -13.63
O42 PIO P . 34.22 -37.35 -14.57
O43 PIO P . 33.46 -39.54 -13.70
C4A PIO P . 31.53 -38.26 -25.49
C4B PIO P . 25.56 -33.57 -24.04
O51 PIO P . 36.61 -41.14 -17.45
O52 PIO P . 34.83 -41.79 -19.03
O53 PIO P . 36.19 -43.52 -17.93
C5A PIO P . 30.33 -37.31 -25.46
C5B PIO P . 25.98 -33.19 -25.46
C6A PIO P . 30.07 -36.76 -26.87
C6B PIO P . 26.39 -31.72 -25.49
C7A PIO P . 29.31 -35.45 -26.76
C7B PIO P . 26.92 -31.36 -26.86
C8A PIO P . 28.67 -35.11 -28.10
C8B PIO P . 25.76 -31.11 -27.82
#